data_8VIR
# 
_entry.id   8VIR 
# 
_audit_conform.dict_name       mmcif_pdbx.dic 
_audit_conform.dict_version    5.399 
_audit_conform.dict_location   http://mmcif.pdb.org/dictionaries/ascii/mmcif_pdbx.dic 
# 
loop_
_database_2.database_id 
_database_2.database_code 
_database_2.pdbx_database_accession 
_database_2.pdbx_DOI 
PDB   8VIR         pdb_00008vir 10.2210/pdb8vir/pdb 
WWPDB D_1000280330 ?            ?                   
# 
loop_
_pdbx_audit_revision_history.ordinal 
_pdbx_audit_revision_history.data_content_type 
_pdbx_audit_revision_history.major_revision 
_pdbx_audit_revision_history.minor_revision 
_pdbx_audit_revision_history.revision_date 
1 'Structure model' 1 0 2024-11-06 
2 'Structure model' 1 1 2024-11-13 
3 'Structure model' 1 2 2024-12-04 
# 
_pdbx_audit_revision_details.ordinal             1 
_pdbx_audit_revision_details.revision_ordinal    1 
_pdbx_audit_revision_details.data_content_type   'Structure model' 
_pdbx_audit_revision_details.provider            repository 
_pdbx_audit_revision_details.type                'Initial release' 
_pdbx_audit_revision_details.description         ? 
_pdbx_audit_revision_details.details             ? 
# 
loop_
_pdbx_audit_revision_group.ordinal 
_pdbx_audit_revision_group.revision_ordinal 
_pdbx_audit_revision_group.data_content_type 
_pdbx_audit_revision_group.group 
1 2 'Structure model' 'Database references' 
2 3 'Structure model' 'Database references' 
# 
loop_
_pdbx_audit_revision_category.ordinal 
_pdbx_audit_revision_category.revision_ordinal 
_pdbx_audit_revision_category.data_content_type 
_pdbx_audit_revision_category.category 
1 2 'Structure model' citation 
2 3 'Structure model' citation 
# 
loop_
_pdbx_audit_revision_item.ordinal 
_pdbx_audit_revision_item.revision_ordinal 
_pdbx_audit_revision_item.data_content_type 
_pdbx_audit_revision_item.item 
1 2 'Structure model' '_citation.page_first'              
2 2 'Structure model' '_citation.page_last'               
3 2 'Structure model' '_citation.pdbx_database_id_PubMed' 
4 2 'Structure model' '_citation.title'                   
5 3 'Structure model' '_citation.journal_volume'          
# 
_pdbx_database_status.status_code                     REL 
_pdbx_database_status.status_code_sf                  REL 
_pdbx_database_status.status_code_mr                  ? 
_pdbx_database_status.entry_id                        8VIR 
_pdbx_database_status.recvd_initial_deposition_date   2024-01-05 
_pdbx_database_status.SG_entry                        N 
_pdbx_database_status.deposit_site                    RCSB 
_pdbx_database_status.process_site                    RCSB 
_pdbx_database_status.status_code_cs                  ? 
_pdbx_database_status.status_code_nmr_data            ? 
_pdbx_database_status.methods_development_category    ? 
_pdbx_database_status.pdb_format_compatible           Y 
# 
loop_
_pdbx_contact_author.id 
_pdbx_contact_author.email 
_pdbx_contact_author.name_first 
_pdbx_contact_author.name_last 
_pdbx_contact_author.name_mi 
_pdbx_contact_author.role 
_pdbx_contact_author.identifier_ORCID 
2 swlovell@ku.edu Scott   Lovell ? 'principal investigator/group leader' 0000-0002-3215-4472 
3 jbose@kumc.edu  Jeffrey Bose   ? 'principal investigator/group leader' 0000-0003-3394-9557 
# 
loop_
_audit_author.name 
_audit_author.pdbx_ordinal 
_audit_author.identifier_ORCID 
'Lovell, S.'       1 0000-0002-3215-4472 
'Kashipathy, M.M.' 2 0000-0003-0435-989X 
'Battaile, K.P.'   3 0000-0003-0833-3259 
'Bose, J.L.'       4 0000-0003-0514-281X 
# 
_citation.abstract                  ? 
_citation.abstract_id_CAS           ? 
_citation.book_id_ISBN              ? 
_citation.book_publisher            ? 
_citation.book_publisher_city       ? 
_citation.book_title                ? 
_citation.coordinate_linkage        ? 
_citation.country                   US 
_citation.database_id_Medline       ? 
_citation.details                   ? 
_citation.id                        primary 
_citation.journal_abbrev            J.Biol.Chem. 
_citation.journal_id_ASTM           JBCHA3 
_citation.journal_id_CSD            0071 
_citation.journal_id_ISSN           1083-351X 
_citation.journal_full              ? 
_citation.journal_issue             ? 
_citation.journal_volume            300 
_citation.language                  ? 
_citation.page_first                107920 
_citation.page_last                 107920 
_citation.title                     
'Molecular insights into the structure and function of the Staphylococcus aureus fatty acid kinase.' 
_citation.year                      2024 
_citation.database_id_CSD           ? 
_citation.pdbx_database_id_DOI      10.1016/j.jbc.2024.107920 
_citation.pdbx_database_id_PubMed   39454961 
_citation.pdbx_database_id_patent   ? 
_citation.unpublished_flag          ? 
# 
loop_
_citation_author.citation_id 
_citation_author.name 
_citation_author.ordinal 
_citation_author.identifier_ORCID 
primary 'Myers, M.J.'       1  ? 
primary 'Xu, Z.'            2  ? 
primary 'Ryan, B.J.'        3  ? 
primary 'DeMars, Z.R.'      4  ? 
primary 'Ridder, M.J.'      5  ? 
primary 'Johnson, D.K.'     6  ? 
primary 'Krute, C.N.'       7  ? 
primary 'Flynn, T.S.'       8  ? 
primary 'Kashipathy, M.M.'  9  ? 
primary 'Battaile, K.P.'    10 ? 
primary 'Schnicker, N.'     11 ? 
primary 'Lovell, S.'        12 ? 
primary 'Freudenthal, B.D.' 13 ? 
primary 'Bose, J.L.'        14 ? 
# 
loop_
_entity.id 
_entity.type 
_entity.src_method 
_entity.pdbx_description 
_entity.formula_weight 
_entity.pdbx_number_of_molecules 
_entity.pdbx_ec 
_entity.pdbx_mutation 
_entity.pdbx_fragment 
_entity.details 
1 polymer man 'FATTY ACID KINASE A' 24816.246 1  ? ? 'N-terminal domain (M1-A212)' ? 
2 water   nat water                 18.015    85 ? ? ?                             ? 
# 
_entity_poly.entity_id                      1 
_entity_poly.type                           'polypeptide(L)' 
_entity_poly.nstd_linkage                   no 
_entity_poly.nstd_monomer                   no 
_entity_poly.pdbx_seq_one_letter_code       
;MGSSHHHHHHSSGLVPRGSHMISKINGKLFADMIIQGAQNLSNNADLVDSLNVYPVPDGDTGTNMNLTMTSGREEVENNL
SKNIGELGKTFSKGLLMGARGNSGVILSQLFRGFCKNIESESEINSKLLAESFQAGVETAYKAVMKPVEGTILTVAKDAA
QAAIEKANNTEDCIELMEYIIVKANESLENTPNLLAVLKEVGVVDSGGKGLLCVYEGFLKALKGEKVEAKVA
;
_entity_poly.pdbx_seq_one_letter_code_can   
;MGSSHHHHHHSSGLVPRGSHMISKINGKLFADMIIQGAQNLSNNADLVDSLNVYPVPDGDTGTNMNLTMTSGREEVENNL
SKNIGELGKTFSKGLLMGARGNSGVILSQLFRGFCKNIESESEINSKLLAESFQAGVETAYKAVMKPVEGTILTVAKDAA
QAAIEKANNTEDCIELMEYIIVKANESLENTPNLLAVLKEVGVVDSGGKGLLCVYEGFLKALKGEKVEAKVA
;
_entity_poly.pdbx_strand_id                 A 
_entity_poly.pdbx_target_identifier         ? 
# 
_pdbx_entity_nonpoly.entity_id   2 
_pdbx_entity_nonpoly.name        water 
_pdbx_entity_nonpoly.comp_id     HOH 
# 
loop_
_entity_poly_seq.entity_id 
_entity_poly_seq.num 
_entity_poly_seq.mon_id 
_entity_poly_seq.hetero 
1 1   MET n 
1 2   GLY n 
1 3   SER n 
1 4   SER n 
1 5   HIS n 
1 6   HIS n 
1 7   HIS n 
1 8   HIS n 
1 9   HIS n 
1 10  HIS n 
1 11  SER n 
1 12  SER n 
1 13  GLY n 
1 14  LEU n 
1 15  VAL n 
1 16  PRO n 
1 17  ARG n 
1 18  GLY n 
1 19  SER n 
1 20  HIS n 
1 21  MET n 
1 22  ILE n 
1 23  SER n 
1 24  LYS n 
1 25  ILE n 
1 26  ASN n 
1 27  GLY n 
1 28  LYS n 
1 29  LEU n 
1 30  PHE n 
1 31  ALA n 
1 32  ASP n 
1 33  MET n 
1 34  ILE n 
1 35  ILE n 
1 36  GLN n 
1 37  GLY n 
1 38  ALA n 
1 39  GLN n 
1 40  ASN n 
1 41  LEU n 
1 42  SER n 
1 43  ASN n 
1 44  ASN n 
1 45  ALA n 
1 46  ASP n 
1 47  LEU n 
1 48  VAL n 
1 49  ASP n 
1 50  SER n 
1 51  LEU n 
1 52  ASN n 
1 53  VAL n 
1 54  TYR n 
1 55  PRO n 
1 56  VAL n 
1 57  PRO n 
1 58  ASP n 
1 59  GLY n 
1 60  ASP n 
1 61  THR n 
1 62  GLY n 
1 63  THR n 
1 64  ASN n 
1 65  MET n 
1 66  ASN n 
1 67  LEU n 
1 68  THR n 
1 69  MET n 
1 70  THR n 
1 71  SER n 
1 72  GLY n 
1 73  ARG n 
1 74  GLU n 
1 75  GLU n 
1 76  VAL n 
1 77  GLU n 
1 78  ASN n 
1 79  ASN n 
1 80  LEU n 
1 81  SER n 
1 82  LYS n 
1 83  ASN n 
1 84  ILE n 
1 85  GLY n 
1 86  GLU n 
1 87  LEU n 
1 88  GLY n 
1 89  LYS n 
1 90  THR n 
1 91  PHE n 
1 92  SER n 
1 93  LYS n 
1 94  GLY n 
1 95  LEU n 
1 96  LEU n 
1 97  MET n 
1 98  GLY n 
1 99  ALA n 
1 100 ARG n 
1 101 GLY n 
1 102 ASN n 
1 103 SER n 
1 104 GLY n 
1 105 VAL n 
1 106 ILE n 
1 107 LEU n 
1 108 SER n 
1 109 GLN n 
1 110 LEU n 
1 111 PHE n 
1 112 ARG n 
1 113 GLY n 
1 114 PHE n 
1 115 CYS n 
1 116 LYS n 
1 117 ASN n 
1 118 ILE n 
1 119 GLU n 
1 120 SER n 
1 121 GLU n 
1 122 SER n 
1 123 GLU n 
1 124 ILE n 
1 125 ASN n 
1 126 SER n 
1 127 LYS n 
1 128 LEU n 
1 129 LEU n 
1 130 ALA n 
1 131 GLU n 
1 132 SER n 
1 133 PHE n 
1 134 GLN n 
1 135 ALA n 
1 136 GLY n 
1 137 VAL n 
1 138 GLU n 
1 139 THR n 
1 140 ALA n 
1 141 TYR n 
1 142 LYS n 
1 143 ALA n 
1 144 VAL n 
1 145 MET n 
1 146 LYS n 
1 147 PRO n 
1 148 VAL n 
1 149 GLU n 
1 150 GLY n 
1 151 THR n 
1 152 ILE n 
1 153 LEU n 
1 154 THR n 
1 155 VAL n 
1 156 ALA n 
1 157 LYS n 
1 158 ASP n 
1 159 ALA n 
1 160 ALA n 
1 161 GLN n 
1 162 ALA n 
1 163 ALA n 
1 164 ILE n 
1 165 GLU n 
1 166 LYS n 
1 167 ALA n 
1 168 ASN n 
1 169 ASN n 
1 170 THR n 
1 171 GLU n 
1 172 ASP n 
1 173 CYS n 
1 174 ILE n 
1 175 GLU n 
1 176 LEU n 
1 177 MET n 
1 178 GLU n 
1 179 TYR n 
1 180 ILE n 
1 181 ILE n 
1 182 VAL n 
1 183 LYS n 
1 184 ALA n 
1 185 ASN n 
1 186 GLU n 
1 187 SER n 
1 188 LEU n 
1 189 GLU n 
1 190 ASN n 
1 191 THR n 
1 192 PRO n 
1 193 ASN n 
1 194 LEU n 
1 195 LEU n 
1 196 ALA n 
1 197 VAL n 
1 198 LEU n 
1 199 LYS n 
1 200 GLU n 
1 201 VAL n 
1 202 GLY n 
1 203 VAL n 
1 204 VAL n 
1 205 ASP n 
1 206 SER n 
1 207 GLY n 
1 208 GLY n 
1 209 LYS n 
1 210 GLY n 
1 211 LEU n 
1 212 LEU n 
1 213 CYS n 
1 214 VAL n 
1 215 TYR n 
1 216 GLU n 
1 217 GLY n 
1 218 PHE n 
1 219 LEU n 
1 220 LYS n 
1 221 ALA n 
1 222 LEU n 
1 223 LYS n 
1 224 GLY n 
1 225 GLU n 
1 226 LYS n 
1 227 VAL n 
1 228 GLU n 
1 229 ALA n 
1 230 LYS n 
1 231 VAL n 
1 232 ALA n 
# 
_entity_src_gen.entity_id                          1 
_entity_src_gen.pdbx_src_id                        1 
_entity_src_gen.pdbx_alt_source_flag               sample 
_entity_src_gen.pdbx_seq_type                      'Biological sequence' 
_entity_src_gen.pdbx_beg_seq_num                   1 
_entity_src_gen.pdbx_end_seq_num                   232 
_entity_src_gen.gene_src_common_name               ? 
_entity_src_gen.gene_src_genus                     ? 
_entity_src_gen.pdbx_gene_src_gene                 SAOUHSC_01193 
_entity_src_gen.gene_src_species                   ? 
_entity_src_gen.gene_src_strain                    ? 
_entity_src_gen.gene_src_tissue                    ? 
_entity_src_gen.gene_src_tissue_fraction           ? 
_entity_src_gen.gene_src_details                   ? 
_entity_src_gen.pdbx_gene_src_fragment             ? 
_entity_src_gen.pdbx_gene_src_scientific_name      'Staphylococcus aureus subsp. aureus NCTC 8325' 
_entity_src_gen.pdbx_gene_src_ncbi_taxonomy_id     93061 
_entity_src_gen.pdbx_gene_src_variant              ? 
_entity_src_gen.pdbx_gene_src_cell_line            ? 
_entity_src_gen.pdbx_gene_src_atcc                 ? 
_entity_src_gen.pdbx_gene_src_organ                ? 
_entity_src_gen.pdbx_gene_src_organelle            ? 
_entity_src_gen.pdbx_gene_src_cell                 ? 
_entity_src_gen.pdbx_gene_src_cellular_location    ? 
_entity_src_gen.host_org_common_name               ? 
_entity_src_gen.pdbx_host_org_scientific_name      'Escherichia coli BL21(DE3)' 
_entity_src_gen.pdbx_host_org_ncbi_taxonomy_id     469008 
_entity_src_gen.host_org_genus                     ? 
_entity_src_gen.pdbx_host_org_gene                 ? 
_entity_src_gen.pdbx_host_org_organ                ? 
_entity_src_gen.host_org_species                   ? 
_entity_src_gen.pdbx_host_org_tissue               ? 
_entity_src_gen.pdbx_host_org_tissue_fraction      ? 
_entity_src_gen.pdbx_host_org_strain               'BL21(DE3)' 
_entity_src_gen.pdbx_host_org_variant              ? 
_entity_src_gen.pdbx_host_org_cell_line            ? 
_entity_src_gen.pdbx_host_org_atcc                 ? 
_entity_src_gen.pdbx_host_org_culture_collection   ? 
_entity_src_gen.pdbx_host_org_cell                 ? 
_entity_src_gen.pdbx_host_org_organelle            ? 
_entity_src_gen.pdbx_host_org_cellular_location    ? 
_entity_src_gen.pdbx_host_org_vector_type          plasmid 
_entity_src_gen.pdbx_host_org_vector               ? 
_entity_src_gen.host_org_details                   ? 
_entity_src_gen.expression_system_id               ? 
_entity_src_gen.plasmid_name                       pET28a 
_entity_src_gen.plasmid_details                    ? 
_entity_src_gen.pdbx_description                   ? 
# 
loop_
_chem_comp.id 
_chem_comp.type 
_chem_comp.mon_nstd_flag 
_chem_comp.name 
_chem_comp.pdbx_synonyms 
_chem_comp.formula 
_chem_comp.formula_weight 
ALA 'L-peptide linking' y ALANINE         ? 'C3 H7 N O2'     89.093  
ARG 'L-peptide linking' y ARGININE        ? 'C6 H15 N4 O2 1' 175.209 
ASN 'L-peptide linking' y ASPARAGINE      ? 'C4 H8 N2 O3'    132.118 
ASP 'L-peptide linking' y 'ASPARTIC ACID' ? 'C4 H7 N O4'     133.103 
CYS 'L-peptide linking' y CYSTEINE        ? 'C3 H7 N O2 S'   121.158 
GLN 'L-peptide linking' y GLUTAMINE       ? 'C5 H10 N2 O3'   146.144 
GLU 'L-peptide linking' y 'GLUTAMIC ACID' ? 'C5 H9 N O4'     147.129 
GLY 'peptide linking'   y GLYCINE         ? 'C2 H5 N O2'     75.067  
HIS 'L-peptide linking' y HISTIDINE       ? 'C6 H10 N3 O2 1' 156.162 
HOH non-polymer         . WATER           ? 'H2 O'           18.015  
ILE 'L-peptide linking' y ISOLEUCINE      ? 'C6 H13 N O2'    131.173 
LEU 'L-peptide linking' y LEUCINE         ? 'C6 H13 N O2'    131.173 
LYS 'L-peptide linking' y LYSINE          ? 'C6 H15 N2 O2 1' 147.195 
MET 'L-peptide linking' y METHIONINE      ? 'C5 H11 N O2 S'  149.211 
PHE 'L-peptide linking' y PHENYLALANINE   ? 'C9 H11 N O2'    165.189 
PRO 'L-peptide linking' y PROLINE         ? 'C5 H9 N O2'     115.130 
SER 'L-peptide linking' y SERINE          ? 'C3 H7 N O3'     105.093 
THR 'L-peptide linking' y THREONINE       ? 'C4 H9 N O3'     119.119 
TYR 'L-peptide linking' y TYROSINE        ? 'C9 H11 N O3'    181.189 
VAL 'L-peptide linking' y VALINE          ? 'C5 H11 N O2'    117.146 
# 
loop_
_pdbx_poly_seq_scheme.asym_id 
_pdbx_poly_seq_scheme.entity_id 
_pdbx_poly_seq_scheme.seq_id 
_pdbx_poly_seq_scheme.mon_id 
_pdbx_poly_seq_scheme.ndb_seq_num 
_pdbx_poly_seq_scheme.pdb_seq_num 
_pdbx_poly_seq_scheme.auth_seq_num 
_pdbx_poly_seq_scheme.pdb_mon_id 
_pdbx_poly_seq_scheme.auth_mon_id 
_pdbx_poly_seq_scheme.pdb_strand_id 
_pdbx_poly_seq_scheme.pdb_ins_code 
_pdbx_poly_seq_scheme.hetero 
A 1 1   MET 1   -19 ?   ?   ?   A . n 
A 1 2   GLY 2   -18 ?   ?   ?   A . n 
A 1 3   SER 3   -17 ?   ?   ?   A . n 
A 1 4   SER 4   -16 ?   ?   ?   A . n 
A 1 5   HIS 5   -15 ?   ?   ?   A . n 
A 1 6   HIS 6   -14 ?   ?   ?   A . n 
A 1 7   HIS 7   -13 ?   ?   ?   A . n 
A 1 8   HIS 8   -12 ?   ?   ?   A . n 
A 1 9   HIS 9   -11 ?   ?   ?   A . n 
A 1 10  HIS 10  -10 ?   ?   ?   A . n 
A 1 11  SER 11  -9  ?   ?   ?   A . n 
A 1 12  SER 12  -8  ?   ?   ?   A . n 
A 1 13  GLY 13  -7  ?   ?   ?   A . n 
A 1 14  LEU 14  -6  ?   ?   ?   A . n 
A 1 15  VAL 15  -5  ?   ?   ?   A . n 
A 1 16  PRO 16  -4  ?   ?   ?   A . n 
A 1 17  ARG 17  -3  ?   ?   ?   A . n 
A 1 18  GLY 18  -2  ?   ?   ?   A . n 
A 1 19  SER 19  -1  ?   ?   ?   A . n 
A 1 20  HIS 20  0   0   HIS HIS A . n 
A 1 21  MET 21  1   1   MET MET A . n 
A 1 22  ILE 22  2   2   ILE ILE A . n 
A 1 23  SER 23  3   3   SER SER A . n 
A 1 24  LYS 24  4   4   LYS LYS A . n 
A 1 25  ILE 25  5   5   ILE ILE A . n 
A 1 26  ASN 26  6   6   ASN ASN A . n 
A 1 27  GLY 27  7   7   GLY GLY A . n 
A 1 28  LYS 28  8   8   LYS LYS A . n 
A 1 29  LEU 29  9   9   LEU LEU A . n 
A 1 30  PHE 30  10  10  PHE PHE A . n 
A 1 31  ALA 31  11  11  ALA ALA A . n 
A 1 32  ASP 32  12  12  ASP ASP A . n 
A 1 33  MET 33  13  13  MET MET A . n 
A 1 34  ILE 34  14  14  ILE ILE A . n 
A 1 35  ILE 35  15  15  ILE ILE A . n 
A 1 36  GLN 36  16  16  GLN GLN A . n 
A 1 37  GLY 37  17  17  GLY GLY A . n 
A 1 38  ALA 38  18  18  ALA ALA A . n 
A 1 39  GLN 39  19  19  GLN GLN A . n 
A 1 40  ASN 40  20  20  ASN ASN A . n 
A 1 41  LEU 41  21  21  LEU LEU A . n 
A 1 42  SER 42  22  22  SER SER A . n 
A 1 43  ASN 43  23  23  ASN ASN A . n 
A 1 44  ASN 44  24  24  ASN ASN A . n 
A 1 45  ALA 45  25  25  ALA ALA A . n 
A 1 46  ASP 46  26  26  ASP ASP A . n 
A 1 47  LEU 47  27  27  LEU LEU A . n 
A 1 48  VAL 48  28  28  VAL VAL A . n 
A 1 49  ASP 49  29  29  ASP ASP A . n 
A 1 50  SER 50  30  30  SER SER A . n 
A 1 51  LEU 51  31  31  LEU LEU A . n 
A 1 52  ASN 52  32  32  ASN ASN A . n 
A 1 53  VAL 53  33  33  VAL VAL A . n 
A 1 54  TYR 54  34  34  TYR TYR A . n 
A 1 55  PRO 55  35  35  PRO PRO A . n 
A 1 56  VAL 56  36  36  VAL VAL A . n 
A 1 57  PRO 57  37  37  PRO PRO A . n 
A 1 58  ASP 58  38  38  ASP ASP A . n 
A 1 59  GLY 59  39  39  GLY GLY A . n 
A 1 60  ASP 60  40  40  ASP ASP A . n 
A 1 61  THR 61  41  41  THR THR A . n 
A 1 62  GLY 62  42  42  GLY GLY A . n 
A 1 63  THR 63  43  43  THR THR A . n 
A 1 64  ASN 64  44  44  ASN ASN A . n 
A 1 65  MET 65  45  45  MET MET A . n 
A 1 66  ASN 66  46  46  ASN ASN A . n 
A 1 67  LEU 67  47  47  LEU LEU A . n 
A 1 68  THR 68  48  48  THR THR A . n 
A 1 69  MET 69  49  49  MET MET A . n 
A 1 70  THR 70  50  50  THR THR A . n 
A 1 71  SER 71  51  51  SER SER A . n 
A 1 72  GLY 72  52  52  GLY GLY A . n 
A 1 73  ARG 73  53  53  ARG ARG A . n 
A 1 74  GLU 74  54  54  GLU GLU A . n 
A 1 75  GLU 75  55  55  GLU GLU A . n 
A 1 76  VAL 76  56  56  VAL VAL A . n 
A 1 77  GLU 77  57  57  GLU GLU A . n 
A 1 78  ASN 78  58  58  ASN ASN A . n 
A 1 79  ASN 79  59  59  ASN ASN A . n 
A 1 80  LEU 80  60  60  LEU LEU A . n 
A 1 81  SER 81  61  61  SER SER A . n 
A 1 82  LYS 82  62  62  LYS LYS A . n 
A 1 83  ASN 83  63  63  ASN ASN A . n 
A 1 84  ILE 84  64  64  ILE ILE A . n 
A 1 85  GLY 85  65  65  GLY GLY A . n 
A 1 86  GLU 86  66  66  GLU GLU A . n 
A 1 87  LEU 87  67  67  LEU LEU A . n 
A 1 88  GLY 88  68  68  GLY GLY A . n 
A 1 89  LYS 89  69  69  LYS LYS A . n 
A 1 90  THR 90  70  70  THR THR A . n 
A 1 91  PHE 91  71  71  PHE PHE A . n 
A 1 92  SER 92  72  72  SER SER A . n 
A 1 93  LYS 93  73  73  LYS LYS A . n 
A 1 94  GLY 94  74  74  GLY GLY A . n 
A 1 95  LEU 95  75  75  LEU LEU A . n 
A 1 96  LEU 96  76  76  LEU LEU A . n 
A 1 97  MET 97  77  77  MET MET A . n 
A 1 98  GLY 98  78  78  GLY GLY A . n 
A 1 99  ALA 99  79  79  ALA ALA A . n 
A 1 100 ARG 100 80  80  ARG ARG A . n 
A 1 101 GLY 101 81  81  GLY GLY A . n 
A 1 102 ASN 102 82  82  ASN ASN A . n 
A 1 103 SER 103 83  83  SER SER A . n 
A 1 104 GLY 104 84  84  GLY GLY A . n 
A 1 105 VAL 105 85  85  VAL VAL A . n 
A 1 106 ILE 106 86  86  ILE ILE A . n 
A 1 107 LEU 107 87  87  LEU LEU A . n 
A 1 108 SER 108 88  88  SER SER A . n 
A 1 109 GLN 109 89  89  GLN GLN A . n 
A 1 110 LEU 110 90  90  LEU LEU A . n 
A 1 111 PHE 111 91  91  PHE PHE A . n 
A 1 112 ARG 112 92  92  ARG ARG A . n 
A 1 113 GLY 113 93  93  GLY GLY A . n 
A 1 114 PHE 114 94  94  PHE PHE A . n 
A 1 115 CYS 115 95  95  CYS CYS A . n 
A 1 116 LYS 116 96  96  LYS LYS A . n 
A 1 117 ASN 117 97  97  ASN ASN A . n 
A 1 118 ILE 118 98  98  ILE ILE A . n 
A 1 119 GLU 119 99  99  GLU GLU A . n 
A 1 120 SER 120 100 100 SER SER A . n 
A 1 121 GLU 121 101 101 GLU GLU A . n 
A 1 122 SER 122 102 102 SER SER A . n 
A 1 123 GLU 123 103 103 GLU GLU A . n 
A 1 124 ILE 124 104 104 ILE ILE A . n 
A 1 125 ASN 125 105 105 ASN ASN A . n 
A 1 126 SER 126 106 106 SER SER A . n 
A 1 127 LYS 127 107 107 LYS LYS A . n 
A 1 128 LEU 128 108 108 LEU LEU A . n 
A 1 129 LEU 129 109 109 LEU LEU A . n 
A 1 130 ALA 130 110 110 ALA ALA A . n 
A 1 131 GLU 131 111 111 GLU GLU A . n 
A 1 132 SER 132 112 112 SER SER A . n 
A 1 133 PHE 133 113 113 PHE PHE A . n 
A 1 134 GLN 134 114 114 GLN GLN A . n 
A 1 135 ALA 135 115 115 ALA ALA A . n 
A 1 136 GLY 136 116 116 GLY GLY A . n 
A 1 137 VAL 137 117 117 VAL VAL A . n 
A 1 138 GLU 138 118 118 GLU GLU A . n 
A 1 139 THR 139 119 119 THR THR A . n 
A 1 140 ALA 140 120 120 ALA ALA A . n 
A 1 141 TYR 141 121 121 TYR TYR A . n 
A 1 142 LYS 142 122 122 LYS LYS A . n 
A 1 143 ALA 143 123 123 ALA ALA A . n 
A 1 144 VAL 144 124 124 VAL VAL A . n 
A 1 145 MET 145 125 125 MET MET A . n 
A 1 146 LYS 146 126 126 LYS LYS A . n 
A 1 147 PRO 147 127 127 PRO PRO A . n 
A 1 148 VAL 148 128 128 VAL VAL A . n 
A 1 149 GLU 149 129 129 GLU GLU A . n 
A 1 150 GLY 150 130 130 GLY GLY A . n 
A 1 151 THR 151 131 131 THR THR A . n 
A 1 152 ILE 152 132 132 ILE ILE A . n 
A 1 153 LEU 153 133 133 LEU LEU A . n 
A 1 154 THR 154 134 134 THR THR A . n 
A 1 155 VAL 155 135 135 VAL VAL A . n 
A 1 156 ALA 156 136 136 ALA ALA A . n 
A 1 157 LYS 157 137 137 LYS LYS A . n 
A 1 158 ASP 158 138 138 ASP ASP A . n 
A 1 159 ALA 159 139 139 ALA ALA A . n 
A 1 160 ALA 160 140 140 ALA ALA A . n 
A 1 161 GLN 161 141 141 GLN GLN A . n 
A 1 162 ALA 162 142 142 ALA ALA A . n 
A 1 163 ALA 163 143 143 ALA ALA A . n 
A 1 164 ILE 164 144 144 ILE ILE A . n 
A 1 165 GLU 165 145 145 GLU GLU A . n 
A 1 166 LYS 166 146 146 LYS LYS A . n 
A 1 167 ALA 167 147 147 ALA ALA A . n 
A 1 168 ASN 168 148 148 ASN ASN A . n 
A 1 169 ASN 169 149 149 ASN ASN A . n 
A 1 170 THR 170 150 150 THR THR A . n 
A 1 171 GLU 171 151 151 GLU GLU A . n 
A 1 172 ASP 172 152 152 ASP ASP A . n 
A 1 173 CYS 173 153 153 CYS CYS A . n 
A 1 174 ILE 174 154 154 ILE ILE A . n 
A 1 175 GLU 175 155 155 GLU GLU A . n 
A 1 176 LEU 176 156 156 LEU LEU A . n 
A 1 177 MET 177 157 157 MET MET A . n 
A 1 178 GLU 178 158 158 GLU GLU A . n 
A 1 179 TYR 179 159 159 TYR TYR A . n 
A 1 180 ILE 180 160 160 ILE ILE A . n 
A 1 181 ILE 181 161 161 ILE ILE A . n 
A 1 182 VAL 182 162 162 VAL VAL A . n 
A 1 183 LYS 183 163 163 LYS LYS A . n 
A 1 184 ALA 184 164 164 ALA ALA A . n 
A 1 185 ASN 185 165 165 ASN ASN A . n 
A 1 186 GLU 186 166 166 GLU GLU A . n 
A 1 187 SER 187 167 167 SER SER A . n 
A 1 188 LEU 188 168 168 LEU LEU A . n 
A 1 189 GLU 189 169 169 GLU GLU A . n 
A 1 190 ASN 190 170 170 ASN ASN A . n 
A 1 191 THR 191 171 171 THR THR A . n 
A 1 192 PRO 192 172 172 PRO PRO A . n 
A 1 193 ASN 193 173 173 ASN ASN A . n 
A 1 194 LEU 194 174 174 LEU LEU A . n 
A 1 195 LEU 195 175 175 LEU LEU A . n 
A 1 196 ALA 196 176 176 ALA ALA A . n 
A 1 197 VAL 197 177 177 VAL VAL A . n 
A 1 198 LEU 198 178 178 LEU LEU A . n 
A 1 199 LYS 199 179 179 LYS LYS A . n 
A 1 200 GLU 200 180 180 GLU GLU A . n 
A 1 201 VAL 201 181 181 VAL VAL A . n 
A 1 202 GLY 202 182 182 GLY GLY A . n 
A 1 203 VAL 203 183 183 VAL VAL A . n 
A 1 204 VAL 204 184 184 VAL VAL A . n 
A 1 205 ASP 205 185 185 ASP ASP A . n 
A 1 206 SER 206 186 186 SER SER A . n 
A 1 207 GLY 207 187 187 GLY GLY A . n 
A 1 208 GLY 208 188 188 GLY GLY A . n 
A 1 209 LYS 209 189 189 LYS LYS A . n 
A 1 210 GLY 210 190 190 GLY GLY A . n 
A 1 211 LEU 211 191 191 LEU LEU A . n 
A 1 212 LEU 212 192 192 LEU LEU A . n 
A 1 213 CYS 213 193 193 CYS CYS A . n 
A 1 214 VAL 214 194 194 VAL VAL A . n 
A 1 215 TYR 215 195 195 TYR TYR A . n 
A 1 216 GLU 216 196 196 GLU GLU A . n 
A 1 217 GLY 217 197 197 GLY GLY A . n 
A 1 218 PHE 218 198 198 PHE PHE A . n 
A 1 219 LEU 219 199 199 LEU LEU A . n 
A 1 220 LYS 220 200 200 LYS LYS A . n 
A 1 221 ALA 221 201 201 ALA ALA A . n 
A 1 222 LEU 222 202 202 LEU LEU A . n 
A 1 223 LYS 223 203 203 LYS LYS A . n 
A 1 224 GLY 224 204 204 GLY GLY A . n 
A 1 225 GLU 225 205 205 GLU GLU A . n 
A 1 226 LYS 226 206 206 LYS LYS A . n 
A 1 227 VAL 227 207 207 VAL VAL A . n 
A 1 228 GLU 228 208 208 GLU GLU A . n 
A 1 229 ALA 229 209 209 ALA ALA A . n 
A 1 230 LYS 230 210 210 LYS LYS A . n 
A 1 231 VAL 231 211 ?   ?   ?   A . n 
A 1 232 ALA 232 212 ?   ?   ?   A . n 
# 
loop_
_pdbx_nonpoly_scheme.asym_id 
_pdbx_nonpoly_scheme.entity_id 
_pdbx_nonpoly_scheme.mon_id 
_pdbx_nonpoly_scheme.ndb_seq_num 
_pdbx_nonpoly_scheme.pdb_seq_num 
_pdbx_nonpoly_scheme.auth_seq_num 
_pdbx_nonpoly_scheme.pdb_mon_id 
_pdbx_nonpoly_scheme.auth_mon_id 
_pdbx_nonpoly_scheme.pdb_strand_id 
_pdbx_nonpoly_scheme.pdb_ins_code 
B 2 HOH 1  301 55 HOH HOH A . 
B 2 HOH 2  302 65 HOH HOH A . 
B 2 HOH 3  303 11 HOH HOH A . 
B 2 HOH 4  304 58 HOH HOH A . 
B 2 HOH 5  305 74 HOH HOH A . 
B 2 HOH 6  306 1  HOH HOH A . 
B 2 HOH 7  307 71 HOH HOH A . 
B 2 HOH 8  308 66 HOH HOH A . 
B 2 HOH 9  309 78 HOH HOH A . 
B 2 HOH 10 310 32 HOH HOH A . 
B 2 HOH 11 311 37 HOH HOH A . 
B 2 HOH 12 312 33 HOH HOH A . 
B 2 HOH 13 313 42 HOH HOH A . 
B 2 HOH 14 314 43 HOH HOH A . 
B 2 HOH 15 315 22 HOH HOH A . 
B 2 HOH 16 316 47 HOH HOH A . 
B 2 HOH 17 317 8  HOH HOH A . 
B 2 HOH 18 318 6  HOH HOH A . 
B 2 HOH 19 319 34 HOH HOH A . 
B 2 HOH 20 320 35 HOH HOH A . 
B 2 HOH 21 321 19 HOH HOH A . 
B 2 HOH 22 322 30 HOH HOH A . 
B 2 HOH 23 323 14 HOH HOH A . 
B 2 HOH 24 324 60 HOH HOH A . 
B 2 HOH 25 325 2  HOH HOH A . 
B 2 HOH 26 326 62 HOH HOH A . 
B 2 HOH 27 327 46 HOH HOH A . 
B 2 HOH 28 328 17 HOH HOH A . 
B 2 HOH 29 329 27 HOH HOH A . 
B 2 HOH 30 330 23 HOH HOH A . 
B 2 HOH 31 331 9  HOH HOH A . 
B 2 HOH 32 332 25 HOH HOH A . 
B 2 HOH 33 333 12 HOH HOH A . 
B 2 HOH 34 334 54 HOH HOH A . 
B 2 HOH 35 335 68 HOH HOH A . 
B 2 HOH 36 336 61 HOH HOH A . 
B 2 HOH 37 337 18 HOH HOH A . 
B 2 HOH 38 338 10 HOH HOH A . 
B 2 HOH 39 339 49 HOH HOH A . 
B 2 HOH 40 340 4  HOH HOH A . 
B 2 HOH 41 341 5  HOH HOH A . 
B 2 HOH 42 342 13 HOH HOH A . 
B 2 HOH 43 343 16 HOH HOH A . 
B 2 HOH 44 344 3  HOH HOH A . 
B 2 HOH 45 345 15 HOH HOH A . 
B 2 HOH 46 346 72 HOH HOH A . 
B 2 HOH 47 347 63 HOH HOH A . 
B 2 HOH 48 348 21 HOH HOH A . 
B 2 HOH 49 349 39 HOH HOH A . 
B 2 HOH 50 350 53 HOH HOH A . 
B 2 HOH 51 351 26 HOH HOH A . 
B 2 HOH 52 352 48 HOH HOH A . 
B 2 HOH 53 353 24 HOH HOH A . 
B 2 HOH 54 354 28 HOH HOH A . 
B 2 HOH 55 355 57 HOH HOH A . 
B 2 HOH 56 356 36 HOH HOH A . 
B 2 HOH 57 357 80 HOH HOH A . 
B 2 HOH 58 358 20 HOH HOH A . 
B 2 HOH 59 359 44 HOH HOH A . 
B 2 HOH 60 360 29 HOH HOH A . 
B 2 HOH 61 361 38 HOH HOH A . 
B 2 HOH 62 362 69 HOH HOH A . 
B 2 HOH 63 363 40 HOH HOH A . 
B 2 HOH 64 364 52 HOH HOH A . 
B 2 HOH 65 365 59 HOH HOH A . 
B 2 HOH 66 366 82 HOH HOH A . 
B 2 HOH 67 367 73 HOH HOH A . 
B 2 HOH 68 368 64 HOH HOH A . 
B 2 HOH 69 369 7  HOH HOH A . 
B 2 HOH 70 370 67 HOH HOH A . 
B 2 HOH 71 371 45 HOH HOH A . 
B 2 HOH 72 372 70 HOH HOH A . 
B 2 HOH 73 373 85 HOH HOH A . 
B 2 HOH 74 374 83 HOH HOH A . 
B 2 HOH 75 375 31 HOH HOH A . 
B 2 HOH 76 376 77 HOH HOH A . 
B 2 HOH 77 377 50 HOH HOH A . 
B 2 HOH 78 378 81 HOH HOH A . 
B 2 HOH 79 379 41 HOH HOH A . 
B 2 HOH 80 380 51 HOH HOH A . 
B 2 HOH 81 381 56 HOH HOH A . 
B 2 HOH 82 382 84 HOH HOH A . 
B 2 HOH 83 383 75 HOH HOH A . 
B 2 HOH 84 384 76 HOH HOH A . 
B 2 HOH 85 385 79 HOH HOH A . 
# 
loop_
_pdbx_unobs_or_zero_occ_atoms.id 
_pdbx_unobs_or_zero_occ_atoms.PDB_model_num 
_pdbx_unobs_or_zero_occ_atoms.polymer_flag 
_pdbx_unobs_or_zero_occ_atoms.occupancy_flag 
_pdbx_unobs_or_zero_occ_atoms.auth_asym_id 
_pdbx_unobs_or_zero_occ_atoms.auth_comp_id 
_pdbx_unobs_or_zero_occ_atoms.auth_seq_id 
_pdbx_unobs_or_zero_occ_atoms.PDB_ins_code 
_pdbx_unobs_or_zero_occ_atoms.auth_atom_id 
_pdbx_unobs_or_zero_occ_atoms.label_alt_id 
_pdbx_unobs_or_zero_occ_atoms.label_asym_id 
_pdbx_unobs_or_zero_occ_atoms.label_comp_id 
_pdbx_unobs_or_zero_occ_atoms.label_seq_id 
_pdbx_unobs_or_zero_occ_atoms.label_atom_id 
1  1 Y 1 A HIS 0   ? CG  ? A HIS 20  CG  
2  1 Y 1 A HIS 0   ? ND1 ? A HIS 20  ND1 
3  1 Y 1 A HIS 0   ? CD2 ? A HIS 20  CD2 
4  1 Y 1 A HIS 0   ? CE1 ? A HIS 20  CE1 
5  1 Y 1 A HIS 0   ? NE2 ? A HIS 20  NE2 
6  1 Y 1 A LYS 4   ? CG  ? A LYS 24  CG  
7  1 Y 1 A LYS 4   ? CD  ? A LYS 24  CD  
8  1 Y 1 A LYS 4   ? CE  ? A LYS 24  CE  
9  1 Y 1 A LYS 4   ? NZ  ? A LYS 24  NZ  
10 1 Y 1 A LYS 8   ? CD  ? A LYS 28  CD  
11 1 Y 1 A LYS 8   ? CE  ? A LYS 28  CE  
12 1 Y 1 A LYS 8   ? NZ  ? A LYS 28  NZ  
13 1 Y 1 A LYS 62  ? CE  ? A LYS 82  CE  
14 1 Y 1 A LYS 62  ? NZ  ? A LYS 82  NZ  
15 1 Y 1 A LYS 73  ? CD  ? A LYS 93  CD  
16 1 Y 1 A LYS 73  ? CE  ? A LYS 93  CE  
17 1 Y 1 A LYS 73  ? NZ  ? A LYS 93  NZ  
18 1 Y 1 A LYS 107 ? CG  ? A LYS 127 CG  
19 1 Y 1 A LYS 107 ? CD  ? A LYS 127 CD  
20 1 Y 1 A LYS 107 ? CE  ? A LYS 127 CE  
21 1 Y 1 A LYS 107 ? NZ  ? A LYS 127 NZ  
22 1 Y 1 A GLU 111 ? CG  ? A GLU 131 CG  
23 1 Y 1 A GLU 111 ? CD  ? A GLU 131 CD  
24 1 Y 1 A GLU 111 ? OE1 ? A GLU 131 OE1 
25 1 Y 1 A GLU 111 ? OE2 ? A GLU 131 OE2 
26 1 Y 1 A LYS 122 ? CE  ? A LYS 142 CE  
27 1 Y 1 A LYS 122 ? NZ  ? A LYS 142 NZ  
28 1 Y 1 A MET 125 ? CG  ? A MET 145 CG  
29 1 Y 1 A MET 125 ? SD  ? A MET 145 SD  
30 1 Y 1 A MET 125 ? CE  ? A MET 145 CE  
31 1 Y 1 A LYS 126 ? CG  ? A LYS 146 CG  
32 1 Y 1 A LYS 126 ? CD  ? A LYS 146 CD  
33 1 Y 1 A LYS 126 ? CE  ? A LYS 146 CE  
34 1 Y 1 A LYS 126 ? NZ  ? A LYS 146 NZ  
35 1 Y 1 A GLU 151 ? CG  ? A GLU 171 CG  
36 1 Y 1 A GLU 151 ? CD  ? A GLU 171 CD  
37 1 Y 1 A GLU 151 ? OE1 ? A GLU 171 OE1 
38 1 Y 1 A GLU 151 ? OE2 ? A GLU 171 OE2 
39 1 Y 1 A LYS 179 ? CD  ? A LYS 199 CD  
40 1 Y 1 A LYS 179 ? CE  ? A LYS 199 CE  
41 1 Y 1 A LYS 179 ? NZ  ? A LYS 199 NZ  
42 1 Y 1 A LYS 203 ? CE  ? A LYS 223 CE  
43 1 Y 1 A LYS 203 ? NZ  ? A LYS 223 NZ  
44 1 Y 1 A LYS 206 ? CG  ? A LYS 226 CG  
45 1 Y 1 A LYS 206 ? CD  ? A LYS 226 CD  
46 1 Y 1 A LYS 206 ? CE  ? A LYS 226 CE  
47 1 Y 1 A LYS 206 ? NZ  ? A LYS 226 NZ  
48 1 Y 1 A GLU 208 ? CG  ? A GLU 228 CG  
49 1 Y 1 A GLU 208 ? CD  ? A GLU 228 CD  
50 1 Y 1 A GLU 208 ? OE1 ? A GLU 228 OE1 
51 1 Y 1 A GLU 208 ? OE2 ? A GLU 228 OE2 
52 1 Y 1 A LYS 210 ? CG  ? A LYS 230 CG  
53 1 Y 1 A LYS 210 ? CD  ? A LYS 230 CD  
54 1 Y 1 A LYS 210 ? CE  ? A LYS 230 CE  
55 1 Y 1 A LYS 210 ? NZ  ? A LYS 230 NZ  
# 
loop_
_software.citation_id 
_software.classification 
_software.compiler_name 
_software.compiler_version 
_software.contact_author 
_software.contact_author_email 
_software.date 
_software.description 
_software.dependencies 
_software.hardware 
_software.language 
_software.location 
_software.mods 
_software.name 
_software.os 
_software.os_version 
_software.type 
_software.version 
_software.pdbx_ordinal 
? refinement       ? ? ? ? ? ? ? ? ? ? ? PHENIX  ? ? ? '(dev_3479: ???)' 1 
? 'data scaling'   ? ? ? ? ? ? ? ? ? ? ? Aimless ? ? ? .                 2 
? 'data reduction' ? ? ? ? ? ? ? ? ? ? ? XDS     ? ? ? .                 3 
? phasing          ? ? ? ? ? ? ? ? ? ? ? PHASER  ? ? ? .                 4 
# 
_cell.angle_alpha                  90.00 
_cell.angle_alpha_esd              ? 
_cell.angle_beta                   90.00 
_cell.angle_beta_esd               ? 
_cell.angle_gamma                  90.00 
_cell.angle_gamma_esd              ? 
_cell.entry_id                     8VIR 
_cell.details                      ? 
_cell.formula_units_Z              ? 
_cell.length_a                     42.048 
_cell.length_a_esd                 ? 
_cell.length_b                     47.538 
_cell.length_b_esd                 ? 
_cell.length_c                     93.232 
_cell.length_c_esd                 ? 
_cell.volume                       ? 
_cell.volume_esd                   ? 
_cell.Z_PDB                        4 
_cell.reciprocal_angle_alpha       ? 
_cell.reciprocal_angle_beta        ? 
_cell.reciprocal_angle_gamma       ? 
_cell.reciprocal_angle_alpha_esd   ? 
_cell.reciprocal_angle_beta_esd    ? 
_cell.reciprocal_angle_gamma_esd   ? 
_cell.reciprocal_length_a          ? 
_cell.reciprocal_length_b          ? 
_cell.reciprocal_length_c          ? 
_cell.reciprocal_length_a_esd      ? 
_cell.reciprocal_length_b_esd      ? 
_cell.reciprocal_length_c_esd      ? 
_cell.pdbx_unique_axis             ? 
_cell.pdbx_esd_method              ? 
# 
_symmetry.entry_id                         8VIR 
_symmetry.cell_setting                     ? 
_symmetry.Int_Tables_number                19 
_symmetry.space_group_name_Hall            ? 
_symmetry.space_group_name_H-M             'P 21 21 21' 
_symmetry.pdbx_full_space_group_name_H-M   ? 
# 
_exptl.absorpt_coefficient_mu     ? 
_exptl.absorpt_correction_T_max   ? 
_exptl.absorpt_correction_T_min   ? 
_exptl.absorpt_correction_type    ? 
_exptl.absorpt_process_details    ? 
_exptl.entry_id                   8VIR 
_exptl.crystals_number            1 
_exptl.details                    ? 
_exptl.method                     'X-RAY DIFFRACTION' 
_exptl.method_details             ? 
# 
_exptl_crystal.colour                       ? 
_exptl_crystal.density_diffrn               ? 
_exptl_crystal.density_Matthews             1.88 
_exptl_crystal.density_method               ? 
_exptl_crystal.density_percent_sol          34.48 
_exptl_crystal.description                  ? 
_exptl_crystal.F_000                        ? 
_exptl_crystal.id                           1 
_exptl_crystal.preparation                  ? 
_exptl_crystal.size_max                     ? 
_exptl_crystal.size_mid                     ? 
_exptl_crystal.size_min                     ? 
_exptl_crystal.size_rad                     ? 
_exptl_crystal.colour_lustre                ? 
_exptl_crystal.colour_modifier              ? 
_exptl_crystal.colour_primary               ? 
_exptl_crystal.density_meas                 ? 
_exptl_crystal.density_meas_esd             ? 
_exptl_crystal.density_meas_gt              ? 
_exptl_crystal.density_meas_lt              ? 
_exptl_crystal.density_meas_temp            ? 
_exptl_crystal.density_meas_temp_esd        ? 
_exptl_crystal.density_meas_temp_gt         ? 
_exptl_crystal.density_meas_temp_lt         ? 
_exptl_crystal.pdbx_crystal_image_url       ? 
_exptl_crystal.pdbx_crystal_image_format    ? 
_exptl_crystal.pdbx_mosaicity               ? 
_exptl_crystal.pdbx_mosaicity_esd           ? 
_exptl_crystal.pdbx_mosaic_method           ? 
_exptl_crystal.pdbx_mosaic_block_size       ? 
_exptl_crystal.pdbx_mosaic_block_size_esd   ? 
# 
_exptl_crystal_grow.apparatus       ? 
_exptl_crystal_grow.atmosphere      ? 
_exptl_crystal_grow.crystal_id      1 
_exptl_crystal_grow.details         ? 
_exptl_crystal_grow.method          'VAPOR DIFFUSION, SITTING DROP' 
_exptl_crystal_grow.method_ref      ? 
_exptl_crystal_grow.pH              7.5 
_exptl_crystal_grow.pressure        ? 
_exptl_crystal_grow.pressure_esd    ? 
_exptl_crystal_grow.seeding         ? 
_exptl_crystal_grow.seeding_ref     ? 
_exptl_crystal_grow.temp_details    ? 
_exptl_crystal_grow.temp_esd        ? 
_exptl_crystal_grow.time            ? 
_exptl_crystal_grow.pdbx_details    
'Proplex D1: 25% (w/v) PEG 4000, 100 mM HEPES pH 7.5, 200 mM NaCl, Cryo: 80% well solution and 20% (v/v) PEG 200.' 
_exptl_crystal_grow.pdbx_pH_range   ? 
_exptl_crystal_grow.temp            291 
# 
_diffrn.ambient_environment              ? 
_diffrn.ambient_temp                     100 
_diffrn.ambient_temp_details             ? 
_diffrn.ambient_temp_esd                 ? 
_diffrn.crystal_id                       1 
_diffrn.crystal_support                  ? 
_diffrn.crystal_treatment                ? 
_diffrn.details                          ? 
_diffrn.id                               1 
_diffrn.ambient_pressure                 ? 
_diffrn.ambient_pressure_esd             ? 
_diffrn.ambient_pressure_gt              ? 
_diffrn.ambient_pressure_lt              ? 
_diffrn.ambient_temp_gt                  ? 
_diffrn.ambient_temp_lt                  ? 
_diffrn.pdbx_serial_crystal_experiment   N 
# 
_diffrn_detector.details                      ? 
_diffrn_detector.detector                     PIXEL 
_diffrn_detector.diffrn_id                    1 
_diffrn_detector.type                         'DECTRIS PILATUS 6M' 
_diffrn_detector.area_resol_mean              ? 
_diffrn_detector.dtime                        ? 
_diffrn_detector.pdbx_frames_total            ? 
_diffrn_detector.pdbx_collection_time_total   ? 
_diffrn_detector.pdbx_collection_date         2019-04-16 
_diffrn_detector.pdbx_frequency               ? 
_diffrn_detector.id                           ? 
_diffrn_detector.number_of_axes               ? 
# 
_diffrn_radiation.collimation                      ? 
_diffrn_radiation.diffrn_id                        1 
_diffrn_radiation.filter_edge                      ? 
_diffrn_radiation.inhomogeneity                    ? 
_diffrn_radiation.monochromator                    'Double Crystal Si 111' 
_diffrn_radiation.polarisn_norm                    ? 
_diffrn_radiation.polarisn_ratio                   ? 
_diffrn_radiation.probe                            ? 
_diffrn_radiation.type                             ? 
_diffrn_radiation.xray_symbol                      ? 
_diffrn_radiation.wavelength_id                    1 
_diffrn_radiation.pdbx_monochromatic_or_laue_m_l   M 
_diffrn_radiation.pdbx_wavelength_list             ? 
_diffrn_radiation.pdbx_wavelength                  ? 
_diffrn_radiation.pdbx_diffrn_protocol             'SINGLE WAVELENGTH' 
_diffrn_radiation.pdbx_analyzer                    ? 
_diffrn_radiation.pdbx_scattering_type             x-ray 
# 
_diffrn_radiation_wavelength.id           1 
_diffrn_radiation_wavelength.wavelength   1.0000 
_diffrn_radiation_wavelength.wt           1.0 
# 
_diffrn_source.current                     ? 
_diffrn_source.details                     ? 
_diffrn_source.diffrn_id                   1 
_diffrn_source.power                       ? 
_diffrn_source.size                        ? 
_diffrn_source.source                      SYNCHROTRON 
_diffrn_source.target                      ? 
_diffrn_source.type                        'APS BEAMLINE 17-ID' 
_diffrn_source.voltage                     ? 
_diffrn_source.take-off_angle              ? 
_diffrn_source.pdbx_wavelength_list        1.0000 
_diffrn_source.pdbx_wavelength             ? 
_diffrn_source.pdbx_synchrotron_beamline   17-ID 
_diffrn_source.pdbx_synchrotron_site       APS 
# 
_reflns.B_iso_Wilson_estimate                          ? 
_reflns.entry_id                                       8VIR 
_reflns.data_reduction_details                         ? 
_reflns.data_reduction_method                          ? 
_reflns.d_resolution_high                              1.90 
_reflns.d_resolution_low                               47.54 
_reflns.details                                        ? 
_reflns.limit_h_max                                    ? 
_reflns.limit_h_min                                    ? 
_reflns.limit_k_max                                    ? 
_reflns.limit_k_min                                    ? 
_reflns.limit_l_max                                    ? 
_reflns.limit_l_min                                    ? 
_reflns.number_all                                     ? 
_reflns.number_obs                                     15360 
_reflns.observed_criterion                             ? 
_reflns.observed_criterion_F_max                       ? 
_reflns.observed_criterion_F_min                       ? 
_reflns.observed_criterion_I_max                       ? 
_reflns.observed_criterion_I_min                       ? 
_reflns.observed_criterion_sigma_F                     ? 
_reflns.observed_criterion_sigma_I                     ? 
_reflns.percent_possible_obs                           100.0 
_reflns.R_free_details                                 ? 
_reflns.Rmerge_F_all                                   ? 
_reflns.Rmerge_F_obs                                   ? 
_reflns.Friedel_coverage                               ? 
_reflns.number_gt                                      ? 
_reflns.threshold_expression                           ? 
_reflns.pdbx_redundancy                                8.0 
_reflns.pdbx_netI_over_av_sigmaI                       ? 
_reflns.pdbx_netI_over_sigmaI                          11.0 
_reflns.pdbx_res_netI_over_av_sigmaI_2                 ? 
_reflns.pdbx_res_netI_over_sigmaI_2                    ? 
_reflns.pdbx_chi_squared                               1.01 
_reflns.pdbx_scaling_rejects                           ? 
_reflns.pdbx_d_res_high_opt                            ? 
_reflns.pdbx_d_res_low_opt                             ? 
_reflns.pdbx_d_res_opt_method                          ? 
_reflns.phase_calculation_details                      ? 
_reflns.pdbx_Rrim_I_all                                0.129 
_reflns.pdbx_Rpim_I_all                                0.046 
_reflns.pdbx_d_opt                                     ? 
_reflns.pdbx_number_measured_all                       122554 
_reflns.pdbx_diffrn_id                                 1 
_reflns.pdbx_ordinal                                   1 
_reflns.pdbx_CC_half                                   0.998 
_reflns.pdbx_CC_star                                   ? 
_reflns.pdbx_R_split                                   ? 
_reflns.pdbx_Rmerge_I_obs                              0.120 
_reflns.pdbx_Rmerge_I_all                              ? 
_reflns.pdbx_Rsym_value                                ? 
_reflns.pdbx_CC_split_method                           ? 
_reflns.pdbx_aniso_diffraction_limit_axis_1_ortho[1]   ? 
_reflns.pdbx_aniso_diffraction_limit_axis_1_ortho[2]   ? 
_reflns.pdbx_aniso_diffraction_limit_axis_1_ortho[3]   ? 
_reflns.pdbx_aniso_diffraction_limit_axis_2_ortho[1]   ? 
_reflns.pdbx_aniso_diffraction_limit_axis_2_ortho[2]   ? 
_reflns.pdbx_aniso_diffraction_limit_axis_2_ortho[3]   ? 
_reflns.pdbx_aniso_diffraction_limit_axis_3_ortho[1]   ? 
_reflns.pdbx_aniso_diffraction_limit_axis_3_ortho[2]   ? 
_reflns.pdbx_aniso_diffraction_limit_axis_3_ortho[3]   ? 
_reflns.pdbx_aniso_diffraction_limit_1                 ? 
_reflns.pdbx_aniso_diffraction_limit_2                 ? 
_reflns.pdbx_aniso_diffraction_limit_3                 ? 
_reflns.pdbx_aniso_B_tensor_eigenvector_1_ortho[1]     ? 
_reflns.pdbx_aniso_B_tensor_eigenvector_1_ortho[2]     ? 
_reflns.pdbx_aniso_B_tensor_eigenvector_1_ortho[3]     ? 
_reflns.pdbx_aniso_B_tensor_eigenvector_2_ortho[1]     ? 
_reflns.pdbx_aniso_B_tensor_eigenvector_2_ortho[2]     ? 
_reflns.pdbx_aniso_B_tensor_eigenvector_2_ortho[3]     ? 
_reflns.pdbx_aniso_B_tensor_eigenvector_3_ortho[1]     ? 
_reflns.pdbx_aniso_B_tensor_eigenvector_3_ortho[2]     ? 
_reflns.pdbx_aniso_B_tensor_eigenvector_3_ortho[3]     ? 
_reflns.pdbx_aniso_B_tensor_eigenvalue_1               ? 
_reflns.pdbx_aniso_B_tensor_eigenvalue_2               ? 
_reflns.pdbx_aniso_B_tensor_eigenvalue_3               ? 
_reflns.pdbx_orthogonalization_convention              ? 
_reflns.pdbx_percent_possible_ellipsoidal              ? 
_reflns.pdbx_percent_possible_spherical                ? 
_reflns.pdbx_percent_possible_ellipsoidal_anomalous    ? 
_reflns.pdbx_percent_possible_spherical_anomalous      ? 
_reflns.pdbx_redundancy_anomalous                      ? 
_reflns.pdbx_CC_half_anomalous                         ? 
_reflns.pdbx_absDiff_over_sigma_anomalous              ? 
_reflns.pdbx_percent_possible_anomalous                ? 
_reflns.pdbx_observed_signal_threshold                 ? 
_reflns.pdbx_signal_type                               ? 
_reflns.pdbx_signal_details                            ? 
_reflns.pdbx_signal_software_id                        ? 
# 
_reflns_shell.d_res_high                                    1.90 
_reflns_shell.d_res_low                                     1.94 
_reflns_shell.meanI_over_sigI_all                           ? 
_reflns_shell.meanI_over_sigI_obs                           ? 
_reflns_shell.number_measured_all                           7858 
_reflns_shell.number_measured_obs                           ? 
_reflns_shell.number_possible                               ? 
_reflns_shell.number_unique_all                             ? 
_reflns_shell.number_unique_obs                             953 
_reflns_shell.percent_possible_obs                          100.0 
_reflns_shell.Rmerge_F_all                                  ? 
_reflns_shell.Rmerge_F_obs                                  ? 
_reflns_shell.meanI_over_sigI_gt                            ? 
_reflns_shell.meanI_over_uI_all                             ? 
_reflns_shell.meanI_over_uI_gt                              ? 
_reflns_shell.number_measured_gt                            ? 
_reflns_shell.number_unique_gt                              ? 
_reflns_shell.percent_possible_gt                           ? 
_reflns_shell.Rmerge_F_gt                                   ? 
_reflns_shell.Rmerge_I_gt                                   ? 
_reflns_shell.pdbx_redundancy                               8.2 
_reflns_shell.pdbx_chi_squared                              0.99 
_reflns_shell.pdbx_netI_over_sigmaI_all                     ? 
_reflns_shell.pdbx_netI_over_sigmaI_obs                     1.9 
_reflns_shell.pdbx_Rrim_I_all                               1.206 
_reflns_shell.pdbx_Rpim_I_all                               0.421 
_reflns_shell.pdbx_rejects                                  ? 
_reflns_shell.pdbx_ordinal                                  1 
_reflns_shell.pdbx_diffrn_id                                1 
_reflns_shell.pdbx_CC_half                                  0.664 
_reflns_shell.pdbx_CC_star                                  ? 
_reflns_shell.pdbx_R_split                                  ? 
_reflns_shell.percent_possible_all                          ? 
_reflns_shell.Rmerge_I_all                                  ? 
_reflns_shell.Rmerge_I_obs                                  1.129 
_reflns_shell.pdbx_Rsym_value                               ? 
_reflns_shell.pdbx_percent_possible_ellipsoidal             ? 
_reflns_shell.pdbx_percent_possible_spherical               ? 
_reflns_shell.pdbx_percent_possible_ellipsoidal_anomalous   ? 
_reflns_shell.pdbx_percent_possible_spherical_anomalous     ? 
_reflns_shell.pdbx_redundancy_anomalous                     ? 
_reflns_shell.pdbx_CC_half_anomalous                        ? 
_reflns_shell.pdbx_absDiff_over_sigma_anomalous             ? 
_reflns_shell.pdbx_percent_possible_anomalous               ? 
# 
_refine.aniso_B[1][1]                            ? 
_refine.aniso_B[1][2]                            ? 
_refine.aniso_B[1][3]                            ? 
_refine.aniso_B[2][2]                            ? 
_refine.aniso_B[2][3]                            ? 
_refine.aniso_B[3][3]                            ? 
_refine.B_iso_max                                ? 
_refine.B_iso_mean                               ? 
_refine.B_iso_min                                ? 
_refine.correlation_coeff_Fo_to_Fc               ? 
_refine.correlation_coeff_Fo_to_Fc_free          ? 
_refine.details                                  ? 
_refine.diff_density_max                         ? 
_refine.diff_density_max_esd                     ? 
_refine.diff_density_min                         ? 
_refine.diff_density_min_esd                     ? 
_refine.diff_density_rms                         ? 
_refine.diff_density_rms_esd                     ? 
_refine.entry_id                                 8VIR 
_refine.pdbx_refine_id                           'X-RAY DIFFRACTION' 
_refine.ls_abs_structure_details                 ? 
_refine.ls_abs_structure_Flack                   ? 
_refine.ls_abs_structure_Flack_esd               ? 
_refine.ls_abs_structure_Rogers                  ? 
_refine.ls_abs_structure_Rogers_esd              ? 
_refine.ls_d_res_high                            1.900 
_refine.ls_d_res_low                             42.350 
_refine.ls_extinction_coef                       ? 
_refine.ls_extinction_coef_esd                   ? 
_refine.ls_extinction_expression                 ? 
_refine.ls_extinction_method                     ? 
_refine.ls_goodness_of_fit_all                   ? 
_refine.ls_goodness_of_fit_all_esd               ? 
_refine.ls_goodness_of_fit_obs                   ? 
_refine.ls_goodness_of_fit_obs_esd               ? 
_refine.ls_hydrogen_treatment                    ? 
_refine.ls_matrix_type                           ? 
_refine.ls_number_constraints                    ? 
_refine.ls_number_parameters                     ? 
_refine.ls_number_reflns_all                     ? 
_refine.ls_number_reflns_obs                     15310 
_refine.ls_number_reflns_R_free                  726 
_refine.ls_number_reflns_R_work                  ? 
_refine.ls_number_restraints                     ? 
_refine.ls_percent_reflns_obs                    99.95 
_refine.ls_percent_reflns_R_free                 4.74 
_refine.ls_R_factor_all                          ? 
_refine.ls_R_factor_obs                          0.1763 
_refine.ls_R_factor_R_free                       0.2201 
_refine.ls_R_factor_R_free_error                 ? 
_refine.ls_R_factor_R_free_error_details         ? 
_refine.ls_R_factor_R_work                       0.1740 
_refine.ls_R_Fsqd_factor_obs                     ? 
_refine.ls_R_I_factor_obs                        ? 
_refine.ls_redundancy_reflns_all                 ? 
_refine.ls_redundancy_reflns_obs                 ? 
_refine.ls_restrained_S_all                      ? 
_refine.ls_restrained_S_obs                      ? 
_refine.ls_shift_over_esd_max                    ? 
_refine.ls_shift_over_esd_mean                   ? 
_refine.ls_structure_factor_coef                 ? 
_refine.ls_weighting_details                     ? 
_refine.ls_weighting_scheme                      ? 
_refine.ls_wR_factor_all                         ? 
_refine.ls_wR_factor_obs                         ? 
_refine.ls_wR_factor_R_free                      ? 
_refine.ls_wR_factor_R_work                      ? 
_refine.occupancy_max                            ? 
_refine.occupancy_min                            ? 
_refine.solvent_model_details                    'FLAT BULK SOLVENT MODEL' 
_refine.solvent_model_param_bsol                 ? 
_refine.solvent_model_param_ksol                 ? 
_refine.pdbx_R_complete                          ? 
_refine.ls_R_factor_gt                           ? 
_refine.ls_goodness_of_fit_gt                    ? 
_refine.ls_goodness_of_fit_ref                   ? 
_refine.ls_shift_over_su_max                     ? 
_refine.ls_shift_over_su_max_lt                  ? 
_refine.ls_shift_over_su_mean                    ? 
_refine.ls_shift_over_su_mean_lt                 ? 
_refine.pdbx_ls_sigma_I                          ? 
_refine.pdbx_ls_sigma_F                          1.16 
_refine.pdbx_ls_sigma_Fsqd                       ? 
_refine.pdbx_data_cutoff_high_absF               ? 
_refine.pdbx_data_cutoff_high_rms_absF           ? 
_refine.pdbx_data_cutoff_low_absF                ? 
_refine.pdbx_isotropic_thermal_model             ? 
_refine.pdbx_ls_cross_valid_method               'FREE R-VALUE' 
_refine.pdbx_method_to_determine_struct          'MOLECULAR REPLACEMENT' 
_refine.pdbx_starting_model                      ? 
_refine.pdbx_stereochemistry_target_values       ML 
_refine.pdbx_R_Free_selection_details            ? 
_refine.pdbx_stereochem_target_val_spec_case     ? 
_refine.pdbx_overall_ESU_R                       ? 
_refine.pdbx_overall_ESU_R_Free                  ? 
_refine.pdbx_solvent_vdw_probe_radii             1.11 
_refine.pdbx_solvent_ion_probe_radii             ? 
_refine.pdbx_solvent_shrinkage_radii             0.90 
_refine.pdbx_real_space_R                        ? 
_refine.pdbx_density_correlation                 ? 
_refine.pdbx_pd_number_of_powder_patterns        ? 
_refine.pdbx_pd_number_of_points                 ? 
_refine.pdbx_pd_meas_number_of_points            ? 
_refine.pdbx_pd_proc_ls_prof_R_factor            ? 
_refine.pdbx_pd_proc_ls_prof_wR_factor           ? 
_refine.pdbx_pd_Marquardt_correlation_coeff      ? 
_refine.pdbx_pd_Fsqrd_R_factor                   ? 
_refine.pdbx_pd_ls_matrix_band_width             ? 
_refine.pdbx_overall_phase_error                 23.17 
_refine.pdbx_overall_SU_R_free_Cruickshank_DPI   ? 
_refine.pdbx_overall_SU_R_free_Blow_DPI          ? 
_refine.pdbx_overall_SU_R_Blow_DPI               ? 
_refine.pdbx_TLS_residual_ADP_flag               ? 
_refine.pdbx_diffrn_id                           1 
_refine.overall_SU_B                             ? 
_refine.overall_SU_ML                            0.26 
_refine.overall_SU_R_Cruickshank_DPI             ? 
_refine.overall_SU_R_free                        ? 
_refine.overall_FOM_free_R_set                   ? 
_refine.overall_FOM_work_R_set                   ? 
_refine.pdbx_average_fsc_overall                 ? 
_refine.pdbx_average_fsc_work                    ? 
_refine.pdbx_average_fsc_free                    ? 
# 
_refine_hist.pdbx_refine_id                   'X-RAY DIFFRACTION' 
_refine_hist.cycle_id                         LAST 
_refine_hist.details                          ? 
_refine_hist.d_res_high                       1.900 
_refine_hist.d_res_low                        42.350 
_refine_hist.number_atoms_solvent             85 
_refine_hist.number_atoms_total               1608 
_refine_hist.number_reflns_all                ? 
_refine_hist.number_reflns_obs                ? 
_refine_hist.number_reflns_R_free             ? 
_refine_hist.number_reflns_R_work             ? 
_refine_hist.R_factor_all                     ? 
_refine_hist.R_factor_obs                     ? 
_refine_hist.R_factor_R_free                  ? 
_refine_hist.R_factor_R_work                  ? 
_refine_hist.pdbx_number_residues_total       ? 
_refine_hist.pdbx_B_iso_mean_ligand           ? 
_refine_hist.pdbx_B_iso_mean_solvent          ? 
_refine_hist.pdbx_number_atoms_protein        1523 
_refine_hist.pdbx_number_atoms_nucleic_acid   0 
_refine_hist.pdbx_number_atoms_ligand         0 
_refine_hist.pdbx_number_atoms_lipid          ? 
_refine_hist.pdbx_number_atoms_carb           ? 
_refine_hist.pdbx_pseudo_atom_details         ? 
# 
loop_
_refine_ls_restr.pdbx_refine_id 
_refine_ls_restr.criterion 
_refine_ls_restr.dev_ideal 
_refine_ls_restr.dev_ideal_target 
_refine_ls_restr.number 
_refine_ls_restr.rejects 
_refine_ls_restr.type 
_refine_ls_restr.weight 
_refine_ls_restr.pdbx_restraint_function 
'X-RAY DIFFRACTION' ? 0.010  ? 1540 ? f_bond_d           ? ? 
'X-RAY DIFFRACTION' ? 0.921  ? 2088 ? f_angle_d          ? ? 
'X-RAY DIFFRACTION' ? 11.399 ? 936  ? f_dihedral_angle_d ? ? 
'X-RAY DIFFRACTION' ? 0.052  ? 254  ? f_chiral_restr     ? ? 
'X-RAY DIFFRACTION' ? 0.006  ? 276  ? f_plane_restr      ? ? 
# 
loop_
_refine_ls_shell.pdbx_refine_id 
_refine_ls_shell.d_res_high 
_refine_ls_shell.d_res_low 
_refine_ls_shell.number_reflns_all 
_refine_ls_shell.number_reflns_obs 
_refine_ls_shell.number_reflns_R_free 
_refine_ls_shell.number_reflns_R_work 
_refine_ls_shell.percent_reflns_obs 
_refine_ls_shell.percent_reflns_R_free 
_refine_ls_shell.R_factor_all 
_refine_ls_shell.R_factor_obs 
_refine_ls_shell.R_factor_R_free_error 
_refine_ls_shell.R_factor_R_work 
_refine_ls_shell.redundancy_reflns_all 
_refine_ls_shell.redundancy_reflns_obs 
_refine_ls_shell.wR_factor_all 
_refine_ls_shell.wR_factor_obs 
_refine_ls_shell.wR_factor_R_free 
_refine_ls_shell.wR_factor_R_work 
_refine_ls_shell.pdbx_R_complete 
_refine_ls_shell.pdbx_total_number_of_bins_used 
_refine_ls_shell.pdbx_phase_error 
_refine_ls_shell.pdbx_fsc_work 
_refine_ls_shell.pdbx_fsc_free 
_refine_ls_shell.R_factor_R_free 
'X-RAY DIFFRACTION' 1.9000 2.0467 . . 143 2855 100.00 . . . . 0.2403 . . . . . . . . . . . 0.3289 
'X-RAY DIFFRACTION' 2.0467 2.2527 . . 129 2883 100.00 . . . . 0.2053 . . . . . . . . . . . 0.2527 
'X-RAY DIFFRACTION' 2.2527 2.5786 . . 137 2877 100.00 . . . . 0.1847 . . . . . . . . . . . 0.2335 
'X-RAY DIFFRACTION' 2.5786 3.2486 . . 150 2921 100.00 . . . . 0.1737 . . . . . . . . . . . 0.2444 
'X-RAY DIFFRACTION' 3.2486 42.350 . . 167 3048 100.00 . . . . 0.1523 . . . . . . . . . . . 0.1822 
# 
_struct.entry_id                     8VIR 
_struct.title                        
'Crystal structure of the N-terminal domain of fatty acid kinase A (FakA) from Staphylococcus aureus (Apo)' 
_struct.pdbx_model_details           ? 
_struct.pdbx_formula_weight          ? 
_struct.pdbx_formula_weight_method   ? 
_struct.pdbx_model_type_details      ? 
_struct.pdbx_CASP_flag               N 
# 
_struct_keywords.entry_id        8VIR 
_struct_keywords.text            
'Fatty Acid Kinase A, Staphylococcus aureus, MRSA, proline isomerization, fatty acid metabolism, LIGASE' 
_struct_keywords.pdbx_keywords   LIGASE 
# 
loop_
_struct_asym.id 
_struct_asym.pdbx_blank_PDB_chainid_flag 
_struct_asym.pdbx_modified 
_struct_asym.entity_id 
_struct_asym.details 
A N N 1 ? 
B N N 2 ? 
# 
_struct_ref.id                         1 
_struct_ref.db_name                    UNP 
_struct_ref.db_code                    Y1193_STAA8 
_struct_ref.pdbx_db_accession          Q2FZ58 
_struct_ref.pdbx_db_isoform            ? 
_struct_ref.entity_id                  1 
_struct_ref.pdbx_seq_one_letter_code   
;MISKINGKLFADMIIQGAQNLSNNADLVDSLNVYPVPDGDTGTNMNLTMTSGREEVENNLSKNIGELGKTFSKGLLMGAR
GNSGVILSQLFRGFCKNIESESEINSKLLAESFQAGVETAYKAVMKPVEGTILTVAKDAAQAAIEKANNTEDCIELMEYI
IVKANESLENTPNLLAVLKEVGVVDSGGKGLLCVYEGFLKALKGEKVEAKVA
;
_struct_ref.pdbx_align_begin           0 
# 
_struct_ref_seq.align_id                      1 
_struct_ref_seq.ref_id                        1 
_struct_ref_seq.pdbx_PDB_id_code              8VIR 
_struct_ref_seq.pdbx_strand_id                A 
_struct_ref_seq.seq_align_beg                 21 
_struct_ref_seq.pdbx_seq_align_beg_ins_code   ? 
_struct_ref_seq.seq_align_end                 232 
_struct_ref_seq.pdbx_seq_align_end_ins_code   ? 
_struct_ref_seq.pdbx_db_accession             Q2FZ58 
_struct_ref_seq.db_align_beg                  1 
_struct_ref_seq.pdbx_db_align_beg_ins_code    ? 
_struct_ref_seq.db_align_end                  212 
_struct_ref_seq.pdbx_db_align_end_ins_code    ? 
_struct_ref_seq.pdbx_auth_seq_align_beg       1 
_struct_ref_seq.pdbx_auth_seq_align_end       212 
# 
loop_
_struct_ref_seq_dif.align_id 
_struct_ref_seq_dif.pdbx_pdb_id_code 
_struct_ref_seq_dif.mon_id 
_struct_ref_seq_dif.pdbx_pdb_strand_id 
_struct_ref_seq_dif.seq_num 
_struct_ref_seq_dif.pdbx_pdb_ins_code 
_struct_ref_seq_dif.pdbx_seq_db_name 
_struct_ref_seq_dif.pdbx_seq_db_accession_code 
_struct_ref_seq_dif.db_mon_id 
_struct_ref_seq_dif.pdbx_seq_db_seq_num 
_struct_ref_seq_dif.details 
_struct_ref_seq_dif.pdbx_auth_seq_num 
_struct_ref_seq_dif.pdbx_ordinal 
1 8VIR MET A 1  ? UNP Q2FZ58 ? ? 'expression tag' -19 1  
1 8VIR GLY A 2  ? UNP Q2FZ58 ? ? 'expression tag' -18 2  
1 8VIR SER A 3  ? UNP Q2FZ58 ? ? 'expression tag' -17 3  
1 8VIR SER A 4  ? UNP Q2FZ58 ? ? 'expression tag' -16 4  
1 8VIR HIS A 5  ? UNP Q2FZ58 ? ? 'expression tag' -15 5  
1 8VIR HIS A 6  ? UNP Q2FZ58 ? ? 'expression tag' -14 6  
1 8VIR HIS A 7  ? UNP Q2FZ58 ? ? 'expression tag' -13 7  
1 8VIR HIS A 8  ? UNP Q2FZ58 ? ? 'expression tag' -12 8  
1 8VIR HIS A 9  ? UNP Q2FZ58 ? ? 'expression tag' -11 9  
1 8VIR HIS A 10 ? UNP Q2FZ58 ? ? 'expression tag' -10 10 
1 8VIR SER A 11 ? UNP Q2FZ58 ? ? 'expression tag' -9  11 
1 8VIR SER A 12 ? UNP Q2FZ58 ? ? 'expression tag' -8  12 
1 8VIR GLY A 13 ? UNP Q2FZ58 ? ? 'expression tag' -7  13 
1 8VIR LEU A 14 ? UNP Q2FZ58 ? ? 'expression tag' -6  14 
1 8VIR VAL A 15 ? UNP Q2FZ58 ? ? 'expression tag' -5  15 
1 8VIR PRO A 16 ? UNP Q2FZ58 ? ? 'expression tag' -4  16 
1 8VIR ARG A 17 ? UNP Q2FZ58 ? ? 'expression tag' -3  17 
1 8VIR GLY A 18 ? UNP Q2FZ58 ? ? 'expression tag' -2  18 
1 8VIR SER A 19 ? UNP Q2FZ58 ? ? 'expression tag' -1  19 
1 8VIR HIS A 20 ? UNP Q2FZ58 ? ? 'expression tag' 0   20 
# 
_pdbx_struct_assembly.id                   1 
_pdbx_struct_assembly.details              author_defined_assembly 
_pdbx_struct_assembly.method_details       ? 
_pdbx_struct_assembly.oligomeric_details   monomeric 
_pdbx_struct_assembly.oligomeric_count     1 
# 
_pdbx_struct_assembly_gen.assembly_id       1 
_pdbx_struct_assembly_gen.oper_expression   1 
_pdbx_struct_assembly_gen.asym_id_list      A,B 
# 
_pdbx_struct_assembly_auth_evidence.id                     1 
_pdbx_struct_assembly_auth_evidence.assembly_id            1 
_pdbx_struct_assembly_auth_evidence.experimental_support   'gel filtration' 
_pdbx_struct_assembly_auth_evidence.details                ? 
# 
_pdbx_struct_oper_list.id                   1 
_pdbx_struct_oper_list.type                 'identity operation' 
_pdbx_struct_oper_list.name                 1_555 
_pdbx_struct_oper_list.symmetry_operation   x,y,z 
_pdbx_struct_oper_list.matrix[1][1]         1.0000000000 
_pdbx_struct_oper_list.matrix[1][2]         0.0000000000 
_pdbx_struct_oper_list.matrix[1][3]         0.0000000000 
_pdbx_struct_oper_list.vector[1]            0.0000000000 
_pdbx_struct_oper_list.matrix[2][1]         0.0000000000 
_pdbx_struct_oper_list.matrix[2][2]         1.0000000000 
_pdbx_struct_oper_list.matrix[2][3]         0.0000000000 
_pdbx_struct_oper_list.vector[2]            0.0000000000 
_pdbx_struct_oper_list.matrix[3][1]         0.0000000000 
_pdbx_struct_oper_list.matrix[3][2]         0.0000000000 
_pdbx_struct_oper_list.matrix[3][3]         1.0000000000 
_pdbx_struct_oper_list.vector[3]            0.0000000000 
# 
loop_
_struct_conf.conf_type_id 
_struct_conf.id 
_struct_conf.pdbx_PDB_helix_id 
_struct_conf.beg_label_comp_id 
_struct_conf.beg_label_asym_id 
_struct_conf.beg_label_seq_id 
_struct_conf.pdbx_beg_PDB_ins_code 
_struct_conf.end_label_comp_id 
_struct_conf.end_label_asym_id 
_struct_conf.end_label_seq_id 
_struct_conf.pdbx_end_PDB_ins_code 
_struct_conf.beg_auth_comp_id 
_struct_conf.beg_auth_asym_id 
_struct_conf.beg_auth_seq_id 
_struct_conf.end_auth_comp_id 
_struct_conf.end_auth_asym_id 
_struct_conf.end_auth_seq_id 
_struct_conf.pdbx_PDB_helix_class 
_struct_conf.details 
_struct_conf.pdbx_PDB_helix_length 
HELX_P HELX_P1  AA1 GLY A 27  ? ASN A 44  ? GLY A 7   ASN A 24  1 ? 18 
HELX_P HELX_P2  AA2 ASN A 44  ? ASN A 52  ? ASN A 24  ASN A 32  1 ? 9  
HELX_P HELX_P3  AA3 ASP A 60  ? ASN A 79  ? ASP A 40  ASN A 59  1 ? 20 
HELX_P HELX_P4  AA4 ASN A 83  ? ALA A 99  ? ASN A 63  ALA A 79  1 ? 17 
HELX_P HELX_P5  AA5 ARG A 100 ? GLU A 119 ? ARG A 80  GLU A 99  1 ? 20 
HELX_P HELX_P6  AA6 ASN A 125 ? ALA A 143 ? ASN A 105 ALA A 123 1 ? 19 
HELX_P HELX_P7  AA7 THR A 151 ? ASN A 168 ? THR A 131 ASN A 148 1 ? 18 
HELX_P HELX_P8  AA8 ASP A 172 ? THR A 191 ? ASP A 152 THR A 171 1 ? 20 
HELX_P HELX_P9  AA9 PRO A 192 ? LEU A 194 ? PRO A 172 LEU A 174 5 ? 3  
HELX_P HELX_P10 AB1 LEU A 195 ? GLY A 202 ? LEU A 175 GLY A 182 1 ? 8  
HELX_P HELX_P11 AB2 ASP A 205 ? GLY A 224 ? ASP A 185 GLY A 204 1 ? 20 
# 
_struct_conf_type.id          HELX_P 
_struct_conf_type.criteria    ? 
_struct_conf_type.reference   ? 
# 
_struct_sheet.id               AA1 
_struct_sheet.type             ? 
_struct_sheet.number_strands   2 
_struct_sheet.details          ? 
# 
_struct_sheet_order.sheet_id     AA1 
_struct_sheet_order.range_id_1   1 
_struct_sheet_order.range_id_2   2 
_struct_sheet_order.offset       ? 
_struct_sheet_order.sense        anti-parallel 
# 
loop_
_struct_sheet_range.sheet_id 
_struct_sheet_range.id 
_struct_sheet_range.beg_label_comp_id 
_struct_sheet_range.beg_label_asym_id 
_struct_sheet_range.beg_label_seq_id 
_struct_sheet_range.pdbx_beg_PDB_ins_code 
_struct_sheet_range.end_label_comp_id 
_struct_sheet_range.end_label_asym_id 
_struct_sheet_range.end_label_seq_id 
_struct_sheet_range.pdbx_end_PDB_ins_code 
_struct_sheet_range.beg_auth_comp_id 
_struct_sheet_range.beg_auth_asym_id 
_struct_sheet_range.beg_auth_seq_id 
_struct_sheet_range.end_auth_comp_id 
_struct_sheet_range.end_auth_asym_id 
_struct_sheet_range.end_auth_seq_id 
AA1 1 ILE A 25  ? ASN A 26  ? ILE A 5   ASN A 6   
AA1 2 GLU A 123 ? ILE A 124 ? GLU A 103 ILE A 104 
# 
_pdbx_struct_sheet_hbond.sheet_id                AA1 
_pdbx_struct_sheet_hbond.range_id_1              1 
_pdbx_struct_sheet_hbond.range_id_2              2 
_pdbx_struct_sheet_hbond.range_1_label_atom_id   N 
_pdbx_struct_sheet_hbond.range_1_label_comp_id   ILE 
_pdbx_struct_sheet_hbond.range_1_label_asym_id   A 
_pdbx_struct_sheet_hbond.range_1_label_seq_id    25 
_pdbx_struct_sheet_hbond.range_1_PDB_ins_code    ? 
_pdbx_struct_sheet_hbond.range_1_auth_atom_id    N 
_pdbx_struct_sheet_hbond.range_1_auth_comp_id    ILE 
_pdbx_struct_sheet_hbond.range_1_auth_asym_id    A 
_pdbx_struct_sheet_hbond.range_1_auth_seq_id     5 
_pdbx_struct_sheet_hbond.range_2_label_atom_id   O 
_pdbx_struct_sheet_hbond.range_2_label_comp_id   ILE 
_pdbx_struct_sheet_hbond.range_2_label_asym_id   A 
_pdbx_struct_sheet_hbond.range_2_label_seq_id    124 
_pdbx_struct_sheet_hbond.range_2_PDB_ins_code    ? 
_pdbx_struct_sheet_hbond.range_2_auth_atom_id    O 
_pdbx_struct_sheet_hbond.range_2_auth_comp_id    ILE 
_pdbx_struct_sheet_hbond.range_2_auth_asym_id    A 
_pdbx_struct_sheet_hbond.range_2_auth_seq_id     104 
# 
_pdbx_entry_details.entry_id                   8VIR 
_pdbx_entry_details.compound_details           ? 
_pdbx_entry_details.source_details             ? 
_pdbx_entry_details.nonpolymer_details         ? 
_pdbx_entry_details.sequence_details           ? 
_pdbx_entry_details.has_ligand_of_interest     ? 
_pdbx_entry_details.has_protein_modification   N 
# 
_pdbx_validate_torsion.id              1 
_pdbx_validate_torsion.PDB_model_num   1 
_pdbx_validate_torsion.auth_comp_id    LYS 
_pdbx_validate_torsion.auth_asym_id    A 
_pdbx_validate_torsion.auth_seq_id     126 
_pdbx_validate_torsion.PDB_ins_code    ? 
_pdbx_validate_torsion.label_alt_id    ? 
_pdbx_validate_torsion.phi             64.03 
_pdbx_validate_torsion.psi             81.77 
# 
loop_
_pdbx_unobs_or_zero_occ_residues.id 
_pdbx_unobs_or_zero_occ_residues.PDB_model_num 
_pdbx_unobs_or_zero_occ_residues.polymer_flag 
_pdbx_unobs_or_zero_occ_residues.occupancy_flag 
_pdbx_unobs_or_zero_occ_residues.auth_asym_id 
_pdbx_unobs_or_zero_occ_residues.auth_comp_id 
_pdbx_unobs_or_zero_occ_residues.auth_seq_id 
_pdbx_unobs_or_zero_occ_residues.PDB_ins_code 
_pdbx_unobs_or_zero_occ_residues.label_asym_id 
_pdbx_unobs_or_zero_occ_residues.label_comp_id 
_pdbx_unobs_or_zero_occ_residues.label_seq_id 
1  1 Y 1 A MET -19 ? A MET 1   
2  1 Y 1 A GLY -18 ? A GLY 2   
3  1 Y 1 A SER -17 ? A SER 3   
4  1 Y 1 A SER -16 ? A SER 4   
5  1 Y 1 A HIS -15 ? A HIS 5   
6  1 Y 1 A HIS -14 ? A HIS 6   
7  1 Y 1 A HIS -13 ? A HIS 7   
8  1 Y 1 A HIS -12 ? A HIS 8   
9  1 Y 1 A HIS -11 ? A HIS 9   
10 1 Y 1 A HIS -10 ? A HIS 10  
11 1 Y 1 A SER -9  ? A SER 11  
12 1 Y 1 A SER -8  ? A SER 12  
13 1 Y 1 A GLY -7  ? A GLY 13  
14 1 Y 1 A LEU -6  ? A LEU 14  
15 1 Y 1 A VAL -5  ? A VAL 15  
16 1 Y 1 A PRO -4  ? A PRO 16  
17 1 Y 1 A ARG -3  ? A ARG 17  
18 1 Y 1 A GLY -2  ? A GLY 18  
19 1 Y 1 A SER -1  ? A SER 19  
20 1 Y 1 A VAL 211 ? A VAL 231 
21 1 Y 1 A ALA 212 ? A ALA 232 
# 
loop_
_chem_comp_atom.comp_id 
_chem_comp_atom.atom_id 
_chem_comp_atom.type_symbol 
_chem_comp_atom.pdbx_aromatic_flag 
_chem_comp_atom.pdbx_stereo_config 
_chem_comp_atom.pdbx_ordinal 
ALA N    N N N 1   
ALA CA   C N S 2   
ALA C    C N N 3   
ALA O    O N N 4   
ALA CB   C N N 5   
ALA OXT  O N N 6   
ALA H    H N N 7   
ALA H2   H N N 8   
ALA HA   H N N 9   
ALA HB1  H N N 10  
ALA HB2  H N N 11  
ALA HB3  H N N 12  
ALA HXT  H N N 13  
ARG N    N N N 14  
ARG CA   C N S 15  
ARG C    C N N 16  
ARG O    O N N 17  
ARG CB   C N N 18  
ARG CG   C N N 19  
ARG CD   C N N 20  
ARG NE   N N N 21  
ARG CZ   C N N 22  
ARG NH1  N N N 23  
ARG NH2  N N N 24  
ARG OXT  O N N 25  
ARG H    H N N 26  
ARG H2   H N N 27  
ARG HA   H N N 28  
ARG HB2  H N N 29  
ARG HB3  H N N 30  
ARG HG2  H N N 31  
ARG HG3  H N N 32  
ARG HD2  H N N 33  
ARG HD3  H N N 34  
ARG HE   H N N 35  
ARG HH11 H N N 36  
ARG HH12 H N N 37  
ARG HH21 H N N 38  
ARG HH22 H N N 39  
ARG HXT  H N N 40  
ASN N    N N N 41  
ASN CA   C N S 42  
ASN C    C N N 43  
ASN O    O N N 44  
ASN CB   C N N 45  
ASN CG   C N N 46  
ASN OD1  O N N 47  
ASN ND2  N N N 48  
ASN OXT  O N N 49  
ASN H    H N N 50  
ASN H2   H N N 51  
ASN HA   H N N 52  
ASN HB2  H N N 53  
ASN HB3  H N N 54  
ASN HD21 H N N 55  
ASN HD22 H N N 56  
ASN HXT  H N N 57  
ASP N    N N N 58  
ASP CA   C N S 59  
ASP C    C N N 60  
ASP O    O N N 61  
ASP CB   C N N 62  
ASP CG   C N N 63  
ASP OD1  O N N 64  
ASP OD2  O N N 65  
ASP OXT  O N N 66  
ASP H    H N N 67  
ASP H2   H N N 68  
ASP HA   H N N 69  
ASP HB2  H N N 70  
ASP HB3  H N N 71  
ASP HD2  H N N 72  
ASP HXT  H N N 73  
CYS N    N N N 74  
CYS CA   C N R 75  
CYS C    C N N 76  
CYS O    O N N 77  
CYS CB   C N N 78  
CYS SG   S N N 79  
CYS OXT  O N N 80  
CYS H    H N N 81  
CYS H2   H N N 82  
CYS HA   H N N 83  
CYS HB2  H N N 84  
CYS HB3  H N N 85  
CYS HG   H N N 86  
CYS HXT  H N N 87  
GLN N    N N N 88  
GLN CA   C N S 89  
GLN C    C N N 90  
GLN O    O N N 91  
GLN CB   C N N 92  
GLN CG   C N N 93  
GLN CD   C N N 94  
GLN OE1  O N N 95  
GLN NE2  N N N 96  
GLN OXT  O N N 97  
GLN H    H N N 98  
GLN H2   H N N 99  
GLN HA   H N N 100 
GLN HB2  H N N 101 
GLN HB3  H N N 102 
GLN HG2  H N N 103 
GLN HG3  H N N 104 
GLN HE21 H N N 105 
GLN HE22 H N N 106 
GLN HXT  H N N 107 
GLU N    N N N 108 
GLU CA   C N S 109 
GLU C    C N N 110 
GLU O    O N N 111 
GLU CB   C N N 112 
GLU CG   C N N 113 
GLU CD   C N N 114 
GLU OE1  O N N 115 
GLU OE2  O N N 116 
GLU OXT  O N N 117 
GLU H    H N N 118 
GLU H2   H N N 119 
GLU HA   H N N 120 
GLU HB2  H N N 121 
GLU HB3  H N N 122 
GLU HG2  H N N 123 
GLU HG3  H N N 124 
GLU HE2  H N N 125 
GLU HXT  H N N 126 
GLY N    N N N 127 
GLY CA   C N N 128 
GLY C    C N N 129 
GLY O    O N N 130 
GLY OXT  O N N 131 
GLY H    H N N 132 
GLY H2   H N N 133 
GLY HA2  H N N 134 
GLY HA3  H N N 135 
GLY HXT  H N N 136 
HIS N    N N N 137 
HIS CA   C N S 138 
HIS C    C N N 139 
HIS O    O N N 140 
HIS CB   C N N 141 
HIS CG   C Y N 142 
HIS ND1  N Y N 143 
HIS CD2  C Y N 144 
HIS CE1  C Y N 145 
HIS NE2  N Y N 146 
HIS OXT  O N N 147 
HIS H    H N N 148 
HIS H2   H N N 149 
HIS HA   H N N 150 
HIS HB2  H N N 151 
HIS HB3  H N N 152 
HIS HD1  H N N 153 
HIS HD2  H N N 154 
HIS HE1  H N N 155 
HIS HE2  H N N 156 
HIS HXT  H N N 157 
HOH O    O N N 158 
HOH H1   H N N 159 
HOH H2   H N N 160 
ILE N    N N N 161 
ILE CA   C N S 162 
ILE C    C N N 163 
ILE O    O N N 164 
ILE CB   C N S 165 
ILE CG1  C N N 166 
ILE CG2  C N N 167 
ILE CD1  C N N 168 
ILE OXT  O N N 169 
ILE H    H N N 170 
ILE H2   H N N 171 
ILE HA   H N N 172 
ILE HB   H N N 173 
ILE HG12 H N N 174 
ILE HG13 H N N 175 
ILE HG21 H N N 176 
ILE HG22 H N N 177 
ILE HG23 H N N 178 
ILE HD11 H N N 179 
ILE HD12 H N N 180 
ILE HD13 H N N 181 
ILE HXT  H N N 182 
LEU N    N N N 183 
LEU CA   C N S 184 
LEU C    C N N 185 
LEU O    O N N 186 
LEU CB   C N N 187 
LEU CG   C N N 188 
LEU CD1  C N N 189 
LEU CD2  C N N 190 
LEU OXT  O N N 191 
LEU H    H N N 192 
LEU H2   H N N 193 
LEU HA   H N N 194 
LEU HB2  H N N 195 
LEU HB3  H N N 196 
LEU HG   H N N 197 
LEU HD11 H N N 198 
LEU HD12 H N N 199 
LEU HD13 H N N 200 
LEU HD21 H N N 201 
LEU HD22 H N N 202 
LEU HD23 H N N 203 
LEU HXT  H N N 204 
LYS N    N N N 205 
LYS CA   C N S 206 
LYS C    C N N 207 
LYS O    O N N 208 
LYS CB   C N N 209 
LYS CG   C N N 210 
LYS CD   C N N 211 
LYS CE   C N N 212 
LYS NZ   N N N 213 
LYS OXT  O N N 214 
LYS H    H N N 215 
LYS H2   H N N 216 
LYS HA   H N N 217 
LYS HB2  H N N 218 
LYS HB3  H N N 219 
LYS HG2  H N N 220 
LYS HG3  H N N 221 
LYS HD2  H N N 222 
LYS HD3  H N N 223 
LYS HE2  H N N 224 
LYS HE3  H N N 225 
LYS HZ1  H N N 226 
LYS HZ2  H N N 227 
LYS HZ3  H N N 228 
LYS HXT  H N N 229 
MET N    N N N 230 
MET CA   C N S 231 
MET C    C N N 232 
MET O    O N N 233 
MET CB   C N N 234 
MET CG   C N N 235 
MET SD   S N N 236 
MET CE   C N N 237 
MET OXT  O N N 238 
MET H    H N N 239 
MET H2   H N N 240 
MET HA   H N N 241 
MET HB2  H N N 242 
MET HB3  H N N 243 
MET HG2  H N N 244 
MET HG3  H N N 245 
MET HE1  H N N 246 
MET HE2  H N N 247 
MET HE3  H N N 248 
MET HXT  H N N 249 
PHE N    N N N 250 
PHE CA   C N S 251 
PHE C    C N N 252 
PHE O    O N N 253 
PHE CB   C N N 254 
PHE CG   C Y N 255 
PHE CD1  C Y N 256 
PHE CD2  C Y N 257 
PHE CE1  C Y N 258 
PHE CE2  C Y N 259 
PHE CZ   C Y N 260 
PHE OXT  O N N 261 
PHE H    H N N 262 
PHE H2   H N N 263 
PHE HA   H N N 264 
PHE HB2  H N N 265 
PHE HB3  H N N 266 
PHE HD1  H N N 267 
PHE HD2  H N N 268 
PHE HE1  H N N 269 
PHE HE2  H N N 270 
PHE HZ   H N N 271 
PHE HXT  H N N 272 
PRO N    N N N 273 
PRO CA   C N S 274 
PRO C    C N N 275 
PRO O    O N N 276 
PRO CB   C N N 277 
PRO CG   C N N 278 
PRO CD   C N N 279 
PRO OXT  O N N 280 
PRO H    H N N 281 
PRO HA   H N N 282 
PRO HB2  H N N 283 
PRO HB3  H N N 284 
PRO HG2  H N N 285 
PRO HG3  H N N 286 
PRO HD2  H N N 287 
PRO HD3  H N N 288 
PRO HXT  H N N 289 
SER N    N N N 290 
SER CA   C N S 291 
SER C    C N N 292 
SER O    O N N 293 
SER CB   C N N 294 
SER OG   O N N 295 
SER OXT  O N N 296 
SER H    H N N 297 
SER H2   H N N 298 
SER HA   H N N 299 
SER HB2  H N N 300 
SER HB3  H N N 301 
SER HG   H N N 302 
SER HXT  H N N 303 
THR N    N N N 304 
THR CA   C N S 305 
THR C    C N N 306 
THR O    O N N 307 
THR CB   C N R 308 
THR OG1  O N N 309 
THR CG2  C N N 310 
THR OXT  O N N 311 
THR H    H N N 312 
THR H2   H N N 313 
THR HA   H N N 314 
THR HB   H N N 315 
THR HG1  H N N 316 
THR HG21 H N N 317 
THR HG22 H N N 318 
THR HG23 H N N 319 
THR HXT  H N N 320 
TYR N    N N N 321 
TYR CA   C N S 322 
TYR C    C N N 323 
TYR O    O N N 324 
TYR CB   C N N 325 
TYR CG   C Y N 326 
TYR CD1  C Y N 327 
TYR CD2  C Y N 328 
TYR CE1  C Y N 329 
TYR CE2  C Y N 330 
TYR CZ   C Y N 331 
TYR OH   O N N 332 
TYR OXT  O N N 333 
TYR H    H N N 334 
TYR H2   H N N 335 
TYR HA   H N N 336 
TYR HB2  H N N 337 
TYR HB3  H N N 338 
TYR HD1  H N N 339 
TYR HD2  H N N 340 
TYR HE1  H N N 341 
TYR HE2  H N N 342 
TYR HH   H N N 343 
TYR HXT  H N N 344 
VAL N    N N N 345 
VAL CA   C N S 346 
VAL C    C N N 347 
VAL O    O N N 348 
VAL CB   C N N 349 
VAL CG1  C N N 350 
VAL CG2  C N N 351 
VAL OXT  O N N 352 
VAL H    H N N 353 
VAL H2   H N N 354 
VAL HA   H N N 355 
VAL HB   H N N 356 
VAL HG11 H N N 357 
VAL HG12 H N N 358 
VAL HG13 H N N 359 
VAL HG21 H N N 360 
VAL HG22 H N N 361 
VAL HG23 H N N 362 
VAL HXT  H N N 363 
# 
loop_
_chem_comp_bond.comp_id 
_chem_comp_bond.atom_id_1 
_chem_comp_bond.atom_id_2 
_chem_comp_bond.value_order 
_chem_comp_bond.pdbx_aromatic_flag 
_chem_comp_bond.pdbx_stereo_config 
_chem_comp_bond.pdbx_ordinal 
ALA N   CA   sing N N 1   
ALA N   H    sing N N 2   
ALA N   H2   sing N N 3   
ALA CA  C    sing N N 4   
ALA CA  CB   sing N N 5   
ALA CA  HA   sing N N 6   
ALA C   O    doub N N 7   
ALA C   OXT  sing N N 8   
ALA CB  HB1  sing N N 9   
ALA CB  HB2  sing N N 10  
ALA CB  HB3  sing N N 11  
ALA OXT HXT  sing N N 12  
ARG N   CA   sing N N 13  
ARG N   H    sing N N 14  
ARG N   H2   sing N N 15  
ARG CA  C    sing N N 16  
ARG CA  CB   sing N N 17  
ARG CA  HA   sing N N 18  
ARG C   O    doub N N 19  
ARG C   OXT  sing N N 20  
ARG CB  CG   sing N N 21  
ARG CB  HB2  sing N N 22  
ARG CB  HB3  sing N N 23  
ARG CG  CD   sing N N 24  
ARG CG  HG2  sing N N 25  
ARG CG  HG3  sing N N 26  
ARG CD  NE   sing N N 27  
ARG CD  HD2  sing N N 28  
ARG CD  HD3  sing N N 29  
ARG NE  CZ   sing N N 30  
ARG NE  HE   sing N N 31  
ARG CZ  NH1  sing N N 32  
ARG CZ  NH2  doub N N 33  
ARG NH1 HH11 sing N N 34  
ARG NH1 HH12 sing N N 35  
ARG NH2 HH21 sing N N 36  
ARG NH2 HH22 sing N N 37  
ARG OXT HXT  sing N N 38  
ASN N   CA   sing N N 39  
ASN N   H    sing N N 40  
ASN N   H2   sing N N 41  
ASN CA  C    sing N N 42  
ASN CA  CB   sing N N 43  
ASN CA  HA   sing N N 44  
ASN C   O    doub N N 45  
ASN C   OXT  sing N N 46  
ASN CB  CG   sing N N 47  
ASN CB  HB2  sing N N 48  
ASN CB  HB3  sing N N 49  
ASN CG  OD1  doub N N 50  
ASN CG  ND2  sing N N 51  
ASN ND2 HD21 sing N N 52  
ASN ND2 HD22 sing N N 53  
ASN OXT HXT  sing N N 54  
ASP N   CA   sing N N 55  
ASP N   H    sing N N 56  
ASP N   H2   sing N N 57  
ASP CA  C    sing N N 58  
ASP CA  CB   sing N N 59  
ASP CA  HA   sing N N 60  
ASP C   O    doub N N 61  
ASP C   OXT  sing N N 62  
ASP CB  CG   sing N N 63  
ASP CB  HB2  sing N N 64  
ASP CB  HB3  sing N N 65  
ASP CG  OD1  doub N N 66  
ASP CG  OD2  sing N N 67  
ASP OD2 HD2  sing N N 68  
ASP OXT HXT  sing N N 69  
CYS N   CA   sing N N 70  
CYS N   H    sing N N 71  
CYS N   H2   sing N N 72  
CYS CA  C    sing N N 73  
CYS CA  CB   sing N N 74  
CYS CA  HA   sing N N 75  
CYS C   O    doub N N 76  
CYS C   OXT  sing N N 77  
CYS CB  SG   sing N N 78  
CYS CB  HB2  sing N N 79  
CYS CB  HB3  sing N N 80  
CYS SG  HG   sing N N 81  
CYS OXT HXT  sing N N 82  
GLN N   CA   sing N N 83  
GLN N   H    sing N N 84  
GLN N   H2   sing N N 85  
GLN CA  C    sing N N 86  
GLN CA  CB   sing N N 87  
GLN CA  HA   sing N N 88  
GLN C   O    doub N N 89  
GLN C   OXT  sing N N 90  
GLN CB  CG   sing N N 91  
GLN CB  HB2  sing N N 92  
GLN CB  HB3  sing N N 93  
GLN CG  CD   sing N N 94  
GLN CG  HG2  sing N N 95  
GLN CG  HG3  sing N N 96  
GLN CD  OE1  doub N N 97  
GLN CD  NE2  sing N N 98  
GLN NE2 HE21 sing N N 99  
GLN NE2 HE22 sing N N 100 
GLN OXT HXT  sing N N 101 
GLU N   CA   sing N N 102 
GLU N   H    sing N N 103 
GLU N   H2   sing N N 104 
GLU CA  C    sing N N 105 
GLU CA  CB   sing N N 106 
GLU CA  HA   sing N N 107 
GLU C   O    doub N N 108 
GLU C   OXT  sing N N 109 
GLU CB  CG   sing N N 110 
GLU CB  HB2  sing N N 111 
GLU CB  HB3  sing N N 112 
GLU CG  CD   sing N N 113 
GLU CG  HG2  sing N N 114 
GLU CG  HG3  sing N N 115 
GLU CD  OE1  doub N N 116 
GLU CD  OE2  sing N N 117 
GLU OE2 HE2  sing N N 118 
GLU OXT HXT  sing N N 119 
GLY N   CA   sing N N 120 
GLY N   H    sing N N 121 
GLY N   H2   sing N N 122 
GLY CA  C    sing N N 123 
GLY CA  HA2  sing N N 124 
GLY CA  HA3  sing N N 125 
GLY C   O    doub N N 126 
GLY C   OXT  sing N N 127 
GLY OXT HXT  sing N N 128 
HIS N   CA   sing N N 129 
HIS N   H    sing N N 130 
HIS N   H2   sing N N 131 
HIS CA  C    sing N N 132 
HIS CA  CB   sing N N 133 
HIS CA  HA   sing N N 134 
HIS C   O    doub N N 135 
HIS C   OXT  sing N N 136 
HIS CB  CG   sing N N 137 
HIS CB  HB2  sing N N 138 
HIS CB  HB3  sing N N 139 
HIS CG  ND1  sing Y N 140 
HIS CG  CD2  doub Y N 141 
HIS ND1 CE1  doub Y N 142 
HIS ND1 HD1  sing N N 143 
HIS CD2 NE2  sing Y N 144 
HIS CD2 HD2  sing N N 145 
HIS CE1 NE2  sing Y N 146 
HIS CE1 HE1  sing N N 147 
HIS NE2 HE2  sing N N 148 
HIS OXT HXT  sing N N 149 
HOH O   H1   sing N N 150 
HOH O   H2   sing N N 151 
ILE N   CA   sing N N 152 
ILE N   H    sing N N 153 
ILE N   H2   sing N N 154 
ILE CA  C    sing N N 155 
ILE CA  CB   sing N N 156 
ILE CA  HA   sing N N 157 
ILE C   O    doub N N 158 
ILE C   OXT  sing N N 159 
ILE CB  CG1  sing N N 160 
ILE CB  CG2  sing N N 161 
ILE CB  HB   sing N N 162 
ILE CG1 CD1  sing N N 163 
ILE CG1 HG12 sing N N 164 
ILE CG1 HG13 sing N N 165 
ILE CG2 HG21 sing N N 166 
ILE CG2 HG22 sing N N 167 
ILE CG2 HG23 sing N N 168 
ILE CD1 HD11 sing N N 169 
ILE CD1 HD12 sing N N 170 
ILE CD1 HD13 sing N N 171 
ILE OXT HXT  sing N N 172 
LEU N   CA   sing N N 173 
LEU N   H    sing N N 174 
LEU N   H2   sing N N 175 
LEU CA  C    sing N N 176 
LEU CA  CB   sing N N 177 
LEU CA  HA   sing N N 178 
LEU C   O    doub N N 179 
LEU C   OXT  sing N N 180 
LEU CB  CG   sing N N 181 
LEU CB  HB2  sing N N 182 
LEU CB  HB3  sing N N 183 
LEU CG  CD1  sing N N 184 
LEU CG  CD2  sing N N 185 
LEU CG  HG   sing N N 186 
LEU CD1 HD11 sing N N 187 
LEU CD1 HD12 sing N N 188 
LEU CD1 HD13 sing N N 189 
LEU CD2 HD21 sing N N 190 
LEU CD2 HD22 sing N N 191 
LEU CD2 HD23 sing N N 192 
LEU OXT HXT  sing N N 193 
LYS N   CA   sing N N 194 
LYS N   H    sing N N 195 
LYS N   H2   sing N N 196 
LYS CA  C    sing N N 197 
LYS CA  CB   sing N N 198 
LYS CA  HA   sing N N 199 
LYS C   O    doub N N 200 
LYS C   OXT  sing N N 201 
LYS CB  CG   sing N N 202 
LYS CB  HB2  sing N N 203 
LYS CB  HB3  sing N N 204 
LYS CG  CD   sing N N 205 
LYS CG  HG2  sing N N 206 
LYS CG  HG3  sing N N 207 
LYS CD  CE   sing N N 208 
LYS CD  HD2  sing N N 209 
LYS CD  HD3  sing N N 210 
LYS CE  NZ   sing N N 211 
LYS CE  HE2  sing N N 212 
LYS CE  HE3  sing N N 213 
LYS NZ  HZ1  sing N N 214 
LYS NZ  HZ2  sing N N 215 
LYS NZ  HZ3  sing N N 216 
LYS OXT HXT  sing N N 217 
MET N   CA   sing N N 218 
MET N   H    sing N N 219 
MET N   H2   sing N N 220 
MET CA  C    sing N N 221 
MET CA  CB   sing N N 222 
MET CA  HA   sing N N 223 
MET C   O    doub N N 224 
MET C   OXT  sing N N 225 
MET CB  CG   sing N N 226 
MET CB  HB2  sing N N 227 
MET CB  HB3  sing N N 228 
MET CG  SD   sing N N 229 
MET CG  HG2  sing N N 230 
MET CG  HG3  sing N N 231 
MET SD  CE   sing N N 232 
MET CE  HE1  sing N N 233 
MET CE  HE2  sing N N 234 
MET CE  HE3  sing N N 235 
MET OXT HXT  sing N N 236 
PHE N   CA   sing N N 237 
PHE N   H    sing N N 238 
PHE N   H2   sing N N 239 
PHE CA  C    sing N N 240 
PHE CA  CB   sing N N 241 
PHE CA  HA   sing N N 242 
PHE C   O    doub N N 243 
PHE C   OXT  sing N N 244 
PHE CB  CG   sing N N 245 
PHE CB  HB2  sing N N 246 
PHE CB  HB3  sing N N 247 
PHE CG  CD1  doub Y N 248 
PHE CG  CD2  sing Y N 249 
PHE CD1 CE1  sing Y N 250 
PHE CD1 HD1  sing N N 251 
PHE CD2 CE2  doub Y N 252 
PHE CD2 HD2  sing N N 253 
PHE CE1 CZ   doub Y N 254 
PHE CE1 HE1  sing N N 255 
PHE CE2 CZ   sing Y N 256 
PHE CE2 HE2  sing N N 257 
PHE CZ  HZ   sing N N 258 
PHE OXT HXT  sing N N 259 
PRO N   CA   sing N N 260 
PRO N   CD   sing N N 261 
PRO N   H    sing N N 262 
PRO CA  C    sing N N 263 
PRO CA  CB   sing N N 264 
PRO CA  HA   sing N N 265 
PRO C   O    doub N N 266 
PRO C   OXT  sing N N 267 
PRO CB  CG   sing N N 268 
PRO CB  HB2  sing N N 269 
PRO CB  HB3  sing N N 270 
PRO CG  CD   sing N N 271 
PRO CG  HG2  sing N N 272 
PRO CG  HG3  sing N N 273 
PRO CD  HD2  sing N N 274 
PRO CD  HD3  sing N N 275 
PRO OXT HXT  sing N N 276 
SER N   CA   sing N N 277 
SER N   H    sing N N 278 
SER N   H2   sing N N 279 
SER CA  C    sing N N 280 
SER CA  CB   sing N N 281 
SER CA  HA   sing N N 282 
SER C   O    doub N N 283 
SER C   OXT  sing N N 284 
SER CB  OG   sing N N 285 
SER CB  HB2  sing N N 286 
SER CB  HB3  sing N N 287 
SER OG  HG   sing N N 288 
SER OXT HXT  sing N N 289 
THR N   CA   sing N N 290 
THR N   H    sing N N 291 
THR N   H2   sing N N 292 
THR CA  C    sing N N 293 
THR CA  CB   sing N N 294 
THR CA  HA   sing N N 295 
THR C   O    doub N N 296 
THR C   OXT  sing N N 297 
THR CB  OG1  sing N N 298 
THR CB  CG2  sing N N 299 
THR CB  HB   sing N N 300 
THR OG1 HG1  sing N N 301 
THR CG2 HG21 sing N N 302 
THR CG2 HG22 sing N N 303 
THR CG2 HG23 sing N N 304 
THR OXT HXT  sing N N 305 
TYR N   CA   sing N N 306 
TYR N   H    sing N N 307 
TYR N   H2   sing N N 308 
TYR CA  C    sing N N 309 
TYR CA  CB   sing N N 310 
TYR CA  HA   sing N N 311 
TYR C   O    doub N N 312 
TYR C   OXT  sing N N 313 
TYR CB  CG   sing N N 314 
TYR CB  HB2  sing N N 315 
TYR CB  HB3  sing N N 316 
TYR CG  CD1  doub Y N 317 
TYR CG  CD2  sing Y N 318 
TYR CD1 CE1  sing Y N 319 
TYR CD1 HD1  sing N N 320 
TYR CD2 CE2  doub Y N 321 
TYR CD2 HD2  sing N N 322 
TYR CE1 CZ   doub Y N 323 
TYR CE1 HE1  sing N N 324 
TYR CE2 CZ   sing Y N 325 
TYR CE2 HE2  sing N N 326 
TYR CZ  OH   sing N N 327 
TYR OH  HH   sing N N 328 
TYR OXT HXT  sing N N 329 
VAL N   CA   sing N N 330 
VAL N   H    sing N N 331 
VAL N   H2   sing N N 332 
VAL CA  C    sing N N 333 
VAL CA  CB   sing N N 334 
VAL CA  HA   sing N N 335 
VAL C   O    doub N N 336 
VAL C   OXT  sing N N 337 
VAL CB  CG1  sing N N 338 
VAL CB  CG2  sing N N 339 
VAL CB  HB   sing N N 340 
VAL CG1 HG11 sing N N 341 
VAL CG1 HG12 sing N N 342 
VAL CG1 HG13 sing N N 343 
VAL CG2 HG21 sing N N 344 
VAL CG2 HG22 sing N N 345 
VAL CG2 HG23 sing N N 346 
VAL OXT HXT  sing N N 347 
# 
_pdbx_audit_support.funding_organization   
'National Institutes of Health/National Institute of General Medical Sciences (NIH/NIGMS)' 
_pdbx_audit_support.country                'United States' 
_pdbx_audit_support.grant_number           'P30 GM110761' 
_pdbx_audit_support.ordinal                1 
# 
_pdbx_initial_refinement_model.id               1 
_pdbx_initial_refinement_model.entity_id_list   ? 
_pdbx_initial_refinement_model.type             'experimental model' 
_pdbx_initial_refinement_model.source_name      PDB 
_pdbx_initial_refinement_model.accession_code   8VIP 
_pdbx_initial_refinement_model.details          ? 
# 
_atom_sites.entry_id                    8VIR 
_atom_sites.Cartn_transf_matrix[1][1]   ? 
_atom_sites.Cartn_transf_matrix[1][2]   ? 
_atom_sites.Cartn_transf_matrix[1][3]   ? 
_atom_sites.Cartn_transf_matrix[2][1]   ? 
_atom_sites.Cartn_transf_matrix[2][2]   ? 
_atom_sites.Cartn_transf_matrix[2][3]   ? 
_atom_sites.Cartn_transf_matrix[3][1]   ? 
_atom_sites.Cartn_transf_matrix[3][2]   ? 
_atom_sites.Cartn_transf_matrix[3][3]   ? 
_atom_sites.Cartn_transf_vector[1]      ? 
_atom_sites.Cartn_transf_vector[2]      ? 
_atom_sites.Cartn_transf_vector[3]      ? 
_atom_sites.Cartn_transform_axes        ? 
_atom_sites.fract_transf_matrix[1][1]   0.01204912 
_atom_sites.fract_transf_matrix[1][2]   0.01583453 
_atom_sites.fract_transf_matrix[1][3]   -0.01302573 
_atom_sites.fract_transf_matrix[2][1]   -0.01416969 
_atom_sites.fract_transf_matrix[2][2]   -0.00191062 
_atom_sites.fract_transf_matrix[2][3]   -0.01542993 
_atom_sites.fract_transf_matrix[3][1]   -0.00577195 
_atom_sites.fract_transf_matrix[3][2]   0.00794328 
_atom_sites.fract_transf_matrix[3][3]   0.00431694 
_atom_sites.fract_transf_vector[1]      0.293219 
_atom_sites.fract_transf_vector[2]      0.040943 
_atom_sites.fract_transf_vector[3]      0.140952 
_atom_sites.solution_primary            ? 
_atom_sites.solution_secondary          ? 
_atom_sites.solution_hydrogens          ? 
_atom_sites.special_details             ? 
# 
loop_
_atom_type.symbol 
C 
N 
O 
S 
# 
loop_
_atom_site.group_PDB 
_atom_site.id 
_atom_site.type_symbol 
_atom_site.label_atom_id 
_atom_site.label_alt_id 
_atom_site.label_comp_id 
_atom_site.label_asym_id 
_atom_site.label_entity_id 
_atom_site.label_seq_id 
_atom_site.pdbx_PDB_ins_code 
_atom_site.Cartn_x 
_atom_site.Cartn_y 
_atom_site.Cartn_z 
_atom_site.occupancy 
_atom_site.B_iso_or_equiv 
_atom_site.pdbx_formal_charge 
_atom_site.auth_seq_id 
_atom_site.auth_comp_id 
_atom_site.auth_asym_id 
_atom_site.auth_atom_id 
_atom_site.pdbx_PDB_model_num 
ATOM   1    N N   . HIS A 1 20  ? 4.415   -23.150 6.166   1.00 27.47 ? 0   HIS A N   1 
ATOM   2    C CA  . HIS A 1 20  ? 5.339   -21.973 6.307   1.00 30.74 ? 0   HIS A CA  1 
ATOM   3    C C   . HIS A 1 20  ? 4.580   -20.814 6.951   1.00 35.82 ? 0   HIS A C   1 
ATOM   4    O O   . HIS A 1 20  ? 3.391   -20.637 6.693   1.00 32.54 ? 0   HIS A O   1 
ATOM   5    C CB  . HIS A 1 20  ? 5.902   -21.545 4.955   1.00 26.16 ? 0   HIS A CB  1 
ATOM   6    N N   . MET A 1 21  ? 5.252   -20.014 7.777   1.00 33.22 ? 1   MET A N   1 
ATOM   7    C CA  . MET A 1 21  ? 4.558   -18.947 8.480   1.00 28.57 ? 1   MET A CA  1 
ATOM   8    C C   . MET A 1 21  ? 5.551   -17.874 8.872   1.00 30.12 ? 1   MET A C   1 
ATOM   9    O O   . MET A 1 21  ? 6.761   -18.103 8.937   1.00 29.91 ? 1   MET A O   1 
ATOM   10   C CB  . MET A 1 21  ? 3.838   -19.485 9.715   1.00 37.46 ? 1   MET A CB  1 
ATOM   11   C CG  . MET A 1 21  ? 4.739   -20.320 10.608  1.00 36.38 ? 1   MET A CG  1 
ATOM   12   S SD  . MET A 1 21  ? 4.136   -20.338 12.290  1.00 71.25 ? 1   MET A SD  1 
ATOM   13   C CE  . MET A 1 21  ? 4.319   -18.598 12.760  1.00 41.83 ? 1   MET A CE  1 
ATOM   14   N N   . ILE A 1 22  ? 5.005   -16.701 9.156   1.00 22.78 ? 2   ILE A N   1 
ATOM   15   C CA  . ILE A 1 22  ? 5.765   -15.509 9.517   1.00 26.49 ? 2   ILE A CA  1 
ATOM   16   C C   . ILE A 1 22  ? 5.171   -14.999 10.823  1.00 31.26 ? 2   ILE A C   1 
ATOM   17   O O   . ILE A 1 22  ? 4.014   -14.563 10.849  1.00 28.07 ? 2   ILE A O   1 
ATOM   18   C CB  . ILE A 1 22  ? 5.694   -14.417 8.439   1.00 29.36 ? 2   ILE A CB  1 
ATOM   19   C CG1 . ILE A 1 22  ? 6.187   -14.933 7.084   1.00 27.06 ? 2   ILE A CG1 1 
ATOM   20   C CG2 . ILE A 1 22  ? 6.478   -13.219 8.882   1.00 29.44 ? 2   ILE A CG2 1 
ATOM   21   C CD1 . ILE A 1 22  ? 7.646   -14.880 6.943   1.00 32.03 ? 2   ILE A CD1 1 
ATOM   22   N N   . SER A 1 23  ? 5.937   -15.083 11.908  1.00 36.67 ? 3   SER A N   1 
ATOM   23   C CA  . SER A 1 23  ? 5.465   -14.546 13.177  1.00 30.52 ? 3   SER A CA  1 
ATOM   24   C C   . SER A 1 23  ? 5.940   -13.125 13.373  1.00 29.31 ? 3   SER A C   1 
ATOM   25   O O   . SER A 1 23  ? 5.199   -12.315 13.926  1.00 35.23 ? 3   SER A O   1 
ATOM   26   C CB  . SER A 1 23  ? 5.922   -15.424 14.351  1.00 36.95 ? 3   SER A CB  1 
ATOM   27   O OG  . SER A 1 23  ? 7.340   -15.521 14.400  1.00 41.26 ? 3   SER A OG  1 
ATOM   28   N N   . LYS A 1 24  ? 7.142   -12.802 12.905  1.00 22.59 ? 4   LYS A N   1 
ATOM   29   C CA  . LYS A 1 24  ? 7.736   -11.491 13.096  1.00 31.93 ? 4   LYS A CA  1 
ATOM   30   C C   . LYS A 1 24  ? 8.291   -10.990 11.763  1.00 33.56 ? 4   LYS A C   1 
ATOM   31   O O   . LYS A 1 24  ? 8.784   -11.764 10.942  1.00 28.28 ? 4   LYS A O   1 
ATOM   32   C CB  . LYS A 1 24  ? 8.845   -11.517 14.179  1.00 33.32 ? 4   LYS A CB  1 
ATOM   33   N N   . ILE A 1 25  ? 8.213   -9.674  11.570  1.00 31.50 ? 5   ILE A N   1 
ATOM   34   C CA  . ILE A 1 25  ? 8.731   -9.002  10.390  1.00 24.20 ? 5   ILE A CA  1 
ATOM   35   C C   . ILE A 1 25  ? 9.818   -8.022  10.841  1.00 28.65 ? 5   ILE A C   1 
ATOM   36   O O   . ILE A 1 25  ? 9.525   -7.063  11.567  1.00 24.90 ? 5   ILE A O   1 
ATOM   37   C CB  . ILE A 1 25  ? 7.610   -8.275  9.633   1.00 22.78 ? 5   ILE A CB  1 
ATOM   38   C CG1 . ILE A 1 25  ? 6.554   -9.270  9.149   1.00 27.41 ? 5   ILE A CG1 1 
ATOM   39   C CG2 . ILE A 1 25  ? 8.180   -7.512  8.444   1.00 24.37 ? 5   ILE A CG2 1 
ATOM   40   C CD1 . ILE A 1 25  ? 5.275   -8.591  8.488   1.00 26.99 ? 5   ILE A CD1 1 
ATOM   41   N N   . ASN A 1 26  ? 11.074  -8.249  10.411  1.00 24.75 ? 6   ASN A N   1 
ATOM   42   C CA  . ASN A 1 26  ? 12.157  -7.309  10.705  1.00 28.09 ? 6   ASN A CA  1 
ATOM   43   C C   . ASN A 1 26  ? 12.433  -6.401  9.498   1.00 24.58 ? 6   ASN A C   1 
ATOM   44   O O   . ASN A 1 26  ? 11.713  -6.408  8.497   1.00 27.05 ? 6   ASN A O   1 
ATOM   45   C CB  . ASN A 1 26  ? 13.413  -8.064  11.147  1.00 34.80 ? 6   ASN A CB  1 
ATOM   46   C CG  . ASN A 1 26  ? 13.949  -8.975  10.076  1.00 33.51 ? 6   ASN A CG  1 
ATOM   47   O OD1 . ASN A 1 26  ? 13.901  -8.657  8.886   1.00 29.13 ? 6   ASN A OD1 1 
ATOM   48   N ND2 . ASN A 1 26  ? 14.449  -10.127 10.490  1.00 37.69 ? 6   ASN A ND2 1 
ATOM   49   N N   . GLY A 1 27  ? 13.492  -5.601  9.587   1.00 25.82 ? 7   GLY A N   1 
ATOM   50   C CA  . GLY A 1 27  ? 13.791  -4.666  8.516   1.00 21.99 ? 7   GLY A CA  1 
ATOM   51   C C   . GLY A 1 27  ? 14.138  -5.339  7.205   1.00 27.24 ? 7   GLY A C   1 
ATOM   52   O O   . GLY A 1 27  ? 13.874  -4.784  6.126   1.00 24.01 ? 7   GLY A O   1 
ATOM   53   N N   . LYS A 1 28  ? 14.749  -6.526  7.268   1.00 25.04 ? 8   LYS A N   1 
ATOM   54   C CA  . LYS A 1 28  ? 15.118  -7.227  6.041   1.00 31.11 ? 8   LYS A CA  1 
ATOM   55   C C   . LYS A 1 28  ? 13.880  -7.692  5.295   1.00 24.99 ? 8   LYS A C   1 
ATOM   56   O O   . LYS A 1 28  ? 13.759  -7.503  4.075   1.00 28.23 ? 8   LYS A O   1 
ATOM   57   C CB  . LYS A 1 28  ? 16.024  -8.421  6.351   1.00 32.78 ? 8   LYS A CB  1 
ATOM   58   C CG  . LYS A 1 28  ? 16.481  -9.186  5.096   1.00 30.35 ? 8   LYS A CG  1 
ATOM   59   N N   . LEU A 1 29  ? 12.933  -8.294  6.010   1.00 26.29 ? 9   LEU A N   1 
ATOM   60   C CA  . LEU A 1 29  ? 11.707  -8.742  5.352   1.00 24.67 ? 9   LEU A CA  1 
ATOM   61   C C   . LEU A 1 29  ? 10.838  -7.560  4.910   1.00 25.29 ? 9   LEU A C   1 
ATOM   62   O O   . LEU A 1 29  ? 10.230  -7.599  3.830   1.00 24.87 ? 9   LEU A O   1 
ATOM   63   C CB  . LEU A 1 29  ? 10.923  -9.669  6.278   1.00 24.22 ? 9   LEU A CB  1 
ATOM   64   C CG  . LEU A 1 29  ? 9.615   -10.210 5.654   1.00 26.51 ? 9   LEU A CG  1 
ATOM   65   C CD1 . LEU A 1 29  ? 9.858   -10.862 4.278   1.00 24.86 ? 9   LEU A CD1 1 
ATOM   66   C CD2 . LEU A 1 29  ? 8.940   -11.181 6.601   1.00 25.89 ? 9   LEU A CD2 1 
ATOM   67   N N   . PHE A 1 30  ? 10.769  -6.496  5.717   1.00 26.37 ? 10  PHE A N   1 
ATOM   68   C CA  . PHE A 1 30  ? 9.991   -5.324  5.303   1.00 23.25 ? 10  PHE A CA  1 
ATOM   69   C C   . PHE A 1 30  ? 10.576  -4.709  4.025   1.00 22.56 ? 10  PHE A C   1 
ATOM   70   O O   . PHE A 1 30  ? 9.840   -4.378  3.073   1.00 19.32 ? 10  PHE A O   1 
ATOM   71   C CB  . PHE A 1 30  ? 9.948   -4.331  6.461   1.00 21.35 ? 10  PHE A CB  1 
ATOM   72   C CG  . PHE A 1 30  ? 9.011   -3.161  6.245   1.00 23.28 ? 10  PHE A CG  1 
ATOM   73   C CD1 . PHE A 1 30  ? 7.807   -3.326  5.574   1.00 26.20 ? 10  PHE A CD1 1 
ATOM   74   C CD2 . PHE A 1 30  ? 9.338   -1.883  6.749   1.00 25.08 ? 10  PHE A CD2 1 
ATOM   75   C CE1 . PHE A 1 30  ? 6.953   -2.225  5.380   1.00 22.20 ? 10  PHE A CE1 1 
ATOM   76   C CE2 . PHE A 1 30  ? 8.496   -0.794  6.554   1.00 28.13 ? 10  PHE A CE2 1 
ATOM   77   C CZ  . PHE A 1 30  ? 7.303   -0.964  5.885   1.00 25.39 ? 10  PHE A CZ  1 
ATOM   78   N N   . ALA A 1 31  ? 11.907  -4.604  3.963   1.00 23.16 ? 11  ALA A N   1 
ATOM   79   C CA  . ALA A 1 31  ? 12.572  -4.128  2.756   1.00 21.98 ? 11  ALA A CA  1 
ATOM   80   C C   . ALA A 1 31  ? 12.154  -4.959  1.563   1.00 22.93 ? 11  ALA A C   1 
ATOM   81   O O   . ALA A 1 31  ? 11.871  -4.427  0.493   1.00 23.91 ? 11  ALA A O   1 
ATOM   82   C CB  . ALA A 1 31  ? 14.096  -4.187  2.903   1.00 26.21 ? 11  ALA A CB  1 
ATOM   83   N N   . ASP A 1 32  ? 12.127  -6.274  1.726   1.00 25.63 ? 12  ASP A N   1 
ATOM   84   C CA  . ASP A 1 32  ? 11.712  -7.124  0.615   1.00 25.30 ? 12  ASP A CA  1 
ATOM   85   C C   . ASP A 1 32  ? 10.245  -6.886  0.250   1.00 25.26 ? 12  ASP A C   1 
ATOM   86   O O   . ASP A 1 32  ? 9.891   -6.833  -0.938  1.00 24.68 ? 12  ASP A O   1 
ATOM   87   C CB  . ASP A 1 32  ? 11.970  -8.586  0.964   1.00 28.94 ? 12  ASP A CB  1 
ATOM   88   C CG  . ASP A 1 32  ? 11.854  -9.503  -0.269  1.00 36.28 ? 12  ASP A CG  1 
ATOM   89   O OD1 . ASP A 1 32  ? 12.376  -9.133  -1.349  1.00 34.63 ? 12  ASP A OD1 1 
ATOM   90   O OD2 . ASP A 1 32  ? 11.229  -10.579 -0.167  1.00 40.85 ? 12  ASP A OD2 1 
ATOM   91   N N   . MET A 1 33  ? 9.374   -6.714  1.251   1.00 20.42 ? 13  MET A N   1 
ATOM   92   C CA  . MET A 1 33  ? 7.981   -6.378  0.951   1.00 22.50 ? 13  MET A CA  1 
ATOM   93   C C   . MET A 1 33  ? 7.888   -5.098  0.116   1.00 20.69 ? 13  MET A C   1 
ATOM   94   O O   . MET A 1 33  ? 7.101   -5.010  -0.836  1.00 20.67 ? 13  MET A O   1 
ATOM   95   C CB  . MET A 1 33  ? 7.188   -6.224  2.270   1.00 19.91 ? 13  MET A CB  1 
ATOM   96   C CG  . MET A 1 33  ? 7.094   -7.488  3.105   1.00 19.27 ? 13  MET A CG  1 
ATOM   97   S SD  . MET A 1 33  ? 6.540   -7.213  4.808   1.00 23.40 ? 13  MET A SD  1 
ATOM   98   C CE  . MET A 1 33  ? 4.824   -6.822  4.564   1.00 26.21 ? 13  MET A CE  1 
ATOM   99   N N   . ILE A 1 34  ? 8.652   -4.076  0.499   1.00 20.67 ? 14  ILE A N   1 
ATOM   100  C CA  . ILE A 1 34  ? 8.672   -2.806  -0.218  1.00 19.53 ? 14  ILE A CA  1 
ATOM   101  C C   . ILE A 1 34  ? 9.129   -3.025  -1.657  1.00 19.49 ? 14  ILE A C   1 
ATOM   102  O O   . ILE A 1 34  ? 8.539   -2.490  -2.602  1.00 18.70 ? 14  ILE A O   1 
ATOM   103  C CB  . ILE A 1 34  ? 9.572   -1.805  0.541   1.00 19.33 ? 14  ILE A CB  1 
ATOM   104  C CG1 . ILE A 1 34  ? 8.858   -1.333  1.828   1.00 21.72 ? 14  ILE A CG1 1 
ATOM   105  C CG2 . ILE A 1 34  ? 9.934   -0.639  -0.297  1.00 19.14 ? 14  ILE A CG2 1 
ATOM   106  C CD1 . ILE A 1 34  ? 9.822   -0.978  2.963   1.00 25.91 ? 14  ILE A CD1 1 
ATOM   107  N N   . ILE A 1 35  ? 10.173  -3.830  -1.843  1.00 22.64 ? 15  ILE A N   1 
ATOM   108  C CA  . ILE A 1 35  ? 10.734  -4.038  -3.174  1.00 21.24 ? 15  ILE A CA  1 
ATOM   109  C C   . ILE A 1 35  ? 9.743   -4.772  -4.080  1.00 20.15 ? 15  ILE A C   1 
ATOM   110  O O   . ILE A 1 35  ? 9.532   -4.389  -5.236  1.00 22.38 ? 15  ILE A O   1 
ATOM   111  C CB  . ILE A 1 35  ? 12.065  -4.802  -3.064  1.00 24.71 ? 15  ILE A CB  1 
ATOM   112  C CG1 . ILE A 1 35  ? 13.122  -3.907  -2.427  1.00 28.38 ? 15  ILE A CG1 1 
ATOM   113  C CG2 . ILE A 1 35  ? 12.508  -5.264  -4.440  1.00 27.32 ? 15  ILE A CG2 1 
ATOM   114  C CD1 . ILE A 1 35  ? 14.237  -4.671  -1.710  1.00 31.33 ? 15  ILE A CD1 1 
ATOM   115  N N   . GLN A 1 36  ? 9.162   -5.859  -3.592  1.00 22.44 ? 16  GLN A N   1 
ATOM   116  C CA  . GLN A 1 36  ? 8.244   -6.624  -4.413  1.00 21.43 ? 16  GLN A CA  1 
ATOM   117  C C   . GLN A 1 36  ? 6.963   -5.838  -4.637  1.00 21.84 ? 16  GLN A C   1 
ATOM   118  O O   . GLN A 1 36  ? 6.380   -5.889  -5.718  1.00 20.18 ? 16  GLN A O   1 
ATOM   119  C CB  . GLN A 1 36  ? 7.941   -7.966  -3.761  1.00 21.08 ? 16  GLN A CB  1 
ATOM   120  C CG  . GLN A 1 36  ? 9.188   -8.852  -3.536  1.00 22.00 ? 16  GLN A CG  1 
ATOM   121  C CD  . GLN A 1 36  ? 10.140  -8.893  -4.720  1.00 28.08 ? 16  GLN A CD  1 
ATOM   122  O OE1 . GLN A 1 36  ? 9.732   -8.932  -5.879  1.00 25.94 ? 16  GLN A OE1 1 
ATOM   123  N NE2 . GLN A 1 36  ? 11.442  -8.880  -4.419  1.00 33.79 ? 16  GLN A NE2 1 
ATOM   124  N N   . GLY A 1 37  ? 6.533   -5.085  -3.635  1.00 18.94 ? 17  GLY A N   1 
ATOM   125  C CA  . GLY A 1 37  ? 5.332   -4.267  -3.810  1.00 16.94 ? 17  GLY A CA  1 
ATOM   126  C C   . GLY A 1 37  ? 5.548   -3.208  -4.867  1.00 20.14 ? 17  GLY A C   1 
ATOM   127  O O   . GLY A 1 37  ? 4.708   -3.010  -5.750  1.00 20.81 ? 17  GLY A O   1 
ATOM   128  N N   . ALA A 1 38  ? 6.702   -2.533  -4.800  1.00 16.79 ? 18  ALA A N   1 
ATOM   129  C CA  . ALA A 1 38  ? 7.068   -1.524  -5.792  1.00 19.70 ? 18  ALA A CA  1 
ATOM   130  C C   . ALA A 1 38  ? 7.174   -2.139  -7.188  1.00 22.22 ? 18  ALA A C   1 
ATOM   131  O O   . ALA A 1 38  ? 6.635   -1.599  -8.162  1.00 23.57 ? 18  ALA A O   1 
ATOM   132  C CB  . ALA A 1 38  ? 8.381   -0.847  -5.397  1.00 22.28 ? 18  ALA A CB  1 
ATOM   133  N N   . GLN A 1 39  ? 7.827   -3.293  -7.303  1.00 22.06 ? 19  GLN A N   1 
ATOM   134  C CA  . GLN A 1 39  ? 7.954   -3.910  -8.628  1.00 19.24 ? 19  GLN A CA  1 
ATOM   135  C C   . GLN A 1 39  ? 6.598   -4.324  -9.182  1.00 20.67 ? 19  GLN A C   1 
ATOM   136  O O   . GLN A 1 39  ? 6.321   -4.140  -10.370 1.00 22.18 ? 19  GLN A O   1 
ATOM   137  C CB  . GLN A 1 39  ? 8.885   -5.113  -8.565  1.00 28.20 ? 19  GLN A CB  1 
ATOM   138  C CG  . GLN A 1 39  ? 9.204   -5.670  -9.962  1.00 23.78 ? 19  GLN A CG  1 
ATOM   139  C CD  . GLN A 1 39  ? 9.942   -4.672  -10.849 1.00 25.09 ? 19  GLN A CD  1 
ATOM   140  O OE1 . GLN A 1 39  ? 11.033  -4.207  -10.507 1.00 24.18 ? 19  GLN A OE1 1 
ATOM   141  N NE2 . GLN A 1 39  ? 9.340   -4.329  -11.984 1.00 33.96 ? 19  GLN A NE2 1 
ATOM   142  N N   . ASN A 1 40  ? 5.731   -4.881  -8.343  1.00 19.91 ? 20  ASN A N   1 
ATOM   143  C CA  . ASN A 1 40  ? 4.427   -5.286  -8.839  1.00 20.71 ? 20  ASN A CA  1 
ATOM   144  C C   . ASN A 1 40  ? 3.639   -4.081  -9.319  1.00 22.55 ? 20  ASN A C   1 
ATOM   145  O O   . ASN A 1 40  ? 2.921   -4.157  -10.328 1.00 20.94 ? 20  ASN A O   1 
ATOM   146  C CB  . ASN A 1 40  ? 3.664   -6.011  -7.739  1.00 25.30 ? 20  ASN A CB  1 
ATOM   147  C CG  . ASN A 1 40  ? 2.528   -6.873  -8.293  1.00 30.82 ? 20  ASN A CG  1 
ATOM   148  O OD1 . ASN A 1 40  ? 2.716   -7.613  -9.259  1.00 29.33 ? 20  ASN A OD1 1 
ATOM   149  N ND2 . ASN A 1 40  ? 1.353   -6.786  -7.675  1.00 22.91 ? 20  ASN A ND2 1 
ATOM   150  N N   . LEU A 1 41  ? 3.720   -2.974  -8.569  1.00 19.23 ? 21  LEU A N   1 
ATOM   151  C CA  . LEU A 1 41  ? 3.059   -1.738  -8.979  1.00 23.89 ? 21  LEU A CA  1 
ATOM   152  C C   . LEU A 1 41  ? 3.665   -1.218  -10.276 1.00 22.95 ? 21  LEU A C   1 
ATOM   153  O O   . LEU A 1 41  ? 2.942   -0.817  -11.197 1.00 22.20 ? 21  LEU A O   1 
ATOM   154  C CB  . LEU A 1 41  ? 3.179   -0.697  -7.852  1.00 19.73 ? 21  LEU A CB  1 
ATOM   155  C CG  . LEU A 1 41  ? 2.725   0.720   -8.239  1.00 21.33 ? 21  LEU A CG  1 
ATOM   156  C CD1 . LEU A 1 41  ? 1.262   0.693   -8.620  1.00 24.80 ? 21  LEU A CD1 1 
ATOM   157  C CD2 . LEU A 1 41  ? 2.974   1.721   -7.111  1.00 26.44 ? 21  LEU A CD2 1 
ATOM   158  N N   . SER A 1 42  ? 5.000   -1.254  -10.378 1.00 21.31 ? 22  SER A N   1 
ATOM   159  C CA  A SER A 1 42  ? 5.644   -0.819  -11.613 0.50 21.59 ? 22  SER A CA  1 
ATOM   160  C CA  B SER A 1 42  ? 5.674   -0.845  -11.610 0.50 21.78 ? 22  SER A CA  1 
ATOM   161  C C   . SER A 1 42  ? 5.193   -1.655  -12.806 1.00 21.86 ? 22  SER A C   1 
ATOM   162  O O   . SER A 1 42  ? 4.976   -1.112  -13.898 1.00 23.33 ? 22  SER A O   1 
ATOM   163  C CB  A SER A 1 42  ? 7.160   -0.868  -11.469 0.50 21.76 ? 22  SER A CB  1 
ATOM   164  C CB  B SER A 1 42  ? 7.186   -1.007  -11.467 0.50 21.77 ? 22  SER A CB  1 
ATOM   165  O OG  A SER A 1 42  ? 7.771   -0.223  -12.576 0.50 24.09 ? 22  SER A OG  1 
ATOM   166  O OG  B SER A 1 42  ? 7.708   -0.228  -10.414 0.50 21.14 ? 22  SER A OG  1 
ATOM   167  N N   . ASN A 1 43  ? 5.048   -2.966  -12.630 1.00 25.19 ? 23  ASN A N   1 
ATOM   168  C CA  . ASN A 1 43  ? 4.580   -3.787  -13.749 1.00 23.46 ? 23  ASN A CA  1 
ATOM   169  C C   . ASN A 1 43  ? 3.174   -3.402  -14.191 1.00 26.45 ? 23  ASN A C   1 
ATOM   170  O O   . ASN A 1 43  ? 2.812   -3.585  -15.360 1.00 29.56 ? 23  ASN A O   1 
ATOM   171  C CB  . ASN A 1 43  ? 4.594   -5.249  -13.349 1.00 25.41 ? 23  ASN A CB  1 
ATOM   172  C CG  . ASN A 1 43  ? 5.994   -5.811  -13.218 1.00 24.22 ? 23  ASN A CG  1 
ATOM   173  O OD1 . ASN A 1 43  ? 6.982   -5.195  -13.603 1.00 23.17 ? 23  ASN A OD1 1 
ATOM   174  N ND2 . ASN A 1 43  ? 6.076   -6.992  -12.646 1.00 24.25 ? 23  ASN A ND2 1 
ATOM   175  N N   . ASN A 1 44  ? 2.346   -2.929  -13.276 1.00 23.60 ? 24  ASN A N   1 
ATOM   176  C CA  . ASN A 1 44  ? 0.957   -2.610  -13.576 1.00 20.83 ? 24  ASN A CA  1 
ATOM   177  C C   . ASN A 1 44  ? 0.710   -1.119  -13.724 1.00 26.80 ? 24  ASN A C   1 
ATOM   178  O O   . ASN A 1 44  ? -0.447  -0.696  -13.761 1.00 26.98 ? 24  ASN A O   1 
ATOM   179  C CB  . ASN A 1 44  ? 0.034   -3.169  -12.480 1.00 23.33 ? 24  ASN A CB  1 
ATOM   180  C CG  . ASN A 1 44  ? -0.061  -4.674  -12.522 1.00 29.17 ? 24  ASN A CG  1 
ATOM   181  O OD1 . ASN A 1 44  ? -0.738  -5.247  -13.378 1.00 32.71 ? 24  ASN A OD1 1 
ATOM   182  N ND2 . ASN A 1 44  ? 0.631   -5.329  -11.611 1.00 29.24 ? 24  ASN A ND2 1 
ATOM   183  N N   . ALA A 1 45  ? 1.757   -0.315  -13.870 1.00 25.01 ? 25  ALA A N   1 
ATOM   184  C CA  . ALA A 1 45  ? 1.554   1.129   -13.857 1.00 21.71 ? 25  ALA A CA  1 
ATOM   185  C C   . ALA A 1 45  ? 0.792   1.599   -15.090 1.00 27.38 ? 25  ALA A C   1 
ATOM   186  O O   . ALA A 1 45  ? -0.059  2.499   -15.000 1.00 21.40 ? 25  ALA A O   1 
ATOM   187  C CB  . ALA A 1 45  ? 2.895   1.840   -13.744 1.00 24.68 ? 25  ALA A CB  1 
ATOM   188  N N   . ASP A 1 46  ? 1.085   1.020   -16.254 1.00 24.62 ? 26  ASP A N   1 
ATOM   189  C CA  . ASP A 1 46  ? 0.342   1.403   -17.451 1.00 29.14 ? 26  ASP A CA  1 
ATOM   190  C C   . ASP A 1 46  ? -1.116  0.973   -17.346 1.00 28.65 ? 26  ASP A C   1 
ATOM   191  O O   . ASP A 1 46  ? -2.023  1.705   -17.765 1.00 22.50 ? 26  ASP A O   1 
ATOM   192  C CB  . ASP A 1 46  ? 0.970   0.790   -18.704 1.00 27.65 ? 26  ASP A CB  1 
ATOM   193  C CG  . ASP A 1 46  ? 2.373   1.340   -19.023 1.00 36.66 ? 26  ASP A CG  1 
ATOM   194  O OD1 . ASP A 1 46  ? 2.792   2.398   -18.489 1.00 35.41 ? 26  ASP A OD1 1 
ATOM   195  O OD2 . ASP A 1 46  ? 3.082   0.678   -19.825 1.00 45.69 ? 26  ASP A OD2 1 
ATOM   196  N N   . LEU A 1 47  ? -1.362  -0.231  -16.828 1.00 23.87 ? 27  LEU A N   1 
ATOM   197  C CA  . LEU A 1 47  ? -2.736  -0.644  -16.548 1.00 24.59 ? 27  LEU A CA  1 
ATOM   198  C C   . LEU A 1 47  ? -3.465  0.389   -15.688 1.00 24.79 ? 27  LEU A C   1 
ATOM   199  O O   . LEU A 1 47  ? -4.584  0.815   -16.002 1.00 26.64 ? 27  LEU A O   1 
ATOM   200  C CB  . LEU A 1 47  ? -2.719  -1.997  -15.834 1.00 23.88 ? 27  LEU A CB  1 
ATOM   201  C CG  . LEU A 1 47  ? -4.107  -2.430  -15.340 1.00 29.91 ? 27  LEU A CG  1 
ATOM   202  C CD1 . LEU A 1 47  ? -5.131  -2.367  -16.444 1.00 33.21 ? 27  LEU A CD1 1 
ATOM   203  C CD2 . LEU A 1 47  ? -4.053  -3.833  -14.789 1.00 36.93 ? 27  LEU A CD2 1 
ATOM   204  N N   . VAL A 1 48  ? -2.862  0.747   -14.554 1.00 26.69 ? 28  VAL A N   1 
ATOM   205  C CA  . VAL A 1 48  ? -3.493  1.669   -13.609 1.00 22.64 ? 28  VAL A CA  1 
ATOM   206  C C   . VAL A 1 48  ? -3.795  2.995   -14.294 1.00 24.72 ? 28  VAL A C   1 
ATOM   207  O O   . VAL A 1 48  ? -4.911  3.521   -14.196 1.00 27.39 ? 28  VAL A O   1 
ATOM   208  C CB  . VAL A 1 48  ? -2.585  1.846   -12.376 1.00 20.00 ? 28  VAL A CB  1 
ATOM   209  C CG1 . VAL A 1 48  ? -3.051  2.995   -11.484 1.00 22.55 ? 28  VAL A CG1 1 
ATOM   210  C CG2 . VAL A 1 48  ? -2.475  0.478   -11.605 1.00 21.56 ? 28  VAL A CG2 1 
ATOM   211  N N   . ASP A 1 49  ? -2.811  3.537   -15.027 1.00 22.18 ? 29  ASP A N   1 
ATOM   212  C CA  . ASP A 1 49  ? -3.034  4.764   -15.796 1.00 27.46 ? 29  ASP A CA  1 
ATOM   213  C C   . ASP A 1 49  ? -4.246  4.627   -16.718 1.00 27.20 ? 29  ASP A C   1 
ATOM   214  O O   . ASP A 1 49  ? -5.075  5.538   -16.824 1.00 28.99 ? 29  ASP A O   1 
ATOM   215  C CB  . ASP A 1 49  ? -1.811  5.100   -16.654 1.00 24.07 ? 29  ASP A CB  1 
ATOM   216  C CG  . ASP A 1 49  ? -0.676  5.741   -15.900 1.00 32.32 ? 29  ASP A CG  1 
ATOM   217  O OD1 . ASP A 1 49  ? -0.857  6.306   -14.794 1.00 29.03 ? 29  ASP A OD1 1 
ATOM   218  O OD2 . ASP A 1 49  ? 0.437   5.706   -16.485 1.00 33.29 ? 29  ASP A OD2 1 
ATOM   219  N N   . SER A 1 50  ? -4.359  3.489   -17.412 1.00 24.54 ? 30  SER A N   1 
ATOM   220  C CA  . SER A 1 50  ? -5.448  3.339   -18.367 1.00 26.84 ? 30  SER A CA  1 
ATOM   221  C C   . SER A 1 50  ? -6.813  3.184   -17.693 1.00 23.84 ? 30  SER A C   1 
ATOM   222  O O   . SER A 1 50  ? -7.830  3.392   -18.357 1.00 24.19 ? 30  SER A O   1 
ATOM   223  C CB  . SER A 1 50  ? -5.175  2.151   -19.276 1.00 28.69 ? 30  SER A CB  1 
ATOM   224  O OG  . SER A 1 50  ? -5.409  0.950   -18.557 1.00 35.22 ? 30  SER A OG  1 
ATOM   225  N N   . LEU A 1 51  ? -6.870  2.817   -16.407 1.00 25.41 ? 31  LEU A N   1 
ATOM   226  C CA  . LEU A 1 51  ? -8.149  2.767   -15.690 1.00 22.39 ? 31  LEU A CA  1 
ATOM   227  C C   . LEU A 1 51  ? -8.634  4.132   -15.214 1.00 30.01 ? 31  LEU A C   1 
ATOM   228  O O   . LEU A 1 51  ? -9.808  4.271   -14.836 1.00 22.35 ? 31  LEU A O   1 
ATOM   229  C CB  . LEU A 1 51  ? -8.047  1.872   -14.458 1.00 23.47 ? 31  LEU A CB  1 
ATOM   230  C CG  . LEU A 1 51  ? -7.851  0.388   -14.715 1.00 28.02 ? 31  LEU A CG  1 
ATOM   231  C CD1 . LEU A 1 51  ? -7.548  -0.326  -13.411 1.00 27.37 ? 31  LEU A CD1 1 
ATOM   232  C CD2 . LEU A 1 51  ? -9.117  -0.169  -15.343 1.00 30.35 ? 31  LEU A CD2 1 
ATOM   233  N N   . ASN A 1 52  ? -7.758  5.119   -15.198 1.00 28.59 ? 32  ASN A N   1 
ATOM   234  C CA  . ASN A 1 52  ? -8.068  6.438   -14.657 1.00 22.19 ? 32  ASN A CA  1 
ATOM   235  C C   . ASN A 1 52  ? -9.071  7.176   -15.533 1.00 25.65 ? 32  ASN A C   1 
ATOM   236  O O   . ASN A 1 52  ? -8.819  7.385   -16.717 1.00 24.17 ? 32  ASN A O   1 
ATOM   237  C CB  . ASN A 1 52  ? -6.764  7.220   -14.576 1.00 22.56 ? 32  ASN A CB  1 
ATOM   238  C CG  . ASN A 1 52  ? -6.921  8.567   -13.953 1.00 25.53 ? 32  ASN A CG  1 
ATOM   239  O OD1 . ASN A 1 52  ? -7.947  8.875   -13.335 1.00 23.38 ? 32  ASN A OD1 1 
ATOM   240  N ND2 . ASN A 1 52  ? -5.885  9.390   -14.092 1.00 27.20 ? 32  ASN A ND2 1 
ATOM   241  N N   . VAL A 1 53  ? -10.190 7.609   -14.946 1.00 27.09 ? 33  VAL A N   1 
ATOM   242  C CA  . VAL A 1 53  ? -11.175 8.366   -15.709 1.00 22.99 ? 33  VAL A CA  1 
ATOM   243  C C   . VAL A 1 53  ? -10.748 9.815   -15.875 1.00 30.58 ? 33  VAL A C   1 
ATOM   244  O O   . VAL A 1 53  ? -11.240 10.499  -16.788 1.00 23.18 ? 33  VAL A O   1 
ATOM   245  C CB  . VAL A 1 53  ? -12.550 8.284   -15.023 1.00 28.42 ? 33  VAL A CB  1 
ATOM   246  C CG1 . VAL A 1 53  ? -13.550 9.251   -15.686 1.00 33.67 ? 33  VAL A CG1 1 
ATOM   247  C CG2 . VAL A 1 53  ? -13.053 6.852   -15.075 1.00 28.82 ? 33  VAL A CG2 1 
ATOM   248  N N   . TYR A 1 54  ? -9.810  10.283  -15.045 1.00 26.09 ? 34  TYR A N   1 
ATOM   249  C CA  . TYR A 1 54  ? -9.422  11.691  -14.973 1.00 25.13 ? 34  TYR A CA  1 
ATOM   250  C C   . TYR A 1 54  ? -7.921  11.828  -15.171 1.00 26.66 ? 34  TYR A C   1 
ATOM   251  O O   . TYR A 1 54  ? -7.194  12.212  -14.250 1.00 24.40 ? 34  TYR A O   1 
ATOM   252  C CB  . TYR A 1 54  ? -9.846  12.306  -13.640 1.00 27.79 ? 34  TYR A CB  1 
ATOM   253  C CG  . TYR A 1 54  ? -11.351 12.288  -13.479 1.00 25.47 ? 34  TYR A CG  1 
ATOM   254  C CD1 . TYR A 1 54  ? -11.980 11.240  -12.820 1.00 23.78 ? 34  TYR A CD1 1 
ATOM   255  C CD2 . TYR A 1 54  ? -12.149 13.288  -14.044 1.00 25.43 ? 34  TYR A CD2 1 
ATOM   256  C CE1 . TYR A 1 54  ? -13.367 11.185  -12.696 1.00 26.08 ? 34  TYR A CE1 1 
ATOM   257  C CE2 . TYR A 1 54  ? -13.529 13.242  -13.946 1.00 23.88 ? 34  TYR A CE2 1 
ATOM   258  C CZ  . TYR A 1 54  ? -14.142 12.193  -13.253 1.00 28.39 ? 34  TYR A CZ  1 
ATOM   259  O OH  . TYR A 1 54  ? -15.513 12.125  -13.105 1.00 25.29 ? 34  TYR A OH  1 
ATOM   260  N N   . PRO A 1 55  ? -7.427  11.539  -16.394 1.00 24.55 ? 35  PRO A N   1 
ATOM   261  C CA  . PRO A 1 55  ? -6.013  11.779  -16.705 1.00 21.32 ? 35  PRO A CA  1 
ATOM   262  C C   . PRO A 1 55  ? -5.702  13.254  -16.878 1.00 22.82 ? 35  PRO A C   1 
ATOM   263  O O   . PRO A 1 55  ? -5.327  13.702  -17.959 1.00 27.29 ? 35  PRO A O   1 
ATOM   264  C CB  . PRO A 1 55  ? -5.805  10.981  -18.001 1.00 28.15 ? 35  PRO A CB  1 
ATOM   265  C CG  . PRO A 1 55  ? -7.171  10.977  -18.674 1.00 29.73 ? 35  PRO A CG  1 
ATOM   266  C CD  . PRO A 1 55  ? -8.168  10.946  -17.531 1.00 26.18 ? 35  PRO A CD  1 
ATOM   267  N N   . VAL A 1 56  ? -5.861  14.017  -15.802 1.00 26.07 ? 36  VAL A N   1 
ATOM   268  C CA  . VAL A 1 56  ? -5.628  15.463  -15.781 1.00 29.86 ? 36  VAL A CA  1 
ATOM   269  C C   . VAL A 1 56  ? -4.138  15.724  -15.952 1.00 30.81 ? 36  VAL A C   1 
ATOM   270  O O   . VAL A 1 56  ? -3.357  14.773  -15.902 1.00 30.76 ? 36  VAL A O   1 
ATOM   271  C CB  . VAL A 1 56  ? -6.144  16.097  -14.478 1.00 27.12 ? 36  VAL A CB  1 
ATOM   272  C CG1 . VAL A 1 56  ? -7.643  15.901  -14.344 1.00 25.85 ? 36  VAL A CG1 1 
ATOM   273  C CG2 . VAL A 1 56  ? -5.393  15.544  -13.247 1.00 30.40 ? 36  VAL A CG2 1 
ATOM   274  N N   . PRO A 1 57  ? -3.688  16.966  -16.137 1.00 38.30 ? 37  PRO A N   1 
ATOM   275  C CA  . PRO A 1 57  ? -2.249  17.178  -16.364 1.00 42.16 ? 37  PRO A CA  1 
ATOM   276  C C   . PRO A 1 57  ? -1.466  16.779  -15.127 1.00 35.67 ? 37  PRO A C   1 
ATOM   277  O O   . PRO A 1 57  ? -1.779  17.202  -14.012 1.00 33.57 ? 37  PRO A O   1 
ATOM   278  C CB  . PRO A 1 57  ? -2.133  18.686  -16.649 1.00 45.55 ? 37  PRO A CB  1 
ATOM   279  C CG  . PRO A 1 57  ? -3.564  19.212  -16.747 1.00 40.60 ? 37  PRO A CG  1 
ATOM   280  C CD  . PRO A 1 57  ? -4.382  18.250  -15.925 1.00 37.76 ? 37  PRO A CD  1 
ATOM   281  N N   . ASP A 1 58  ? -0.449  15.943  -15.326 1.00 31.19 ? 38  ASP A N   1 
ATOM   282  C CA  . ASP A 1 58  ? 0.379   15.454  -14.217 1.00 33.95 ? 38  ASP A CA  1 
ATOM   283  C C   . ASP A 1 58  ? -0.432  14.610  -13.229 1.00 26.58 ? 38  ASP A C   1 
ATOM   284  O O   . ASP A 1 58  ? -0.092  14.509  -12.050 1.00 29.48 ? 38  ASP A O   1 
ATOM   285  C CB  . ASP A 1 58  ? 1.049   16.620  -13.499 1.00 33.00 ? 38  ASP A CB  1 
ATOM   286  C CG  . ASP A 1 58  ? 1.962   17.412  -14.416 1.00 48.49 ? 38  ASP A CG  1 
ATOM   287  O OD1 . ASP A 1 58  ? 2.715   16.790  -15.197 1.00 48.34 ? 38  ASP A OD1 1 
ATOM   288  O OD2 . ASP A 1 58  ? 1.915   18.659  -14.358 1.00 48.87 ? 38  ASP A OD2 1 
ATOM   289  N N   . GLY A 1 59  ? -1.495  13.982  -13.715 1.00 28.62 ? 39  GLY A N   1 
ATOM   290  C CA  . GLY A 1 59  ? -2.395  13.234  -12.861 1.00 26.40 ? 39  GLY A CA  1 
ATOM   291  C C   . GLY A 1 59  ? -2.642  11.823  -13.340 1.00 31.65 ? 39  GLY A C   1 
ATOM   292  O O   . GLY A 1 59  ? -3.731  11.273  -13.124 1.00 27.93 ? 39  GLY A O   1 
ATOM   293  N N   . ASP A 1 60  ? -1.646  11.203  -13.978 1.00 25.60 ? 40  ASP A N   1 
ATOM   294  C CA  . ASP A 1 60  ? -1.778  9.790   -14.309 1.00 28.47 ? 40  ASP A CA  1 
ATOM   295  C C   . ASP A 1 60  ? -1.486  8.969   -13.047 1.00 25.84 ? 40  ASP A C   1 
ATOM   296  O O   . ASP A 1 60  ? -0.368  8.970   -12.519 1.00 23.41 ? 40  ASP A O   1 
ATOM   297  C CB  . ASP A 1 60  ? -0.879  9.417   -15.483 1.00 34.63 ? 40  ASP A CB  1 
ATOM   298  C CG  . ASP A 1 60  ? -1.309  10.101  -16.779 1.00 39.70 ? 40  ASP A CG  1 
ATOM   299  O OD1 . ASP A 1 60  ? -0.422  10.661  -17.456 1.00 37.47 ? 40  ASP A OD1 1 
ATOM   300  O OD2 . ASP A 1 60  ? -2.526  10.089  -17.105 1.00 33.64 ? 40  ASP A OD2 1 
ATOM   301  N N   . THR A 1 61  ? -2.514  8.289   -12.551 1.00 23.27 ? 41  THR A N   1 
ATOM   302  C CA  . THR A 1 61  ? -2.432  7.687   -11.227 1.00 24.54 ? 41  THR A CA  1 
ATOM   303  C C   . THR A 1 61  ? -1.363  6.606   -11.191 1.00 23.87 ? 41  THR A C   1 
ATOM   304  O O   . THR A 1 61  ? -0.545  6.558   -10.265 1.00 22.87 ? 41  THR A O   1 
ATOM   305  C CB  . THR A 1 61  ? -3.811  7.143   -10.835 1.00 24.52 ? 41  THR A CB  1 
ATOM   306  O OG1 . THR A 1 61  ? -4.319  6.337   -11.892 1.00 29.67 ? 41  THR A OG1 1 
ATOM   307  C CG2 . THR A 1 61  ? -4.806  8.289   -10.626 1.00 32.09 ? 41  THR A CG2 1 
ATOM   308  N N   . GLY A 1 62  ? -1.316  5.765   -12.216 1.00 24.52 ? 42  GLY A N   1 
ATOM   309  C CA  . GLY A 1 62  ? -0.322  4.701   -12.222 1.00 26.28 ? 42  GLY A CA  1 
ATOM   310  C C   . GLY A 1 62  ? 1.083   5.251   -12.229 1.00 24.23 ? 42  GLY A C   1 
ATOM   311  O O   . GLY A 1 62  ? 1.925   4.862   -11.418 1.00 19.86 ? 42  GLY A O   1 
ATOM   312  N N   . THR A 1 63  ? 1.347   6.170   -13.154 1.00 22.00 ? 43  THR A N   1 
ATOM   313  C CA  . THR A 1 63  ? 2.637   6.854   -13.214 1.00 26.27 ? 43  THR A CA  1 
ATOM   314  C C   . THR A 1 63  ? 3.004   7.474   -11.875 1.00 27.80 ? 43  THR A C   1 
ATOM   315  O O   . THR A 1 63  ? 4.137   7.331   -11.403 1.00 21.95 ? 43  THR A O   1 
ATOM   316  C CB  . THR A 1 63  ? 2.588   7.937   -14.300 1.00 25.81 ? 43  THR A CB  1 
ATOM   317  O OG1 . THR A 1 63  ? 2.476   7.328   -15.603 1.00 31.69 ? 43  THR A OG1 1 
ATOM   318  C CG2 . THR A 1 63  ? 3.816   8.788   -14.256 1.00 31.00 ? 43  THR A CG2 1 
ATOM   319  N N   . ASN A 1 64  ? 2.068   8.226   -11.270 1.00 22.85 ? 44  ASN A N   1 
ATOM   320  C CA  . ASN A 1 64  ? 2.392   8.975   -10.052 1.00 25.41 ? 44  ASN A CA  1 
ATOM   321  C C   . ASN A 1 64  ? 2.607   8.049   -8.855  1.00 19.30 ? 44  ASN A C   1 
ATOM   322  O O   . ASN A 1 64  ? 3.512   8.259   -8.043  1.00 19.14 ? 44  ASN A O   1 
ATOM   323  C CB  . ASN A 1 64  ? 1.268   9.985   -9.742  1.00 24.51 ? 44  ASN A CB  1 
ATOM   324  C CG  . ASN A 1 64  ? 1.303   11.217  -10.652 1.00 29.35 ? 44  ASN A CG  1 
ATOM   325  O OD1 . ASN A 1 64  ? 2.311   11.521  -11.276 1.00 27.05 ? 44  ASN A OD1 1 
ATOM   326  N ND2 . ASN A 1 64  ? 0.187   11.926  -10.717 1.00 31.03 ? 44  ASN A ND2 1 
ATOM   327  N N   . MET A 1 65  ? 1.761   7.035   -8.705  1.00 16.50 ? 45  MET A N   1 
ATOM   328  C CA  . MET A 1 65  ? 1.970   6.096   -7.616  1.00 19.53 ? 45  MET A CA  1 
ATOM   329  C C   . MET A 1 65  ? 3.260   5.334   -7.835  1.00 21.43 ? 45  MET A C   1 
ATOM   330  O O   . MET A 1 65  ? 3.994   5.061   -6.887  1.00 19.30 ? 45  MET A O   1 
ATOM   331  C CB  . MET A 1 65  ? 0.786   5.139   -7.506  1.00 16.75 ? 45  MET A CB  1 
ATOM   332  C CG  . MET A 1 65  ? -0.506  5.810   -7.071  1.00 16.69 ? 45  MET A CG  1 
ATOM   333  S SD  . MET A 1 65  ? -1.832  4.573   -6.981  1.00 21.26 ? 45  MET A SD  1 
ATOM   334  C CE  . MET A 1 65  ? -1.365  3.718   -5.467  1.00 22.62 ? 45  MET A CE  1 
ATOM   335  N N   . ASN A 1 66  ? 3.543   4.971   -9.083  1.00 18.65 ? 46  ASN A N   1 
ATOM   336  C CA  . ASN A 1 66  ? 4.799   4.275   -9.366  1.00 22.33 ? 46  ASN A CA  1 
ATOM   337  C C   . ASN A 1 66  ? 6.012   5.131   -9.001  1.00 22.22 ? 46  ASN A C   1 
ATOM   338  O O   . ASN A 1 66  ? 6.955   4.643   -8.376  1.00 23.88 ? 46  ASN A O   1 
ATOM   339  C CB  . ASN A 1 66  ? 4.862   3.890   -10.829 1.00 21.47 ? 46  ASN A CB  1 
ATOM   340  C CG  . ASN A 1 66  ? 6.127   3.081   -11.152 1.00 26.39 ? 46  ASN A CG  1 
ATOM   341  O OD1 . ASN A 1 66  ? 6.636   2.334   -10.310 1.00 23.03 ? 46  ASN A OD1 1 
ATOM   342  N ND2 . ASN A 1 66  ? 6.639   3.242   -12.372 1.00 34.97 ? 46  ASN A ND2 1 
ATOM   343  N N   . LEU A 1 67  ? 6.004   6.418   -9.385  1.00 21.38 ? 47  LEU A N   1 
ATOM   344  C CA  . LEU A 1 67  ? 7.096   7.319   -9.012  1.00 22.46 ? 47  LEU A CA  1 
ATOM   345  C C   . LEU A 1 67  ? 7.241   7.436   -7.498  1.00 27.42 ? 47  LEU A C   1 
ATOM   346  O O   . LEU A 1 67  ? 8.364   7.495   -6.963  1.00 24.69 ? 47  LEU A O   1 
ATOM   347  C CB  . LEU A 1 67  ? 6.865   8.707   -9.599  1.00 23.16 ? 47  LEU A CB  1 
ATOM   348  C CG  . LEU A 1 67  ? 6.966   8.840   -11.118 1.00 28.01 ? 47  LEU A CG  1 
ATOM   349  C CD1 . LEU A 1 67  ? 6.500   10.236  -11.604 1.00 30.58 ? 47  LEU A CD1 1 
ATOM   350  C CD2 . LEU A 1 67  ? 8.419   8.545   -11.515 1.00 38.29 ? 47  LEU A CD2 1 
ATOM   351  N N   . THR A 1 68  ? 6.114   7.539   -6.793  1.00 20.46 ? 48  THR A N   1 
ATOM   352  C CA  . THR A 1 68  ? 6.157   7.661   -5.348  1.00 18.77 ? 48  THR A CA  1 
ATOM   353  C C   . THR A 1 68  ? 6.774   6.425   -4.719  1.00 20.22 ? 48  THR A C   1 
ATOM   354  O O   . THR A 1 68  ? 7.737   6.510   -3.936  1.00 20.48 ? 48  THR A O   1 
ATOM   355  C CB  . THR A 1 68  ? 4.732   7.882   -4.830  1.00 20.21 ? 48  THR A CB  1 
ATOM   356  O OG1 . THR A 1 68  ? 4.206   9.105   -5.375  1.00 24.41 ? 48  THR A OG1 1 
ATOM   357  C CG2 . THR A 1 68  ? 4.702   7.942   -3.302  1.00 21.30 ? 48  THR A CG2 1 
ATOM   358  N N   . MET A 1 69  ? 6.213   5.258   -5.052  1.00 18.24 ? 49  MET A N   1 
ATOM   359  C CA  . MET A 1 69  ? 6.625   3.994   -4.451  1.00 16.39 ? 49  MET A CA  1 
ATOM   360  C C   . MET A 1 69  ? 8.061   3.661   -4.827  1.00 23.65 ? 49  MET A C   1 
ATOM   361  O O   . MET A 1 69  ? 8.808   3.100   -4.015  1.00 23.15 ? 49  MET A O   1 
ATOM   362  C CB  . MET A 1 69  ? 5.670   2.899   -4.912  1.00 20.03 ? 49  MET A CB  1 
ATOM   363  C CG  . MET A 1 69  ? 5.763   1.599   -4.194  1.00 23.34 ? 49  MET A CG  1 
ATOM   364  S SD  . MET A 1 69  ? 5.267   1.683   -2.458  1.00 23.35 ? 49  MET A SD  1 
ATOM   365  C CE  . MET A 1 69  ? 5.875   0.042   -1.993  1.00 24.35 ? 49  MET A CE  1 
ATOM   366  N N   . THR A 1 70  ? 8.449   3.970   -6.064  1.00 19.01 ? 50  THR A N   1 
ATOM   367  C CA  . THR A 1 70  ? 9.799   3.654   -6.517  1.00 23.92 ? 50  THR A CA  1 
ATOM   368  C C   . THR A 1 70  ? 10.837  4.520   -5.818  1.00 26.35 ? 50  THR A C   1 
ATOM   369  O O   . THR A 1 70  ? 11.947  4.058   -5.536  1.00 27.75 ? 50  THR A O   1 
ATOM   370  C CB  . THR A 1 70  ? 9.886   3.831   -8.031  1.00 31.91 ? 50  THR A CB  1 
ATOM   371  O OG1 . THR A 1 70  ? 9.227   2.734   -8.664  1.00 28.68 ? 50  THR A OG1 1 
ATOM   372  C CG2 . THR A 1 70  ? 11.329  3.876   -8.500  1.00 36.55 ? 50  THR A CG2 1 
ATOM   373  N N   . SER A 1 71  ? 10.497  5.783   -5.533  1.00 23.02 ? 51  SER A N   1 
ATOM   374  C CA  . SER A 1 71  ? 11.407  6.607   -4.749  1.00 27.48 ? 51  SER A CA  1 
ATOM   375  C C   . SER A 1 71  ? 11.598  6.002   -3.371  1.00 27.57 ? 51  SER A C   1 
ATOM   376  O O   . SER A 1 71  ? 12.721  5.952   -2.854  1.00 26.20 ? 51  SER A O   1 
ATOM   377  C CB  . SER A 1 71  ? 10.886  8.040   -4.650  1.00 26.19 ? 51  SER A CB  1 
ATOM   378  O OG  . SER A 1 71  ? 11.701  8.805   -3.768  1.00 36.15 ? 51  SER A OG  1 
ATOM   379  N N   . GLY A 1 72  ? 10.509  5.498   -2.774  1.00 21.03 ? 52  GLY A N   1 
ATOM   380  C CA  . GLY A 1 72  ? 10.638  4.783   -1.517  1.00 16.63 ? 52  GLY A CA  1 
ATOM   381  C C   . GLY A 1 72  ? 11.508  3.542   -1.651  1.00 24.13 ? 52  GLY A C   1 
ATOM   382  O O   . GLY A 1 72  ? 12.369  3.260   -0.805  1.00 22.27 ? 52  GLY A O   1 
ATOM   383  N N   . ARG A 1 73  ? 11.271  2.766   -2.709  1.00 20.56 ? 53  ARG A N   1 
ATOM   384  C CA  . ARG A 1 73  ? 12.078  1.569   -2.953  1.00 24.15 ? 53  ARG A CA  1 
ATOM   385  C C   . ARG A 1 73  ? 13.562  1.913   -3.033  1.00 28.11 ? 53  ARG A C   1 
ATOM   386  O O   . ARG A 1 73  ? 14.398  1.266   -2.397  1.00 28.22 ? 53  ARG A O   1 
ATOM   387  C CB  . ARG A 1 73  ? 11.635  0.907   -4.255  1.00 26.50 ? 53  ARG A CB  1 
ATOM   388  C CG  . ARG A 1 73  ? 12.560  -0.226  -4.732  1.00 25.73 ? 53  ARG A CG  1 
ATOM   389  C CD  . ARG A 1 73  ? 12.123  -0.759  -6.080  1.00 33.03 ? 53  ARG A CD  1 
ATOM   390  N NE  . ARG A 1 73  ? 12.941  -1.886  -6.505  1.00 37.78 ? 53  ARG A NE  1 
ATOM   391  C CZ  . ARG A 1 73  ? 12.593  -2.758  -7.446  1.00 40.73 ? 53  ARG A CZ  1 
ATOM   392  N NH1 . ARG A 1 73  ? 11.429  -2.633  -8.074  1.00 37.77 ? 53  ARG A NH1 1 
ATOM   393  N NH2 . ARG A 1 73  ? 13.417  -3.756  -7.760  1.00 39.04 ? 53  ARG A NH2 1 
ATOM   394  N N   . GLU A 1 74  ? 13.904  2.922   -3.833  1.00 25.09 ? 54  GLU A N   1 
ATOM   395  C CA  . GLU A 1 74  ? 15.305  3.254   -4.056  1.00 29.75 ? 54  GLU A CA  1 
ATOM   396  C C   . GLU A 1 74  ? 16.007  3.642   -2.769  1.00 33.21 ? 54  GLU A C   1 
ATOM   397  O O   . GLU A 1 74  ? 17.156  3.248   -2.550  1.00 27.48 ? 54  GLU A O   1 
ATOM   398  C CB  . GLU A 1 74  ? 15.424  4.388   -5.063  1.00 32.61 ? 54  GLU A CB  1 
ATOM   399  C CG  . GLU A 1 74  ? 15.131  3.954   -6.461  1.00 41.75 ? 54  GLU A CG  1 
ATOM   400  C CD  . GLU A 1 74  ? 15.298  5.091   -7.444  1.00 55.21 ? 54  GLU A CD  1 
ATOM   401  O OE1 . GLU A 1 74  ? 15.883  6.136   -7.052  1.00 60.00 ? 54  GLU A OE1 1 
ATOM   402  O OE2 . GLU A 1 74  ? 14.844  4.932   -8.599  1.00 49.15 ? 54  GLU A OE2 1 
ATOM   403  N N   . GLU A 1 75  ? 15.365  4.440   -1.916  1.00 26.45 ? 55  GLU A N   1 
ATOM   404  C CA  . GLU A 1 75  ? 16.018  4.771   -0.657  1.00 25.63 ? 55  GLU A CA  1 
ATOM   405  C C   . GLU A 1 75  ? 16.243  3.514   0.167   1.00 30.65 ? 55  GLU A C   1 
ATOM   406  O O   . GLU A 1 75  ? 17.316  3.329   0.758   1.00 29.25 ? 55  GLU A O   1 
ATOM   407  C CB  . GLU A 1 75  ? 15.197  5.779   0.151   1.00 31.26 ? 55  GLU A CB  1 
ATOM   408  C CG  . GLU A 1 75  ? 15.148  7.193   -0.431  1.00 39.85 ? 55  GLU A CG  1 
ATOM   409  C CD  . GLU A 1 75  ? 16.517  7.741   -0.779  1.00 35.83 ? 55  GLU A CD  1 
ATOM   410  O OE1 . GLU A 1 75  ? 16.745  8.097   -1.959  1.00 41.94 ? 55  GLU A OE1 1 
ATOM   411  O OE2 . GLU A 1 75  ? 17.351  7.803   0.125   1.00 34.90 ? 55  GLU A OE2 1 
ATOM   412  N N   . VAL A 1 76  ? 15.240  2.627   0.207   1.00 22.77 ? 56  VAL A N   1 
ATOM   413  C CA  . VAL A 1 76  ? 15.349  1.407   1.000   1.00 20.42 ? 56  VAL A CA  1 
ATOM   414  C C   . VAL A 1 76  ? 16.505  0.541   0.492   1.00 27.72 ? 56  VAL A C   1 
ATOM   415  O O   . VAL A 1 76  ? 17.303  0.024   1.281   1.00 24.63 ? 56  VAL A O   1 
ATOM   416  C CB  . VAL A 1 76  ? 14.015  0.642   0.976   1.00 24.39 ? 56  VAL A CB  1 
ATOM   417  C CG1 . VAL A 1 76  ? 14.200  -0.821  1.297   1.00 23.50 ? 56  VAL A CG1 1 
ATOM   418  C CG2 . VAL A 1 76  ? 13.059  1.242   1.987   1.00 26.52 ? 56  VAL A CG2 1 
ATOM   419  N N   . GLU A 1 77  ? 16.617  0.385   -0.833  1.00 22.04 ? 57  GLU A N   1 
ATOM   420  C CA  . GLU A 1 77  ? 17.664  -0.467  -1.404  1.00 29.55 ? 57  GLU A CA  1 
ATOM   421  C C   . GLU A 1 77  ? 19.070  0.062   -1.133  1.00 33.35 ? 57  GLU A C   1 
ATOM   422  O O   . GLU A 1 77  ? 20.032  -0.718  -1.060  1.00 30.78 ? 57  GLU A O   1 
ATOM   423  C CB  . GLU A 1 77  ? 17.446  -0.600  -2.906  1.00 30.56 ? 57  GLU A CB  1 
ATOM   424  C CG  . GLU A 1 77  ? 16.429  -1.671  -3.237  1.00 35.70 ? 57  GLU A CG  1 
ATOM   425  C CD  . GLU A 1 77  ? 16.152  -1.776  -4.732  1.00 40.69 ? 57  GLU A CD  1 
ATOM   426  O OE1 . GLU A 1 77  ? 16.362  -0.777  -5.458  1.00 44.61 ? 57  GLU A OE1 1 
ATOM   427  O OE2 . GLU A 1 77  ? 15.721  -2.859  -5.174  1.00 40.85 ? 57  GLU A OE2 1 
ATOM   428  N N   . ASN A 1 78  ? 19.223  1.369   -1.005  1.00 27.78 ? 58  ASN A N   1 
ATOM   429  C CA  . ASN A 1 78  ? 20.522  1.955   -0.705  1.00 33.31 ? 58  ASN A CA  1 
ATOM   430  C C   . ASN A 1 78  ? 20.792  2.091   0.785   1.00 34.17 ? 58  ASN A C   1 
ATOM   431  O O   . ASN A 1 78  ? 21.895  2.476   1.179   1.00 34.33 ? 58  ASN A O   1 
ATOM   432  C CB  . ASN A 1 78  ? 20.616  3.312   -1.392  1.00 27.98 ? 58  ASN A CB  1 
ATOM   433  C CG  . ASN A 1 78  ? 20.796  3.169   -2.889  1.00 43.99 ? 58  ASN A CG  1 
ATOM   434  O OD1 . ASN A 1 78  ? 21.607  2.359   -3.346  1.00 43.52 ? 58  ASN A OD1 1 
ATOM   435  N ND2 . ASN A 1 78  ? 20.015  3.923   -3.666  1.00 39.95 ? 58  ASN A ND2 1 
ATOM   436  N N   . ASN A 1 79  ? 19.833  1.779   1.627   1.00 26.90 ? 59  ASN A N   1 
ATOM   437  C CA  . ASN A 1 79  ? 20.067  1.878   3.055   1.00 30.36 ? 59  ASN A CA  1 
ATOM   438  C C   . ASN A 1 79  ? 19.293  0.754   3.735   1.00 26.99 ? 59  ASN A C   1 
ATOM   439  O O   . ASN A 1 79  ? 18.319  0.963   4.441   1.00 30.66 ? 59  ASN A O   1 
ATOM   440  C CB  . ASN A 1 79  ? 19.638  3.242   3.603   1.00 29.60 ? 59  ASN A CB  1 
ATOM   441  C CG  . ASN A 1 79  ? 20.182  4.403   2.789   1.00 40.49 ? 59  ASN A CG  1 
ATOM   442  O OD1 . ASN A 1 79  ? 21.341  4.789   2.959   1.00 51.45 ? 59  ASN A OD1 1 
ATOM   443  N ND2 . ASN A 1 79  ? 19.349  4.973   1.901   1.00 35.02 ? 59  ASN A ND2 1 
ATOM   444  N N   . LEU A 1 80  ? 19.720  -0.477  3.513   1.00 22.20 ? 60  LEU A N   1 
ATOM   445  C CA  . LEU A 1 80  ? 19.070  -1.590  4.180   1.00 31.47 ? 60  LEU A CA  1 
ATOM   446  C C   . LEU A 1 80  ? 19.417  -1.592  5.653   1.00 31.04 ? 60  LEU A C   1 
ATOM   447  O O   . LEU A 1 80  ? 20.499  -1.152  6.052   1.00 30.73 ? 60  LEU A O   1 
ATOM   448  C CB  . LEU A 1 80  ? 19.509  -2.917  3.581   1.00 29.78 ? 60  LEU A CB  1 
ATOM   449  C CG  . LEU A 1 80  ? 19.224  -3.109  2.103   1.00 34.76 ? 60  LEU A CG  1 
ATOM   450  C CD1 . LEU A 1 80  ? 19.952  -4.370  1.678   1.00 31.20 ? 60  LEU A CD1 1 
ATOM   451  C CD2 . LEU A 1 80  ? 17.709  -3.177  1.864   1.00 32.30 ? 60  LEU A CD2 1 
ATOM   452  N N   . SER A 1 81  ? 18.501  -2.132  6.454   1.00 26.57 ? 61  SER A N   1 
ATOM   453  C CA  . SER A 1 81  ? 18.721  -2.300  7.884   1.00 34.28 ? 61  SER A CA  1 
ATOM   454  C C   . SER A 1 81  ? 17.784  -3.382  8.405   1.00 31.28 ? 61  SER A C   1 
ATOM   455  O O   . SER A 1 81  ? 16.636  -3.478  7.972   1.00 28.68 ? 61  SER A O   1 
ATOM   456  C CB  . SER A 1 81  ? 18.491  -0.985  8.647   1.00 31.97 ? 61  SER A CB  1 
ATOM   457  O OG  . SER A 1 81  ? 18.376  -1.234  10.042  1.00 28.96 ? 61  SER A OG  1 
ATOM   458  N N   . LYS A 1 82  ? 18.273  -4.172  9.368   1.00 32.44 ? 62  LYS A N   1 
ATOM   459  C CA  . LYS A 1 82  ? 17.459  -5.214  9.981   1.00 28.21 ? 62  LYS A CA  1 
ATOM   460  C C   . LYS A 1 82  ? 16.510  -4.675  11.042  1.00 24.17 ? 62  LYS A C   1 
ATOM   461  O O   . LYS A 1 82  ? 15.639  -5.421  11.499  1.00 26.61 ? 62  LYS A O   1 
ATOM   462  C CB  . LYS A 1 82  ? 18.344  -6.296  10.609  1.00 34.86 ? 62  LYS A CB  1 
ATOM   463  C CG  . LYS A 1 82  ? 19.159  -7.108  9.586   1.00 38.93 ? 62  LYS A CG  1 
ATOM   464  C CD  . LYS A 1 82  ? 20.251  -7.953  10.260  1.00 39.05 ? 62  LYS A CD  1 
ATOM   465  N N   . ASN A 1 83  ? 16.652  -3.403  11.421  1.00 25.73 ? 63  ASN A N   1 
ATOM   466  C CA  . ASN A 1 83  ? 15.766  -2.763  12.385  1.00 31.42 ? 63  ASN A CA  1 
ATOM   467  C C   . ASN A 1 83  ? 14.590  -2.178  11.608  1.00 23.64 ? 63  ASN A C   1 
ATOM   468  O O   . ASN A 1 83  ? 14.760  -1.263  10.796  1.00 24.94 ? 63  ASN A O   1 
ATOM   469  C CB  . ASN A 1 83  ? 16.515  -1.688  13.174  1.00 28.46 ? 63  ASN A CB  1 
ATOM   470  C CG  . ASN A 1 83  ? 15.632  -1.001  14.242  1.00 36.48 ? 63  ASN A CG  1 
ATOM   471  O OD1 . ASN A 1 83  ? 14.750  -0.179  13.928  1.00 28.88 ? 63  ASN A OD1 1 
ATOM   472  N ND2 . ASN A 1 83  ? 15.894  -1.317  15.507  1.00 37.73 ? 63  ASN A ND2 1 
ATOM   473  N N   . ILE A 1 84  ? 13.397  -2.709  11.842  1.00 30.48 ? 64  ILE A N   1 
ATOM   474  C CA  . ILE A 1 84  ? 12.314  -2.337  10.943  1.00 27.28 ? 64  ILE A CA  1 
ATOM   475  C C   . ILE A 1 84  ? 11.972  -0.854  11.094  1.00 29.24 ? 64  ILE A C   1 
ATOM   476  O O   . ILE A 1 84  ? 11.636  -0.180  10.099  1.00 23.48 ? 64  ILE A O   1 
ATOM   477  C CB  . ILE A 1 84  ? 11.094  -3.249  11.163  1.00 28.61 ? 64  ILE A CB  1 
ATOM   478  C CG1 . ILE A 1 84  ? 10.097  -3.035  10.001  1.00 23.44 ? 64  ILE A CG1 1 
ATOM   479  C CG2 . ILE A 1 84  ? 10.448  -2.946  12.532  1.00 28.77 ? 64  ILE A CG2 1 
ATOM   480  C CD1 . ILE A 1 84  ? 8.892   -3.952  10.015  1.00 23.17 ? 64  ILE A CD1 1 
ATOM   481  N N   . GLY A 1 85  ? 12.106  -0.306  12.313  1.00 26.67 ? 65  GLY A N   1 
ATOM   482  C CA  . GLY A 1 85  ? 11.789  1.101   12.527  1.00 25.00 ? 65  GLY A CA  1 
ATOM   483  C C   . GLY A 1 85  ? 12.707  2.021   11.748  1.00 26.22 ? 65  GLY A C   1 
ATOM   484  O O   . GLY A 1 85  ? 12.265  3.005   11.147  1.00 25.69 ? 65  GLY A O   1 
ATOM   485  N N   . GLU A 1 86  ? 14.004  1.702   11.735  1.00 27.74 ? 66  GLU A N   1 
ATOM   486  C CA  . GLU A 1 86  ? 14.947  2.506   10.976  1.00 30.82 ? 66  GLU A CA  1 
ATOM   487  C C   . GLU A 1 86  ? 14.701  2.368   9.483   1.00 23.94 ? 66  GLU A C   1 
ATOM   488  O O   . GLU A 1 86  ? 14.812  3.350   8.739   1.00 27.72 ? 66  GLU A O   1 
ATOM   489  C CB  . GLU A 1 86  ? 16.381  2.090   11.319  1.00 41.12 ? 66  GLU A CB  1 
ATOM   490  C CG  . GLU A 1 86  ? 17.443  3.049   10.754  1.00 47.65 ? 66  GLU A CG  1 
ATOM   491  C CD  . GLU A 1 86  ? 18.834  2.768   11.290  1.00 58.50 ? 66  GLU A CD  1 
ATOM   492  O OE1 . GLU A 1 86  ? 19.083  1.632   11.759  1.00 46.50 ? 66  GLU A OE1 1 
ATOM   493  O OE2 . GLU A 1 86  ? 19.674  3.694   11.241  1.00 73.46 ? 66  GLU A OE2 1 
ATOM   494  N N   . LEU A 1 87  ? 14.413  1.146   9.028   1.00 21.73 ? 67  LEU A N   1 
ATOM   495  C CA  . LEU A 1 87  ? 14.102  0.927   7.612   1.00 26.21 ? 67  LEU A CA  1 
ATOM   496  C C   . LEU A 1 87  ? 12.831  1.672   7.213   1.00 23.88 ? 67  LEU A C   1 
ATOM   497  O O   . LEU A 1 87  ? 12.751  2.253   6.123   1.00 24.57 ? 67  LEU A O   1 
ATOM   498  C CB  . LEU A 1 87  ? 13.953  -0.567  7.328   1.00 23.95 ? 67  LEU A CB  1 
ATOM   499  C CG  . LEU A 1 87  ? 13.838  -0.805  5.807   1.00 35.64 ? 67  LEU A CG  1 
ATOM   500  C CD1 . LEU A 1 87  ? 15.180  -1.139  5.210   1.00 30.49 ? 67  LEU A CD1 1 
ATOM   501  C CD2 . LEU A 1 87  ? 12.775  -1.828  5.452   1.00 33.17 ? 67  LEU A CD2 1 
ATOM   502  N N   . GLY A 1 88  ? 11.821  1.641   8.076   1.00 28.25 ? 68  GLY A N   1 
ATOM   503  C CA  . GLY A 1 88  ? 10.617  2.432   7.830   1.00 27.25 ? 68  GLY A CA  1 
ATOM   504  C C   . GLY A 1 88  ? 10.912  3.909   7.697   1.00 25.18 ? 68  GLY A C   1 
ATOM   505  O O   . GLY A 1 88  ? 10.299  4.603   6.887   1.00 25.20 ? 68  GLY A O   1 
ATOM   506  N N   . LYS A 1 89  ? 11.888  4.412   8.460   1.00 28.21 ? 69  LYS A N   1 
ATOM   507  C CA  . LYS A 1 89  ? 12.214  5.833   8.333   1.00 25.37 ? 69  LYS A CA  1 
ATOM   508  C C   . LYS A 1 89  ? 12.882  6.122   7.004   1.00 20.74 ? 69  LYS A C   1 
ATOM   509  O O   . LYS A 1 89  ? 12.720  7.207   6.430   1.00 24.75 ? 69  LYS A O   1 
ATOM   510  C CB  . LYS A 1 89  ? 13.134  6.285   9.476   1.00 35.20 ? 69  LYS A CB  1 
ATOM   511  C CG  . LYS A 1 89  ? 12.482  6.323   10.886  1.00 31.80 ? 69  LYS A CG  1 
ATOM   512  C CD  . LYS A 1 89  ? 13.540  6.585   11.980  1.00 33.23 ? 69  LYS A CD  1 
ATOM   513  C CE  . LYS A 1 89  ? 12.922  6.649   13.396  1.00 37.88 ? 69  LYS A CE  1 
ATOM   514  N NZ  . LYS A 1 89  ? 13.866  6.161   14.469  1.00 38.46 ? 69  LYS A NZ  1 
ATOM   515  N N   . THR A 1 90  ? 13.670  5.181   6.516   1.00 18.90 ? 70  THR A N   1 
ATOM   516  C CA  . THR A 1 90  ? 14.230  5.340   5.182   1.00 26.54 ? 70  THR A CA  1 
ATOM   517  C C   . THR A 1 90  ? 13.151  5.296   4.106   1.00 21.29 ? 70  THR A C   1 
ATOM   518  O O   . THR A 1 90  ? 13.135  6.123   3.175   1.00 27.97 ? 70  THR A O   1 
ATOM   519  C CB  . THR A 1 90  ? 15.264  4.235   4.986   1.00 27.63 ? 70  THR A CB  1 
ATOM   520  O OG1 . THR A 1 90  ? 16.323  4.476   5.904   1.00 27.03 ? 70  THR A OG1 1 
ATOM   521  C CG2 . THR A 1 90  ? 15.773  4.242   3.575   1.00 22.54 ? 70  THR A CG2 1 
ATOM   522  N N   . PHE A 1 91  ? 12.249  4.323   4.202   1.00 22.37 ? 71  PHE A N   1 
ATOM   523  C CA  . PHE A 1 91  ? 11.126  4.232   3.268   1.00 22.08 ? 71  PHE A CA  1 
ATOM   524  C C   . PHE A 1 91  ? 10.337  5.535   3.261   1.00 23.38 ? 71  PHE A C   1 
ATOM   525  O O   . PHE A 1 91  ? 10.036  6.105   2.198   1.00 23.38 ? 71  PHE A O   1 
ATOM   526  C CB  . PHE A 1 91  ? 10.248  3.038   3.692   1.00 24.74 ? 71  PHE A CB  1 
ATOM   527  C CG  . PHE A 1 91  ? 9.110   2.705   2.738   1.00 21.06 ? 71  PHE A CG  1 
ATOM   528  C CD1 . PHE A 1 91  ? 9.238   2.894   1.370   1.00 22.87 ? 71  PHE A CD1 1 
ATOM   529  C CD2 . PHE A 1 91  ? 7.931   2.170   3.223   1.00 22.18 ? 71  PHE A CD2 1 
ATOM   530  C CE1 . PHE A 1 91  ? 8.184   2.594   0.508   1.00 23.72 ? 71  PHE A CE1 1 
ATOM   531  C CE2 . PHE A 1 91  ? 6.879   1.853   2.356   1.00 22.83 ? 71  PHE A CE2 1 
ATOM   532  C CZ  . PHE A 1 91  ? 7.011   2.071   0.998   1.00 22.39 ? 71  PHE A CZ  1 
ATOM   533  N N   . SER A 1 92  ? 10.036  6.035   4.455   1.00 20.54 ? 72  SER A N   1 
ATOM   534  C CA  . SER A 1 92  ? 9.266   7.266   4.626   1.00 21.80 ? 72  SER A CA  1 
ATOM   535  C C   . SER A 1 92  ? 9.942   8.443   3.932   1.00 21.44 ? 72  SER A C   1 
ATOM   536  O O   . SER A 1 92  ? 9.281   9.232   3.244   1.00 23.52 ? 72  SER A O   1 
ATOM   537  C CB  . SER A 1 92  ? 9.081   7.511   6.134   1.00 27.79 ? 72  SER A CB  1 
ATOM   538  O OG  . SER A 1 92  ? 8.416   8.724   6.441   1.00 26.83 ? 72  SER A OG  1 
ATOM   539  N N   . LYS A 1 93  ? 11.261  8.560   4.078   1.00 21.75 ? 73  LYS A N   1 
ATOM   540  C CA  . LYS A 1 93  ? 12.003  9.630   3.399   1.00 23.83 ? 73  LYS A CA  1 
ATOM   541  C C   . LYS A 1 93  ? 11.856  9.541   1.879   1.00 24.43 ? 73  LYS A C   1 
ATOM   542  O O   . LYS A 1 93  ? 11.560  10.541  1.204   1.00 25.34 ? 73  LYS A O   1 
ATOM   543  C CB  . LYS A 1 93  ? 13.483  9.564   3.813   1.00 30.31 ? 73  LYS A CB  1 
ATOM   544  C CG  . LYS A 1 93  ? 13.920  10.744  4.666   1.00 36.39 ? 73  LYS A CG  1 
ATOM   545  N N   . GLY A 1 94  ? 12.026  8.342   1.319   1.00 24.21 ? 74  GLY A N   1 
ATOM   546  C CA  . GLY A 1 94  ? 11.883  8.198   -0.121  1.00 22.50 ? 74  GLY A CA  1 
ATOM   547  C C   . GLY A 1 94  ? 10.473  8.498   -0.585  1.00 22.26 ? 74  GLY A C   1 
ATOM   548  O O   . GLY A 1 94  ? 10.268  9.102   -1.642  1.00 22.29 ? 74  GLY A O   1 
ATOM   549  N N   . LEU A 1 95  ? 9.475   8.081   0.203   1.00 23.06 ? 75  LEU A N   1 
ATOM   550  C CA  . LEU A 1 95  ? 8.088   8.404   -0.143  1.00 20.37 ? 75  LEU A CA  1 
ATOM   551  C C   . LEU A 1 95  ? 7.876   9.910   -0.186  1.00 26.21 ? 75  LEU A C   1 
ATOM   552  O O   . LEU A 1 95  ? 7.223   10.430  -1.104  1.00 26.03 ? 75  LEU A O   1 
ATOM   553  C CB  . LEU A 1 95  ? 7.119   7.757   0.856   1.00 22.47 ? 75  LEU A CB  1 
ATOM   554  C CG  . LEU A 1 95  ? 7.016   6.227   0.824   1.00 23.16 ? 75  LEU A CG  1 
ATOM   555  C CD1 . LEU A 1 95  ? 6.320   5.687   2.078   1.00 17.39 ? 75  LEU A CD1 1 
ATOM   556  C CD2 . LEU A 1 95  ? 6.282   5.742   -0.412  1.00 22.02 ? 75  LEU A CD2 1 
ATOM   557  N N   . LEU A 1 96  ? 8.426   10.631  0.791   1.00 25.19 ? 76  LEU A N   1 
ATOM   558  C CA  . LEU A 1 96  ? 8.235   12.079  0.824   1.00 22.96 ? 76  LEU A CA  1 
ATOM   559  C C   . LEU A 1 96  ? 8.834   12.729  -0.415  1.00 24.55 ? 76  LEU A C   1 
ATOM   560  O O   . LEU A 1 96  ? 8.182   13.548  -1.071  1.00 27.34 ? 76  LEU A O   1 
ATOM   561  C CB  . LEU A 1 96  ? 8.861   12.659  2.084   1.00 26.90 ? 76  LEU A CB  1 
ATOM   562  C CG  . LEU A 1 96  ? 8.778   14.199  2.170   1.00 28.43 ? 76  LEU A CG  1 
ATOM   563  C CD1 . LEU A 1 96  ? 7.335   14.744  2.100   1.00 33.77 ? 76  LEU A CD1 1 
ATOM   564  C CD2 . LEU A 1 96  ? 9.481   14.641  3.418   1.00 34.35 ? 76  LEU A CD2 1 
ATOM   565  N N   . MET A 1 97  ? 10.046  12.314  -0.797  1.00 26.01 ? 77  MET A N   1 
ATOM   566  C CA  . MET A 1 97  ? 10.686  12.934  -1.961  1.00 31.11 ? 77  MET A CA  1 
ATOM   567  C C   . MET A 1 97  ? 9.988   12.576  -3.264  1.00 31.21 ? 77  MET A C   1 
ATOM   568  O O   . MET A 1 97  ? 9.936   13.401  -4.184  1.00 33.50 ? 77  MET A O   1 
ATOM   569  C CB  . MET A 1 97  ? 12.139  12.517  -2.019  1.00 33.75 ? 77  MET A CB  1 
ATOM   570  C CG  . MET A 1 97  ? 12.892  12.858  -0.741  1.00 38.25 ? 77  MET A CG  1 
ATOM   571  S SD  . MET A 1 97  ? 14.625  12.409  -0.830  1.00 47.15 ? 77  MET A SD  1 
ATOM   572  C CE  . MET A 1 97  ? 14.578  10.668  -0.376  1.00 29.22 ? 77  MET A CE  1 
ATOM   573  N N   . GLY A 1 98  ? 9.404   11.382  -3.346  1.00 30.91 ? 78  GLY A N   1 
ATOM   574  C CA  . GLY A 1 98  ? 8.773   10.944  -4.570  1.00 27.69 ? 78  GLY A CA  1 
ATOM   575  C C   . GLY A 1 98  ? 7.327   11.339  -4.776  1.00 25.36 ? 78  GLY A C   1 
ATOM   576  O O   . GLY A 1 98  ? 6.879   11.419  -5.921  1.00 28.29 ? 78  GLY A O   1 
ATOM   577  N N   . ALA A 1 99  ? 6.601   11.590  -3.682  1.00 29.71 ? 79  ALA A N   1 
ATOM   578  C CA  . ALA A 1 99  ? 5.161   11.855  -3.702  1.00 25.14 ? 79  ALA A CA  1 
ATOM   579  C C   . ALA A 1 99  ? 4.755   12.806  -4.805  1.00 30.04 ? 79  ALA A C   1 
ATOM   580  O O   . ALA A 1 99  ? 5.363   13.863  -4.999  1.00 26.93 ? 79  ALA A O   1 
ATOM   581  C CB  . ALA A 1 99  ? 4.715   12.431  -2.359  1.00 24.92 ? 79  ALA A CB  1 
ATOM   582  N N   . ARG A 1 100 ? 3.703   12.421  -5.514  1.00 24.53 ? 80  ARG A N   1 
ATOM   583  C CA  . ARG A 1 100 ? 3.242   13.151  -6.677  1.00 33.26 ? 80  ARG A CA  1 
ATOM   584  C C   . ARG A 1 100 ? 1.799   12.744  -6.916  1.00 30.13 ? 80  ARG A C   1 
ATOM   585  O O   . ARG A 1 100 ? 1.463   11.570  -6.780  1.00 30.90 ? 80  ARG A O   1 
ATOM   586  C CB  . ARG A 1 100 ? 4.122   12.817  -7.891  1.00 38.28 ? 80  ARG A CB  1 
ATOM   587  C CG  . ARG A 1 100 ? 4.307   13.953  -8.856  1.00 39.69 ? 80  ARG A CG  1 
ATOM   588  C CD  . ARG A 1 100 ? 5.476   13.694  -9.794  1.00 40.40 ? 80  ARG A CD  1 
ATOM   589  N NE  . ARG A 1 100 ? 5.430   14.660  -10.895 1.00 51.13 ? 80  ARG A NE  1 
ATOM   590  C CZ  . ARG A 1 100 ? 4.684   14.520  -11.991 1.00 45.23 ? 80  ARG A CZ  1 
ATOM   591  N NH1 . ARG A 1 100 ? 3.926   13.444  -12.167 1.00 44.24 ? 80  ARG A NH1 1 
ATOM   592  N NH2 . ARG A 1 100 ? 4.694   15.455  -12.929 1.00 51.77 ? 80  ARG A NH2 1 
ATOM   593  N N   . GLY A 1 101 ? 0.969   13.712  -7.284  1.00 29.63 ? 81  GLY A N   1 
ATOM   594  C CA  . GLY A 1 101 ? -0.403  13.463  -7.665  1.00 28.69 ? 81  GLY A CA  1 
ATOM   595  C C   . GLY A 1 101 ? -1.293  13.199  -6.460  1.00 33.96 ? 81  GLY A C   1 
ATOM   596  O O   . GLY A 1 101 ? -0.837  12.949  -5.339  1.00 25.76 ? 81  GLY A O   1 
ATOM   597  N N   . ASN A 1 102 ? -2.603  13.268  -6.698  1.00 27.81 ? 82  ASN A N   1 
ATOM   598  C CA  . ASN A 1 102 ? -3.546  13.001  -5.618  1.00 28.95 ? 82  ASN A CA  1 
ATOM   599  C C   . ASN A 1 102 ? -3.311  11.610  -5.039  1.00 29.59 ? 82  ASN A C   1 
ATOM   600  O O   . ASN A 1 102 ? -3.198  11.431  -3.828  1.00 28.99 ? 82  ASN A O   1 
ATOM   601  C CB  . ASN A 1 102 ? -4.973  13.133  -6.127  1.00 32.21 ? 82  ASN A CB  1 
ATOM   602  C CG  . ASN A 1 102 ? -5.990  12.753  -5.069  1.00 38.36 ? 82  ASN A CG  1 
ATOM   603  O OD1 . ASN A 1 102 ? -6.504  11.630  -5.034  1.00 40.58 ? 82  ASN A OD1 1 
ATOM   604  N ND2 . ASN A 1 102 ? -6.266  13.680  -4.189  1.00 33.46 ? 82  ASN A ND2 1 
ATOM   605  N N   . SER A 1 103 ? -3.195  10.616  -5.908  1.00 28.04 ? 83  SER A N   1 
ATOM   606  C CA  . SER A 1 103 ? -3.110  9.235   -5.451  1.00 35.08 ? 83  SER A CA  1 
ATOM   607  C C   . SER A 1 103 ? -1.716  8.901   -4.921  1.00 25.79 ? 83  SER A C   1 
ATOM   608  O O   . SER A 1 103 ? -1.579  8.107   -3.983  1.00 24.78 ? 83  SER A O   1 
ATOM   609  C CB  . SER A 1 103 ? -3.486  8.324   -6.617  1.00 30.92 ? 83  SER A CB  1 
ATOM   610  O OG  . SER A 1 103 ? -2.629  8.663   -7.713  1.00 38.90 ? 83  SER A OG  1 
ATOM   611  N N   . GLY A 1 104 ? -0.675  9.494   -5.499  1.00 25.20 ? 84  GLY A N   1 
ATOM   612  C CA  . GLY A 1 104 ? 0.660   9.298   -4.956  1.00 23.33 ? 84  GLY A CA  1 
ATOM   613  C C   . GLY A 1 104 ? 0.841   9.968   -3.616  1.00 25.06 ? 84  GLY A C   1 
ATOM   614  O O   . GLY A 1 104 ? 1.538   9.451   -2.743  1.00 19.48 ? 84  GLY A O   1 
ATOM   615  N N   . VAL A 1 105 ? 0.218   11.127  -3.426  1.00 23.13 ? 85  VAL A N   1 
ATOM   616  C CA  . VAL A 1 105 ? 0.306   11.745  -2.111  1.00 22.13 ? 85  VAL A CA  1 
ATOM   617  C C   . VAL A 1 105 ? -0.426  10.892  -1.081  1.00 17.78 ? 85  VAL A C   1 
ATOM   618  O O   . VAL A 1 105 ? 0.085   10.655  0.010   1.00 22.85 ? 85  VAL A O   1 
ATOM   619  C CB  . VAL A 1 105 ? -0.227  13.193  -2.157  1.00 21.92 ? 85  VAL A CB  1 
ATOM   620  C CG1 . VAL A 1 105 ? -0.465  13.701  -0.759  1.00 27.07 ? 85  VAL A CG1 1 
ATOM   621  C CG2 . VAL A 1 105 ? 0.782   14.123  -2.877  1.00 30.59 ? 85  VAL A CG2 1 
ATOM   622  N N   . ILE A 1 106 ? -1.618  10.398  -1.409  1.00 20.19 ? 86  ILE A N   1 
ATOM   623  C CA  . ILE A 1 106 ? -2.332  9.569   -0.438  1.00 19.80 ? 86  ILE A CA  1 
ATOM   624  C C   . ILE A 1 106 ? -1.537  8.303   -0.153  1.00 19.09 ? 86  ILE A C   1 
ATOM   625  O O   . ILE A 1 106 ? -1.395  7.885   1.000   1.00 17.64 ? 86  ILE A O   1 
ATOM   626  C CB  . ILE A 1 106 ? -3.757  9.268   -0.931  1.00 23.87 ? 86  ILE A CB  1 
ATOM   627  C CG1 . ILE A 1 106 ? -4.583  10.569  -0.947  1.00 25.04 ? 86  ILE A CG1 1 
ATOM   628  C CG2 . ILE A 1 106 ? -4.442  8.221   -0.023  1.00 21.69 ? 86  ILE A CG2 1 
ATOM   629  C CD1 . ILE A 1 106 ? -5.939  10.414  -1.575  1.00 26.30 ? 86  ILE A CD1 1 
ATOM   630  N N   . LEU A 1 107 ? -0.930  7.718   -1.185  1.00 18.29 ? 87  LEU A N   1 
ATOM   631  C CA  . LEU A 1 107 ? -0.091  6.553   -0.934  1.00 15.01 ? 87  LEU A CA  1 
ATOM   632  C C   . LEU A 1 107 ? 1.010   6.883   0.071   1.00 16.86 ? 87  LEU A C   1 
ATOM   633  O O   . LEU A 1 107 ? 1.274   6.106   0.999   1.00 15.47 ? 87  LEU A O   1 
ATOM   634  C CB  . LEU A 1 107 ? 0.486   6.043   -2.254  1.00 18.94 ? 87  LEU A CB  1 
ATOM   635  C CG  . LEU A 1 107 ? 1.288   4.731   -2.175  1.00 22.59 ? 87  LEU A CG  1 
ATOM   636  C CD1 . LEU A 1 107 ? 0.394   3.550   -1.799  1.00 24.36 ? 87  LEU A CD1 1 
ATOM   637  C CD2 . LEU A 1 107 ? 2.026   4.480   -3.500  1.00 21.53 ? 87  LEU A CD2 1 
ATOM   638  N N   . SER A 1 108 ? 1.621   8.065   -0.052  1.00 20.63 ? 88  SER A N   1 
ATOM   639  C CA  . SER A 1 108 ? 2.687   8.423   0.876   1.00 20.34 ? 88  SER A CA  1 
ATOM   640  C C   . SER A 1 108 ? 2.153   8.669   2.283   1.00 19.82 ? 88  SER A C   1 
ATOM   641  O O   . SER A 1 108 ? 2.862   8.410   3.258   1.00 19.44 ? 88  SER A O   1 
ATOM   642  C CB  . SER A 1 108 ? 3.465   9.654   0.377   1.00 21.68 ? 88  SER A CB  1 
ATOM   643  O OG  . SER A 1 108 ? 2.673   10.837  0.345   1.00 22.99 ? 88  SER A OG  1 
ATOM   644  N N   . GLN A 1 109 ? 0.927   9.177   2.422   1.00 20.50 ? 89  GLN A N   1 
ATOM   645  C CA  . GLN A 1 109 ? 0.385   9.387   3.770   1.00 20.56 ? 89  GLN A CA  1 
ATOM   646  C C   . GLN A 1 109 ? 0.092   8.047   4.450   1.00 23.65 ? 89  GLN A C   1 
ATOM   647  O O   . GLN A 1 109 ? 0.438   7.843   5.629   1.00 20.76 ? 89  GLN A O   1 
ATOM   648  C CB  . GLN A 1 109 ? -0.885  10.231  3.717   1.00 17.95 ? 89  GLN A CB  1 
ATOM   649  C CG  . GLN A 1 109 ? -0.743  11.639  3.094   1.00 22.76 ? 89  GLN A CG  1 
ATOM   650  C CD  . GLN A 1 109 ? -2.093  12.284  2.803   1.00 24.77 ? 89  GLN A CD  1 
ATOM   651  O OE1 . GLN A 1 109 ? -2.974  11.715  2.122   1.00 19.29 ? 89  GLN A OE1 1 
ATOM   652  N NE2 . GLN A 1 109 ? -2.268  13.484  3.318   1.00 25.00 ? 89  GLN A NE2 1 
ATOM   653  N N   . LEU A 1 110 ? -0.503  7.109   3.690   1.00 21.66 ? 90  LEU A N   1 
ATOM   654  C CA  . LEU A 1 110 ? -0.785  5.769   4.207   1.00 21.73 ? 90  LEU A CA  1 
ATOM   655  C C   . LEU A 1 110 ? 0.495   5.114   4.722   1.00 20.91 ? 90  LEU A C   1 
ATOM   656  O O   . LEU A 1 110 ? 0.545   4.621   5.858   1.00 17.97 ? 90  LEU A O   1 
ATOM   657  C CB  . LEU A 1 110 ? -1.449  4.902   3.121   1.00 22.57 ? 90  LEU A CB  1 
ATOM   658  C CG  . LEU A 1 110 ? -2.825  5.315   2.605   1.00 19.63 ? 90  LEU A CG  1 
ATOM   659  C CD1 . LEU A 1 110 ? -3.241  4.433   1.356   1.00 20.72 ? 90  LEU A CD1 1 
ATOM   660  C CD2 . LEU A 1 110 ? -3.860  5.205   3.696   1.00 19.61 ? 90  LEU A CD2 1 
ATOM   661  N N   . PHE A 1 111 ? 1.566   5.144   3.924   1.00 21.81 ? 91  PHE A N   1 
ATOM   662  C CA  . PHE A 1 111 ? 2.774   4.444   4.364   1.00 19.53 ? 91  PHE A CA  1 
ATOM   663  C C   . PHE A 1 111 ? 3.698   5.279   5.249   1.00 22.37 ? 91  PHE A C   1 
ATOM   664  O O   . PHE A 1 111 ? 4.411   4.701   6.071   1.00 22.29 ? 91  PHE A O   1 
ATOM   665  C CB  . PHE A 1 111 ? 3.508   3.877   3.150   1.00 23.70 ? 91  PHE A CB  1 
ATOM   666  C CG  . PHE A 1 111 ? 2.912   2.591   2.666   1.00 18.45 ? 91  PHE A CG  1 
ATOM   667  C CD1 . PHE A 1 111 ? 2.921   1.472   3.474   1.00 22.91 ? 91  PHE A CD1 1 
ATOM   668  C CD2 . PHE A 1 111 ? 2.313   2.499   1.417   1.00 26.08 ? 91  PHE A CD2 1 
ATOM   669  C CE1 . PHE A 1 111 ? 2.344   0.276   3.050   1.00 28.18 ? 91  PHE A CE1 1 
ATOM   670  C CE2 . PHE A 1 111 ? 1.756   1.301   0.970   1.00 27.64 ? 91  PHE A CE2 1 
ATOM   671  C CZ  . PHE A 1 111 ? 1.763   0.197   1.786   1.00 27.89 ? 91  PHE A CZ  1 
ATOM   672  N N   . ARG A 1 112 ? 3.684   6.614   5.183   1.00 23.10 ? 92  ARG A N   1 
ATOM   673  C CA  . ARG A 1 112 ? 4.453   7.332   6.207   1.00 20.68 ? 92  ARG A CA  1 
ATOM   674  C C   . ARG A 1 112 ? 3.775   7.201   7.575   1.00 22.02 ? 92  ARG A C   1 
ATOM   675  O O   . ARG A 1 112 ? 4.454   7.039   8.608   1.00 19.54 ? 92  ARG A O   1 
ATOM   676  C CB  . ARG A 1 112 ? 4.663   8.791   5.806   1.00 20.04 ? 92  ARG A CB  1 
ATOM   677  C CG  . ARG A 1 112 ? 5.525   8.975   4.578   1.00 22.90 ? 92  ARG A CG  1 
ATOM   678  C CD  . ARG A 1 112 ? 5.913   10.433  4.390   1.00 24.38 ? 92  ARG A CD  1 
ATOM   679  N NE  . ARG A 1 112 ? 6.956   10.810  5.348   1.00 31.80 ? 92  ARG A NE  1 
ATOM   680  C CZ  . ARG A 1 112 ? 7.190   12.045  5.779   1.00 31.90 ? 92  ARG A CZ  1 
ATOM   681  N NH1 . ARG A 1 112 ? 6.440   13.048  5.343   1.00 27.02 ? 92  ARG A NH1 1 
ATOM   682  N NH2 . ARG A 1 112 ? 8.163   12.277  6.661   1.00 28.37 ? 92  ARG A NH2 1 
ATOM   683  N N   . GLY A 1 113 ? 2.437   7.168   7.606   1.00 19.84 ? 93  GLY A N   1 
ATOM   684  C CA  . GLY A 1 113 ? 1.751   6.878   8.862   1.00 16.77 ? 93  GLY A CA  1 
ATOM   685  C C   . GLY A 1 113 ? 2.059   5.480   9.374   1.00 21.13 ? 93  GLY A C   1 
ATOM   686  O O   . GLY A 1 113 ? 2.290   5.273   10.567  1.00 17.37 ? 93  GLY A O   1 
ATOM   687  N N   . PHE A 1 114 ? 2.081   4.501   8.460   1.00 19.23 ? 94  PHE A N   1 
ATOM   688  C CA  . PHE A 1 114 ? 2.466   3.133   8.794   1.00 19.16 ? 94  PHE A CA  1 
ATOM   689  C C   . PHE A 1 114 ? 3.854   3.112   9.420   1.00 21.10 ? 94  PHE A C   1 
ATOM   690  O O   . PHE A 1 114 ? 4.084   2.470   10.449  1.00 23.78 ? 94  PHE A O   1 
ATOM   691  C CB  . PHE A 1 114 ? 2.412   2.330   7.487   1.00 19.02 ? 94  PHE A CB  1 
ATOM   692  C CG  . PHE A 1 114 ? 2.728   0.860   7.597   1.00 20.83 ? 94  PHE A CG  1 
ATOM   693  C CD1 . PHE A 1 114 ? 4.018   0.423   7.826   1.00 22.29 ? 94  PHE A CD1 1 
ATOM   694  C CD2 . PHE A 1 114 ? 1.749   -0.080  7.360   1.00 22.97 ? 94  PHE A CD2 1 
ATOM   695  C CE1 . PHE A 1 114 ? 4.323   -0.957  7.859   1.00 19.49 ? 94  PHE A CE1 1 
ATOM   696  C CE2 . PHE A 1 114 ? 2.039   -1.470  7.403   1.00 22.55 ? 94  PHE A CE2 1 
ATOM   697  C CZ  . PHE A 1 114 ? 3.337   -1.889  7.656   1.00 22.90 ? 94  PHE A CZ  1 
ATOM   698  N N   . CYS A 1 115 ? 4.802   3.808   8.792   1.00 22.20 ? 95  CYS A N   1 
ATOM   699  C CA  . CYS A 1 115 ? 6.178   3.771   9.274   1.00 23.88 ? 95  CYS A CA  1 
ATOM   700  C C   . CYS A 1 115 ? 6.293   4.505   10.595  1.00 21.83 ? 95  CYS A C   1 
ATOM   701  O O   . CYS A 1 115 ? 7.023   4.082   11.497  1.00 23.04 ? 95  CYS A O   1 
ATOM   702  C CB  . CYS A 1 115 ? 7.097   4.384   8.227   1.00 23.44 ? 95  CYS A CB  1 
ATOM   703  S SG  . CYS A 1 115 ? 7.241   3.311   6.787   1.00 27.49 ? 95  CYS A SG  1 
ATOM   704  N N   . LYS A 1 116 ? 5.576   5.609   10.735  1.00 20.50 ? 96  LYS A N   1 
ATOM   705  C CA  . LYS A 1 116 ? 5.625   6.307   12.014  1.00 23.69 ? 96  LYS A CA  1 
ATOM   706  C C   . LYS A 1 116 ? 5.245   5.363   13.155  1.00 28.01 ? 96  LYS A C   1 
ATOM   707  O O   . LYS A 1 116 ? 5.894   5.359   14.202  1.00 24.40 ? 96  LYS A O   1 
ATOM   708  C CB  . LYS A 1 116 ? 4.720   7.529   11.990  1.00 24.93 ? 96  LYS A CB  1 
ATOM   709  C CG  . LYS A 1 116 ? 4.646   8.245   13.362  1.00 30.86 ? 96  LYS A CG  1 
ATOM   710  C CD  . LYS A 1 116 ? 5.956   8.880   13.771  1.00 27.84 ? 96  LYS A CD  1 
ATOM   711  C CE  . LYS A 1 116 ? 5.733   9.735   15.035  1.00 34.46 ? 96  LYS A CE  1 
ATOM   712  N NZ  . LYS A 1 116 ? 6.796   10.746  15.193  1.00 41.64 ? 96  LYS A NZ  1 
ATOM   713  N N   . ASN A 1 117 ? 4.240   4.513   12.936  1.00 23.97 ? 97  ASN A N   1 
ATOM   714  C CA  . ASN A 1 117 ? 3.697   3.634   13.971  1.00 24.55 ? 97  ASN A CA  1 
ATOM   715  C C   . ASN A 1 117 ? 4.686   2.569   14.408  1.00 25.74 ? 97  ASN A C   1 
ATOM   716  O O   . ASN A 1 117 ? 4.514   1.991   15.488  1.00 25.92 ? 97  ASN A O   1 
ATOM   717  C CB  . ASN A 1 117 ? 2.419   2.941   13.455  1.00 28.23 ? 97  ASN A CB  1 
ATOM   718  C CG  . ASN A 1 117 ? 1.579   2.313   14.567  1.00 29.82 ? 97  ASN A CG  1 
ATOM   719  O OD1 . ASN A 1 117 ? 1.020   3.015   15.397  1.00 28.84 ? 97  ASN A OD1 1 
ATOM   720  N ND2 . ASN A 1 117 ? 1.468   0.986   14.559  1.00 28.73 ? 97  ASN A ND2 1 
ATOM   721  N N   . ILE A 1 118 ? 5.683   2.260   13.584  1.00 25.58 ? 98  ILE A N   1 
ATOM   722  C CA  . ILE A 1 118 ? 6.690   1.261   13.946  1.00 25.67 ? 98  ILE A CA  1 
ATOM   723  C C   . ILE A 1 118 ? 8.060   1.892   14.200  1.00 26.04 ? 98  ILE A C   1 
ATOM   724  O O   . ILE A 1 118 ? 9.035   1.168   14.352  1.00 27.41 ? 98  ILE A O   1 
ATOM   725  C CB  . ILE A 1 118 ? 6.803   0.164   12.876  1.00 21.45 ? 98  ILE A CB  1 
ATOM   726  C CG1 . ILE A 1 118 ? 7.186   0.792   11.544  1.00 25.52 ? 98  ILE A CG1 1 
ATOM   727  C CG2 . ILE A 1 118 ? 5.504   -0.602  12.760  1.00 28.17 ? 98  ILE A CG2 1 
ATOM   728  C CD1 . ILE A 1 118 ? 7.740   -0.177  10.520  1.00 25.56 ? 98  ILE A CD1 1 
ATOM   729  N N   . GLU A 1 119 ? 8.166   3.225   14.210  1.00 29.75 ? 99  GLU A N   1 
ATOM   730  C CA  . GLU A 1 119 ? 9.492   3.844   14.245  1.00 28.78 ? 99  GLU A CA  1 
ATOM   731  C C   . GLU A 1 119 ? 10.307  3.374   15.448  1.00 34.64 ? 99  GLU A C   1 
ATOM   732  O O   . GLU A 1 119 ? 11.542  3.295   15.366  1.00 33.24 ? 99  GLU A O   1 
ATOM   733  C CB  . GLU A 1 119 ? 9.369   5.366   14.236  1.00 35.60 ? 99  GLU A CB  1 
ATOM   734  C CG  . GLU A 1 119 ? 9.047   5.989   15.603  1.00 38.64 ? 99  GLU A CG  1 
ATOM   735  C CD  . GLU A 1 119 ? 8.799   7.486   15.507  1.00 38.53 ? 99  GLU A CD  1 
ATOM   736  O OE1 . GLU A 1 119 ? 9.314   8.093   14.538  1.00 36.95 ? 99  GLU A OE1 1 
ATOM   737  O OE2 . GLU A 1 119 ? 8.091   8.043   16.397  1.00 40.95 ? 99  GLU A OE2 1 
ATOM   738  N N   . SER A 1 120 ? 9.650   3.024   16.558  1.00 36.22 ? 100 SER A N   1 
ATOM   739  C CA  . SER A 1 120 ? 10.388  2.656   17.765  1.00 37.91 ? 100 SER A CA  1 
ATOM   740  C C   . SER A 1 120 ? 10.797  1.190   17.803  1.00 35.52 ? 100 SER A C   1 
ATOM   741  O O   . SER A 1 120 ? 11.549  0.804   18.703  1.00 35.94 ? 100 SER A O   1 
ATOM   742  C CB  . SER A 1 120 ? 9.561   2.947   19.029  1.00 30.54 ? 100 SER A CB  1 
ATOM   743  O OG  . SER A 1 120 ? 9.260   4.318   19.164  1.00 43.77 ? 100 SER A OG  1 
ATOM   744  N N   . GLU A 1 121 ? 10.323  0.379   16.869  1.00 31.28 ? 101 GLU A N   1 
ATOM   745  C CA  . GLU A 1 121 ? 10.421  -1.073  16.926  1.00 29.63 ? 101 GLU A CA  1 
ATOM   746  C C   . GLU A 1 121 ? 11.576  -1.575  16.070  1.00 33.88 ? 101 GLU A C   1 
ATOM   747  O O   . GLU A 1 121 ? 12.036  -0.886  15.159  1.00 30.98 ? 101 GLU A O   1 
ATOM   748  C CB  . GLU A 1 121 ? 9.134   -1.727  16.418  1.00 37.62 ? 101 GLU A CB  1 
ATOM   749  C CG  . GLU A 1 121 ? 7.854   -1.150  16.992  1.00 35.31 ? 101 GLU A CG  1 
ATOM   750  C CD  . GLU A 1 121 ? 7.533   -1.692  18.372  1.00 36.78 ? 101 GLU A CD  1 
ATOM   751  O OE1 . GLU A 1 121 ? 8.071   -2.761  18.754  1.00 40.44 ? 101 GLU A OE1 1 
ATOM   752  O OE2 . GLU A 1 121 ? 6.725   -1.043  19.069  1.00 47.06 ? 101 GLU A OE2 1 
ATOM   753  N N   . SER A 1 122 ? 12.004  -2.816  16.338  1.00 28.36 ? 102 SER A N   1 
ATOM   754  C CA  . SER A 1 122 ? 12.988  -3.495  15.493  1.00 39.00 ? 102 SER A CA  1 
ATOM   755  C C   . SER A 1 122 ? 12.399  -4.645  14.686  1.00 32.09 ? 102 SER A C   1 
ATOM   756  O O   . SER A 1 122 ? 12.909  -4.956  13.606  1.00 30.22 ? 102 SER A O   1 
ATOM   757  C CB  . SER A 1 122 ? 14.148  -4.034  16.340  1.00 38.91 ? 102 SER A CB  1 
ATOM   758  O OG  . SER A 1 122 ? 13.666  -5.024  17.221  1.00 42.00 ? 102 SER A OG  1 
ATOM   759  N N   . GLU A 1 123 ? 11.361  -5.293  15.202  1.00 29.68 ? 103 GLU A N   1 
ATOM   760  C CA  . GLU A 1 123 ? 10.485  -6.163  14.427  1.00 29.60 ? 103 GLU A CA  1 
ATOM   761  C C   . GLU A 1 123 ? 9.041   -6.024  14.922  1.00 34.41 ? 103 GLU A C   1 
ATOM   762  O O   . GLU A 1 123 ? 8.775   -5.453  15.989  1.00 30.39 ? 103 GLU A O   1 
ATOM   763  C CB  . GLU A 1 123 ? 10.956  -7.611  14.500  1.00 34.72 ? 103 GLU A CB  1 
ATOM   764  C CG  . GLU A 1 123 ? 11.248  -8.126  15.891  1.00 47.34 ? 103 GLU A CG  1 
ATOM   765  C CD  . GLU A 1 123 ? 11.848  -9.534  15.853  1.00 57.96 ? 103 GLU A CD  1 
ATOM   766  O OE1 . GLU A 1 123 ? 11.320  -10.401 15.116  1.00 60.89 ? 103 GLU A OE1 1 
ATOM   767  O OE2 . GLU A 1 123 ? 12.864  -9.770  16.536  1.00 60.09 ? 103 GLU A OE2 1 
ATOM   768  N N   . ILE A 1 124 ? 8.089   -6.515  14.116  1.00 34.32 ? 104 ILE A N   1 
ATOM   769  C CA  . ILE A 1 124 ? 6.665   -6.375  14.408  1.00 24.43 ? 104 ILE A CA  1 
ATOM   770  C C   . ILE A 1 124 ? 5.979   -7.714  14.219  1.00 23.62 ? 104 ILE A C   1 
ATOM   771  O O   . ILE A 1 124 ? 6.397   -8.519  13.389  1.00 29.97 ? 104 ILE A O   1 
ATOM   772  C CB  . ILE A 1 124 ? 5.965   -5.313  13.522  1.00 22.39 ? 104 ILE A CB  1 
ATOM   773  C CG1 . ILE A 1 124 ? 5.994   -5.677  12.038  1.00 27.33 ? 104 ILE A CG1 1 
ATOM   774  C CG2 . ILE A 1 124 ? 6.571   -3.922  13.771  1.00 22.61 ? 104 ILE A CG2 1 
ATOM   775  C CD1 . ILE A 1 124 ? 5.137   -4.739  11.180  1.00 27.05 ? 104 ILE A CD1 1 
ATOM   776  N N   . ASN A 1 125 ? 4.888   -7.928  14.959  1.00 22.06 ? 105 ASN A N   1 
ATOM   777  C CA  . ASN A 1 125 ? 4.049   -9.104  14.809  1.00 24.83 ? 105 ASN A CA  1 
ATOM   778  C C   . ASN A 1 125 ? 2.775   -8.751  14.041  1.00 24.31 ? 105 ASN A C   1 
ATOM   779  O O   . ASN A 1 125 ? 2.591   -7.620  13.586  1.00 29.81 ? 105 ASN A O   1 
ATOM   780  C CB  . ASN A 1 125 ? 3.719   -9.715  16.167  1.00 29.16 ? 105 ASN A CB  1 
ATOM   781  C CG  . ASN A 1 125 ? 2.848   -8.814  17.032  1.00 36.63 ? 105 ASN A CG  1 
ATOM   782  O OD1 . ASN A 1 125 ? 2.437   -7.720  16.628  1.00 27.25 ? 105 ASN A OD1 1 
ATOM   783  N ND2 . ASN A 1 125 ? 2.553   -9.285  18.242  1.00 40.71 ? 105 ASN A ND2 1 
ATOM   784  N N   . SER A 1 126 ? 1.874   -9.729  13.912  1.00 27.04 ? 106 SER A N   1 
ATOM   785  C CA  . SER A 1 126 ? 0.718   -9.541  13.037  1.00 27.97 ? 106 SER A CA  1 
ATOM   786  C C   . SER A 1 126 ? -0.189  -8.433  13.558  1.00 27.44 ? 106 SER A C   1 
ATOM   787  O O   . SER A 1 126 ? -0.701  -7.629  12.774  1.00 24.65 ? 106 SER A O   1 
ATOM   788  C CB  . SER A 1 126 ? -0.060  -10.850 12.874  1.00 28.23 ? 106 SER A CB  1 
ATOM   789  O OG  . SER A 1 126 ? -0.562  -11.317 14.111  1.00 30.26 ? 106 SER A OG  1 
ATOM   790  N N   . LYS A 1 127 ? -0.330  -8.330  14.884  1.00 25.84 ? 107 LYS A N   1 
ATOM   791  C CA  . LYS A 1 127 ? -1.173  -7.286  15.462  1.00 27.36 ? 107 LYS A CA  1 
ATOM   792  C C   . LYS A 1 127 ? -0.613  -5.905  15.147  1.00 27.51 ? 107 LYS A C   1 
ATOM   793  O O   . LYS A 1 127 ? -1.353  -4.983  14.793  1.00 26.19 ? 107 LYS A O   1 
ATOM   794  C CB  . LYS A 1 127 ? -1.290  -7.501  16.982  1.00 22.58 ? 107 LYS A CB  1 
ATOM   795  N N   . LEU A 1 128 ? 0.699   -5.742  15.250  1.00 26.20 ? 108 LEU A N   1 
ATOM   796  C CA  . LEU A 1 128 ? 1.281   -4.435  15.012  1.00 26.80 ? 108 LEU A CA  1 
ATOM   797  C C   . LEU A 1 128 ? 1.293   -4.113  13.523  1.00 26.17 ? 108 LEU A C   1 
ATOM   798  O O   . LEU A 1 128 ? 1.214   -2.943  13.143  1.00 24.67 ? 108 LEU A O   1 
ATOM   799  C CB  . LEU A 1 128 ? 2.691   -4.409  15.611  1.00 30.39 ? 108 LEU A CB  1 
ATOM   800  C CG  . LEU A 1 128 ? 3.421   -3.098  15.886  1.00 37.49 ? 108 LEU A CG  1 
ATOM   801  C CD1 . LEU A 1 128 ? 2.477   -1.998  16.323  1.00 36.01 ? 108 LEU A CD1 1 
ATOM   802  C CD2 . LEU A 1 128 ? 4.476   -3.336  16.968  1.00 34.68 ? 108 LEU A CD2 1 
ATOM   803  N N   . LEU A 1 129 ? 1.433   -5.132  12.670  1.00 22.57 ? 109 LEU A N   1 
ATOM   804  C CA  . LEU A 1 129 ? 1.269   -4.926  11.231  1.00 23.07 ? 109 LEU A CA  1 
ATOM   805  C C   . LEU A 1 129 ? -0.106  -4.367  10.914  1.00 20.83 ? 109 LEU A C   1 
ATOM   806  O O   . LEU A 1 129 ? -0.237  -3.408  10.144  1.00 19.83 ? 109 LEU A O   1 
ATOM   807  C CB  . LEU A 1 129 ? 1.490   -6.241  10.474  1.00 21.69 ? 109 LEU A CB  1 
ATOM   808  C CG  . LEU A 1 129 ? 1.222   -6.183  8.964   1.00 17.06 ? 109 LEU A CG  1 
ATOM   809  C CD1 . LEU A 1 129 ? 2.211   -5.289  8.215   1.00 22.98 ? 109 LEU A CD1 1 
ATOM   810  C CD2 . LEU A 1 129 ? 1.213   -7.588  8.396   1.00 24.22 ? 109 LEU A CD2 1 
ATOM   811  N N   . ALA A 1 130 ? -1.151  -4.947  11.516  1.00 19.48 ? 110 ALA A N   1 
ATOM   812  C CA  . ALA A 1 130 ? -2.504  -4.465  11.259  1.00 21.59 ? 110 ALA A CA  1 
ATOM   813  C C   . ALA A 1 130 ? -2.694  -3.059  11.813  1.00 19.60 ? 110 ALA A C   1 
ATOM   814  O O   . ALA A 1 130 ? -3.312  -2.200  11.164  1.00 22.25 ? 110 ALA A O   1 
ATOM   815  C CB  . ALA A 1 130 ? -3.532  -5.420  11.867  1.00 15.27 ? 110 ALA A CB  1 
ATOM   816  N N   . GLU A 1 131 ? -2.182  -2.801  13.018  1.00 18.86 ? 111 GLU A N   1 
ATOM   817  C CA  . GLU A 1 131 ? -2.328  -1.464  13.594  1.00 27.00 ? 111 GLU A CA  1 
ATOM   818  C C   . GLU A 1 131 ? -1.605  -0.425  12.754  1.00 23.09 ? 111 GLU A C   1 
ATOM   819  O O   . GLU A 1 131 ? -2.005  0.750   12.720  1.00 22.38 ? 111 GLU A O   1 
ATOM   820  C CB  . GLU A 1 131 ? -1.791  -1.437  15.034  1.00 28.71 ? 111 GLU A CB  1 
ATOM   821  N N   . SER A 1 132 ? -0.547  -0.842  12.063  1.00 21.36 ? 112 SER A N   1 
ATOM   822  C CA  . SER A 1 132 ? 0.247   0.075   11.254  1.00 21.14 ? 112 SER A CA  1 
ATOM   823  C C   . SER A 1 132 ? -0.484  0.472   9.978   1.00 21.25 ? 112 SER A C   1 
ATOM   824  O O   . SER A 1 132 ? -0.428  1.639   9.552   1.00 19.24 ? 112 SER A O   1 
ATOM   825  C CB  . SER A 1 132 ? 1.592   -0.583  10.955  1.00 23.07 ? 112 SER A CB  1 
ATOM   826  O OG  . SER A 1 132 ? 2.384   -0.536  12.141  1.00 24.24 ? 112 SER A OG  1 
ATOM   827  N N   . PHE A 1 133 ? -1.173  -0.480  9.347   1.00 22.54 ? 113 PHE A N   1 
ATOM   828  C CA  . PHE A 1 133 ? -2.084  -0.135  8.254   1.00 19.07 ? 113 PHE A CA  1 
ATOM   829  C C   . PHE A 1 133 ? -3.146  0.857   8.724   1.00 19.84 ? 113 PHE A C   1 
ATOM   830  O O   . PHE A 1 133 ? -3.455  1.843   8.033   1.00 21.71 ? 113 PHE A O   1 
ATOM   831  C CB  . PHE A 1 133 ? -2.744  -1.401  7.733   1.00 19.46 ? 113 PHE A CB  1 
ATOM   832  C CG  . PHE A 1 133 ? -1.862  -2.238  6.839   1.00 15.99 ? 113 PHE A CG  1 
ATOM   833  C CD1 . PHE A 1 133 ? -1.331  -1.699  5.684   1.00 19.64 ? 113 PHE A CD1 1 
ATOM   834  C CD2 . PHE A 1 133 ? -1.605  -3.571  7.140   1.00 17.58 ? 113 PHE A CD2 1 
ATOM   835  C CE1 . PHE A 1 133 ? -0.543  -2.479  4.856   1.00 20.99 ? 113 PHE A CE1 1 
ATOM   836  C CE2 . PHE A 1 133 ? -0.828  -4.362  6.295   1.00 22.47 ? 113 PHE A CE2 1 
ATOM   837  C CZ  . PHE A 1 133 ? -0.311  -3.816  5.158   1.00 20.10 ? 113 PHE A CZ  1 
ATOM   838  N N   . GLN A 1 134 ? -3.712  0.608   9.899   1.00 22.04 ? 114 GLN A N   1 
ATOM   839  C CA  . GLN A 1 134 ? -4.759  1.489   10.410  1.00 20.89 ? 114 GLN A CA  1 
ATOM   840  C C   . GLN A 1 134 ? -4.202  2.883   10.657  1.00 21.97 ? 114 GLN A C   1 
ATOM   841  O O   . GLN A 1 134 ? -4.864  3.889   10.361  1.00 23.52 ? 114 GLN A O   1 
ATOM   842  C CB  . GLN A 1 134 ? -5.375  0.907   11.697  1.00 26.99 ? 114 GLN A CB  1 
ATOM   843  C CG  . GLN A 1 134 ? -6.593  1.746   12.242  1.00 28.09 ? 114 GLN A CG  1 
ATOM   844  C CD  . GLN A 1 134 ? -7.673  1.939   11.197  1.00 35.49 ? 114 GLN A CD  1 
ATOM   845  O OE1 . GLN A 1 134 ? -7.921  1.053   10.380  1.00 35.66 ? 114 GLN A OE1 1 
ATOM   846  N NE2 . GLN A 1 134 ? -8.326  3.110   11.210  1.00 41.47 ? 114 GLN A NE2 1 
ATOM   847  N N   . ALA A 1 135 ? -2.980  2.964   11.189  1.00 16.93 ? 115 ALA A N   1 
ATOM   848  C CA  . ALA A 1 135 ? -2.358  4.261   11.455  1.00 21.99 ? 115 ALA A CA  1 
ATOM   849  C C   . ALA A 1 135 ? -2.145  5.043   10.174  1.00 24.82 ? 115 ALA A C   1 
ATOM   850  O O   . ALA A 1 135 ? -2.210  6.290   10.167  1.00 22.54 ? 115 ALA A O   1 
ATOM   851  C CB  . ALA A 1 135 ? -1.028  4.068   12.169  1.00 21.28 ? 115 ALA A CB  1 
ATOM   852  N N   . GLY A 1 136 ? -1.902  4.329   9.076   1.00 21.41 ? 116 GLY A N   1 
ATOM   853  C CA  . GLY A 1 136 ? -1.794  4.991   7.784   1.00 22.90 ? 116 GLY A CA  1 
ATOM   854  C C   . GLY A 1 136 ? -3.118  5.588   7.348   1.00 24.27 ? 116 GLY A C   1 
ATOM   855  O O   . GLY A 1 136 ? -3.176  6.732   6.880   1.00 20.18 ? 116 GLY A O   1 
ATOM   856  N N   . VAL A 1 137 ? -4.203  4.835   7.533   1.00 20.41 ? 117 VAL A N   1 
ATOM   857  C CA  . VAL A 1 137 ? -5.521  5.308   7.130   1.00 18.49 ? 117 VAL A CA  1 
ATOM   858  C C   . VAL A 1 137 ? -5.892  6.550   7.939   1.00 23.43 ? 117 VAL A C   1 
ATOM   859  O O   . VAL A 1 137 ? -6.408  7.544   7.401   1.00 23.87 ? 117 VAL A O   1 
ATOM   860  C CB  . VAL A 1 137 ? -6.544  4.161   7.306   1.00 20.02 ? 117 VAL A CB  1 
ATOM   861  C CG1 . VAL A 1 137 ? -7.966  4.659   7.259   1.00 20.35 ? 117 VAL A CG1 1 
ATOM   862  C CG2 . VAL A 1 137 ? -6.319  3.063   6.291   1.00 21.79 ? 117 VAL A CG2 1 
ATOM   863  N N   . GLU A 1 138 ? -5.630  6.517   9.239   1.00 21.24 ? 118 GLU A N   1 
ATOM   864  C CA  . GLU A 1 138 ? -5.983  7.654   10.083  1.00 30.27 ? 118 GLU A CA  1 
ATOM   865  C C   . GLU A 1 138 ? -5.203  8.899   9.700   1.00 26.33 ? 118 GLU A C   1 
ATOM   866  O O   . GLU A 1 138 ? -5.713  10.020  9.834   1.00 24.56 ? 118 GLU A O   1 
ATOM   867  C CB  . GLU A 1 138 ? -5.714  7.317   11.543  1.00 28.99 ? 118 GLU A CB  1 
ATOM   868  C CG  . GLU A 1 138 ? -6.360  6.021   11.959  1.00 37.12 ? 118 GLU A CG  1 
ATOM   869  C CD  . GLU A 1 138 ? -6.883  6.049   13.358  1.00 47.00 ? 118 GLU A CD  1 
ATOM   870  O OE1 . GLU A 1 138 ? -7.862  6.793   13.617  1.00 61.34 ? 118 GLU A OE1 1 
ATOM   871  O OE2 . GLU A 1 138 ? -6.313  5.324   14.194  1.00 50.95 ? 118 GLU A OE2 1 
ATOM   872  N N   . THR A 1 139 ? -3.959  8.722   9.247   1.00 21.61 ? 119 THR A N   1 
ATOM   873  C CA  . THR A 1 139 ? -3.165  9.843   8.768   1.00 22.69 ? 119 THR A CA  1 
ATOM   874  C C   . THR A 1 139 ? -3.828  10.494  7.577   1.00 21.49 ? 119 THR A C   1 
ATOM   875  O O   . THR A 1 139 ? -3.965  11.721  7.506   1.00 22.44 ? 119 THR A O   1 
ATOM   876  C CB  . THR A 1 139 ? -1.775  9.364   8.353   1.00 22.57 ? 119 THR A CB  1 
ATOM   877  O OG1 . THR A 1 139 ? -1.160  8.704   9.444   1.00 19.21 ? 119 THR A OG1 1 
ATOM   878  C CG2 . THR A 1 139 ? -0.936  10.554  7.887   1.00 26.02 ? 119 THR A CG2 1 
ATOM   879  N N   . ALA A 1 140 ? -4.207  9.677   6.599   1.00 25.64 ? 120 ALA A N   1 
ATOM   880  C CA  . ALA A 1 140 ? -4.825  10.218  5.398   1.00 26.75 ? 120 ALA A CA  1 
ATOM   881  C C   . ALA A 1 140 ? -6.189  10.815  5.695   1.00 27.04 ? 120 ALA A C   1 
ATOM   882  O O   . ALA A 1 140 ? -6.584  11.785  5.047   1.00 29.35 ? 120 ALA A O   1 
ATOM   883  C CB  . ALA A 1 140 ? -4.950  9.144   4.322   1.00 24.95 ? 120 ALA A CB  1 
ATOM   884  N N   . TYR A 1 141 ? -6.929  10.251  6.650   1.00 26.47 ? 121 TYR A N   1 
ATOM   885  C CA  . TYR A 1 141 ? -8.231  10.837  6.962   1.00 28.77 ? 121 TYR A CA  1 
ATOM   886  C C   . TYR A 1 141 ? -8.075  12.118  7.773   1.00 29.17 ? 121 TYR A C   1 
ATOM   887  O O   . TYR A 1 141 ? -8.819  13.075  7.552   1.00 29.54 ? 121 TYR A O   1 
ATOM   888  C CB  . TYR A 1 141 ? -9.115  9.834   7.700   1.00 28.71 ? 121 TYR A CB  1 
ATOM   889  C CG  . TYR A 1 141 ? -9.955  8.990   6.754   1.00 28.86 ? 121 TYR A CG  1 
ATOM   890  C CD1 . TYR A 1 141 ? -9.448  7.837   6.205   1.00 30.98 ? 121 TYR A CD1 1 
ATOM   891  C CD2 . TYR A 1 141 ? -11.242 9.365   6.398   1.00 30.50 ? 121 TYR A CD2 1 
ATOM   892  C CE1 . TYR A 1 141 ? -10.186 7.067   5.341   1.00 30.37 ? 121 TYR A CE1 1 
ATOM   893  C CE2 . TYR A 1 141 ? -11.991 8.603   5.538   1.00 32.91 ? 121 TYR A CE2 1 
ATOM   894  C CZ  . TYR A 1 141 ? -11.457 7.450   5.001   1.00 38.56 ? 121 TYR A CZ  1 
ATOM   895  O OH  . TYR A 1 141 ? -12.177 6.657   4.115   1.00 41.49 ? 121 TYR A OH  1 
ATOM   896  N N   . LYS A 1 142 ? -7.095  12.175  8.689   1.00 26.37 ? 122 LYS A N   1 
ATOM   897  C CA  . LYS A 1 142 ? -6.856  13.415  9.430   1.00 25.98 ? 122 LYS A CA  1 
ATOM   898  C C   . LYS A 1 142 ? -6.523  14.576  8.493   1.00 34.23 ? 122 LYS A C   1 
ATOM   899  O O   . LYS A 1 142 ? -6.808  15.738  8.822   1.00 26.79 ? 122 LYS A O   1 
ATOM   900  C CB  . LYS A 1 142 ? -5.742  13.248  10.465  1.00 25.53 ? 122 LYS A CB  1 
ATOM   901  C CG  . LYS A 1 142 ? -6.165  12.568  11.794  1.00 37.71 ? 122 LYS A CG  1 
ATOM   902  C CD  . LYS A 1 142 ? -5.092  12.701  12.924  1.00 28.58 ? 122 LYS A CD  1 
ATOM   903  N N   . ALA A 1 143 ? -5.950  14.284  7.320   1.00 31.11 ? 123 ALA A N   1 
ATOM   904  C CA  . ALA A 1 143 ? -5.505  15.282  6.351   1.00 36.15 ? 123 ALA A CA  1 
ATOM   905  C C   . ALA A 1 143 ? -6.570  15.694  5.322   1.00 41.40 ? 123 ALA A C   1 
ATOM   906  O O   . ALA A 1 143 ? -6.225  16.367  4.345   1.00 47.39 ? 123 ALA A O   1 
ATOM   907  C CB  . ALA A 1 143 ? -4.281  14.763  5.592   1.00 32.33 ? 123 ALA A CB  1 
ATOM   908  N N   . VAL A 1 144 ? -7.836  15.301  5.485   1.00 41.22 ? 124 VAL A N   1 
ATOM   909  C CA  . VAL A 1 144 ? -8.895  15.702  4.556   1.00 44.50 ? 124 VAL A CA  1 
ATOM   910  C C   . VAL A 1 144 ? -10.198 15.923  5.322   1.00 49.65 ? 124 VAL A C   1 
ATOM   911  O O   . VAL A 1 144 ? -10.434 15.323  6.375   1.00 46.03 ? 124 VAL A O   1 
ATOM   912  C CB  . VAL A 1 144 ? -9.119  14.669  3.428   1.00 45.15 ? 124 VAL A CB  1 
ATOM   913  C CG1 . VAL A 1 144 ? -7.975  14.705  2.452   1.00 42.63 ? 124 VAL A CG1 1 
ATOM   914  C CG2 . VAL A 1 144 ? -9.306  13.236  3.995   1.00 45.79 ? 124 VAL A CG2 1 
ATOM   915  N N   . MET A 1 145 ? -11.044 16.807  4.786   1.00 50.07 ? 125 MET A N   1 
ATOM   916  C CA  . MET A 1 145 ? -12.333 17.146  5.392   1.00 59.02 ? 125 MET A CA  1 
ATOM   917  C C   . MET A 1 145 ? -13.421 16.455  4.570   1.00 68.52 ? 125 MET A C   1 
ATOM   918  O O   . MET A 1 145 ? -13.849 16.953  3.524   1.00 75.98 ? 125 MET A O   1 
ATOM   919  C CB  . MET A 1 145 ? -12.532 18.661  5.446   1.00 54.15 ? 125 MET A CB  1 
ATOM   920  N N   . LYS A 1 146 ? -13.859 15.291  5.039   1.00 62.52 ? 126 LYS A N   1 
ATOM   921  C CA  . LYS A 1 146 ? -14.887 14.531  4.337   1.00 57.65 ? 126 LYS A CA  1 
ATOM   922  C C   . LYS A 1 146 ? -14.358 14.095  2.974   1.00 53.14 ? 126 LYS A C   1 
ATOM   923  O O   . LYS A 1 146 ? -14.622 14.764  1.964   1.00 49.49 ? 126 LYS A O   1 
ATOM   924  C CB  . LYS A 1 146 ? -16.162 15.366  4.179   1.00 55.24 ? 126 LYS A CB  1 
ATOM   925  N N   . PRO A 1 147 ? -13.587 13.010  2.906   1.00 44.72 ? 127 PRO A N   1 
ATOM   926  C CA  . PRO A 1 147 ? -13.082 12.540  1.610   1.00 47.96 ? 127 PRO A CA  1 
ATOM   927  C C   . PRO A 1 147 ? -14.165 11.861  0.786   1.00 35.00 ? 127 PRO A C   1 
ATOM   928  O O   . PRO A 1 147 ? -15.152 11.344  1.303   1.00 32.35 ? 127 PRO A O   1 
ATOM   929  C CB  . PRO A 1 147 ? -11.985 11.540  1.993   1.00 41.60 ? 127 PRO A CB  1 
ATOM   930  C CG  . PRO A 1 147 ? -12.370 11.068  3.365   1.00 37.51 ? 127 PRO A CG  1 
ATOM   931  C CD  . PRO A 1 147 ? -13.103 12.185  4.027   1.00 43.57 ? 127 PRO A CD  1 
ATOM   932  N N   . VAL A 1 148 ? -13.943 11.840  -0.527  1.00 37.01 ? 128 VAL A N   1 
ATOM   933  C CA  . VAL A 1 148 ? -14.880 11.194  -1.441  1.00 32.94 ? 128 VAL A CA  1 
ATOM   934  C C   . VAL A 1 148 ? -14.771 9.676   -1.294  1.00 30.91 ? 128 VAL A C   1 
ATOM   935  O O   . VAL A 1 148 ? -13.706 9.092   -1.511  1.00 36.59 ? 128 VAL A O   1 
ATOM   936  C CB  . VAL A 1 148 ? -14.609 11.630  -2.890  1.00 37.14 ? 128 VAL A CB  1 
ATOM   937  C CG1 . VAL A 1 148 ? -15.427 10.780  -3.876  1.00 34.34 ? 128 VAL A CG1 1 
ATOM   938  C CG2 . VAL A 1 148 ? -14.924 13.124  -3.069  1.00 41.85 ? 128 VAL A CG2 1 
ATOM   939  N N   . GLU A 1 149 ? -15.880 9.027   -0.965  1.00 26.43 ? 129 GLU A N   1 
ATOM   940  C CA  . GLU A 1 149 ? -15.899 7.572   -0.984  1.00 29.80 ? 129 GLU A CA  1 
ATOM   941  C C   . GLU A 1 149 ? -15.844 7.049   -2.428  1.00 31.23 ? 129 GLU A C   1 
ATOM   942  O O   . GLU A 1 149 ? -16.358 7.669   -3.371  1.00 24.78 ? 129 GLU A O   1 
ATOM   943  C CB  . GLU A 1 149 ? -17.140 7.051   -0.242  1.00 31.61 ? 129 GLU A CB  1 
ATOM   944  C CG  . GLU A 1 149 ? -17.112 7.273   1.308   1.00 37.48 ? 129 GLU A CG  1 
ATOM   945  C CD  . GLU A 1 149 ? -16.043 6.436   2.031   1.00 45.62 ? 129 GLU A CD  1 
ATOM   946  O OE1 . GLU A 1 149 ? -15.824 5.269   1.626   1.00 45.82 ? 129 GLU A OE1 1 
ATOM   947  O OE2 . GLU A 1 149 ? -15.400 6.954   2.996   1.00 51.38 ? 129 GLU A OE2 1 
ATOM   948  N N   . GLY A 1 150 ? -15.207 5.890   -2.594  1.00 29.50 ? 130 GLY A N   1 
ATOM   949  C CA  . GLY A 1 150 ? -15.008 5.290   -3.906  1.00 25.81 ? 130 GLY A CA  1 
ATOM   950  C C   . GLY A 1 150 ? -13.621 5.468   -4.482  1.00 22.17 ? 130 GLY A C   1 
ATOM   951  O O   . GLY A 1 150 ? -13.443 5.272   -5.688  1.00 27.31 ? 130 GLY A O   1 
ATOM   952  N N   . THR A 1 151 ? -12.638 5.824   -3.652  1.00 29.25 ? 131 THR A N   1 
ATOM   953  C CA  . THR A 1 151 ? -11.283 6.216   -4.028  1.00 34.00 ? 131 THR A CA  1 
ATOM   954  C C   . THR A 1 151 ? -10.265 5.329   -3.316  1.00 27.94 ? 131 THR A C   1 
ATOM   955  O O   . THR A 1 151 ? -10.602 4.441   -2.525  1.00 23.68 ? 131 THR A O   1 
ATOM   956  C CB  . THR A 1 151 ? -11.010 7.686   -3.669  1.00 32.53 ? 131 THR A CB  1 
ATOM   957  O OG1 . THR A 1 151 ? -11.134 7.848   -2.256  1.00 37.60 ? 131 THR A OG1 1 
ATOM   958  C CG2 . THR A 1 151 ? -11.976 8.597   -4.377  1.00 31.08 ? 131 THR A CG2 1 
ATOM   959  N N   . ILE A 1 152 ? -8.994  5.603   -3.587  1.00 26.76 ? 132 ILE A N   1 
ATOM   960  C CA  . ILE A 1 152 ? -7.926  4.837   -2.952  1.00 21.73 ? 132 ILE A CA  1 
ATOM   961  C C   . ILE A 1 152 ? -8.080  4.837   -1.439  1.00 23.62 ? 132 ILE A C   1 
ATOM   962  O O   . ILE A 1 152 ? -7.743  3.855   -0.767  1.00 21.73 ? 132 ILE A O   1 
ATOM   963  C CB  . ILE A 1 152 ? -6.553  5.394   -3.364  1.00 28.49 ? 132 ILE A CB  1 
ATOM   964  C CG1 . ILE A 1 152 ? -5.467  4.616   -2.645  1.00 22.49 ? 132 ILE A CG1 1 
ATOM   965  C CG2 . ILE A 1 152 ? -6.470  6.901   -3.060  1.00 23.44 ? 132 ILE A CG2 1 
ATOM   966  C CD1 . ILE A 1 152 ? -4.107  4.978   -3.105  1.00 23.57 ? 132 ILE A CD1 1 
ATOM   967  N N   . LEU A 1 153 ? -8.571  5.942   -0.871  1.00 25.35 ? 133 LEU A N   1 
ATOM   968  C CA  . LEU A 1 153 ? -8.715  6.006   0.579   1.00 27.15 ? 133 LEU A CA  1 
ATOM   969  C C   . LEU A 1 153 ? -9.717  4.976   1.076   1.00 29.48 ? 133 LEU A C   1 
ATOM   970  O O   . LEU A 1 153 ? -9.504  4.367   2.132   1.00 22.22 ? 133 LEU A O   1 
ATOM   971  C CB  . LEU A 1 153 ? -9.156  7.408   1.018   1.00 29.72 ? 133 LEU A CB  1 
ATOM   972  C CG  . LEU A 1 153 ? -8.226  8.163   1.940   1.00 38.50 ? 133 LEU A CG  1 
ATOM   973  C CD1 . LEU A 1 153 ? -8.933  9.413   2.433   1.00 40.46 ? 133 LEU A CD1 1 
ATOM   974  C CD2 . LEU A 1 153 ? -7.820  7.261   3.109   1.00 39.80 ? 133 LEU A CD2 1 
ATOM   975  N N   . THR A 1 154 ? -10.826 4.783   0.335   1.00 24.01 ? 134 THR A N   1 
ATOM   976  C CA  . THR A 1 154 ? -11.830 3.786   0.716   1.00 25.65 ? 134 THR A CA  1 
ATOM   977  C C   . THR A 1 154 ? -11.230 2.390   0.752   1.00 22.33 ? 134 THR A C   1 
ATOM   978  O O   . THR A 1 154 ? -11.455 1.626   1.694   1.00 20.75 ? 134 THR A O   1 
ATOM   979  C CB  . THR A 1 154 ? -12.988 3.789   -0.284  1.00 28.38 ? 134 THR A CB  1 
ATOM   980  O OG1 . THR A 1 154 ? -13.507 5.118   -0.417  1.00 32.14 ? 134 THR A OG1 1 
ATOM   981  C CG2 . THR A 1 154 ? -14.088 2.812   0.160   1.00 31.24 ? 134 THR A CG2 1 
ATOM   982  N N   . VAL A 1 155 ? -10.497 2.026   -0.301  1.00 21.61 ? 135 VAL A N   1 
ATOM   983  C CA  . VAL A 1 155 ? -9.884  0.706   -0.356  1.00 20.79 ? 135 VAL A CA  1 
ATOM   984  C C   . VAL A 1 155 ? -8.913  0.530   0.808   1.00 22.97 ? 135 VAL A C   1 
ATOM   985  O O   . VAL A 1 155 ? -8.894  -0.518  1.471   1.00 23.05 ? 135 VAL A O   1 
ATOM   986  C CB  . VAL A 1 155 ? -9.192  0.515   -1.719  1.00 16.90 ? 135 VAL A CB  1 
ATOM   987  C CG1 . VAL A 1 155 ? -8.489  -0.823  -1.802  1.00 16.70 ? 135 VAL A CG1 1 
ATOM   988  C CG2 . VAL A 1 155 ? -10.188 0.645   -2.864  1.00 23.14 ? 135 VAL A CG2 1 
ATOM   989  N N   . ALA A 1 156 ? -8.107  1.560   1.095   1.00 23.09 ? 136 ALA A N   1 
ATOM   990  C CA  . ALA A 1 156 ? -7.158  1.451   2.204   1.00 24.95 ? 136 ALA A CA  1 
ATOM   991  C C   . ALA A 1 156 ? -7.888  1.285   3.529   1.00 24.96 ? 136 ALA A C   1 
ATOM   992  O O   . ALA A 1 156 ? -7.468  0.494   4.383   1.00 19.71 ? 136 ALA A O   1 
ATOM   993  C CB  . ALA A 1 156 ? -6.237  2.676   2.255   1.00 24.23 ? 136 ALA A CB  1 
ATOM   994  N N   . LYS A 1 157 ? -8.982  2.031   3.718   1.00 20.66 ? 137 LYS A N   1 
ATOM   995  C CA  . LYS A 1 157 ? -9.762  1.936   4.951   1.00 23.53 ? 137 LYS A CA  1 
ATOM   996  C C   . LYS A 1 157 ? -10.300 0.525   5.149   1.00 22.04 ? 137 LYS A C   1 
ATOM   997  O O   . LYS A 1 157 ? -10.194 -0.036  6.234   1.00 20.25 ? 137 LYS A O   1 
ATOM   998  C CB  . LYS A 1 157 ? -10.936 2.935   4.922   1.00 27.64 ? 137 LYS A CB  1 
ATOM   999  C CG  . LYS A 1 157 ? -11.936 2.721   6.054   1.00 27.70 ? 137 LYS A CG  1 
ATOM   1000 C CD  . LYS A 1 157 ? -13.088 3.726   6.068   1.00 34.88 ? 137 LYS A CD  1 
ATOM   1001 C CE  . LYS A 1 157 ? -14.003 3.636   4.809   1.00 37.97 ? 137 LYS A CE  1 
ATOM   1002 N NZ  . LYS A 1 157 ? -14.849 2.399   4.693   1.00 39.36 ? 137 LYS A NZ  1 
ATOM   1003 N N   . ASP A 1 158 ? -10.907 -0.051  4.110   1.00 20.76 ? 138 ASP A N   1 
ATOM   1004 C CA  . ASP A 1 158 ? -11.482 -1.388  4.236   1.00 23.42 ? 138 ASP A CA  1 
ATOM   1005 C C   . ASP A 1 158 ? -10.390 -2.438  4.422   1.00 18.10 ? 138 ASP A C   1 
ATOM   1006 O O   . ASP A 1 158 ? -10.578 -3.422  5.139   1.00 20.57 ? 138 ASP A O   1 
ATOM   1007 C CB  . ASP A 1 158 ? -12.340 -1.700  3.005   1.00 22.59 ? 138 ASP A CB  1 
ATOM   1008 C CG  . ASP A 1 158 ? -13.607 -0.835  2.927   1.00 27.59 ? 138 ASP A CG  1 
ATOM   1009 O OD1 . ASP A 1 158 ? -14.079 -0.346  3.987   1.00 24.19 ? 138 ASP A OD1 1 
ATOM   1010 O OD2 . ASP A 1 158 ? -14.115 -0.632  1.801   1.00 24.48 ? 138 ASP A OD2 1 
ATOM   1011 N N   . ALA A 1 159 ? -9.243  -2.241  3.795   1.00 19.12 ? 139 ALA A N   1 
ATOM   1012 C CA  . ALA A 1 159 ? -8.138  -3.176  3.998   1.00 22.03 ? 139 ALA A CA  1 
ATOM   1013 C C   . ALA A 1 159 ? -7.636  -3.145  5.436   1.00 20.05 ? 139 ALA A C   1 
ATOM   1014 O O   . ALA A 1 159 ? -7.404  -4.195  6.038   1.00 21.51 ? 139 ALA A O   1 
ATOM   1015 C CB  . ALA A 1 159 ? -7.014  -2.843  3.040   1.00 21.29 ? 139 ALA A CB  1 
ATOM   1016 N N   . ALA A 1 160 ? -7.509  -1.948  6.025   1.00 20.99 ? 140 ALA A N   1 
ATOM   1017 C CA  . ALA A 1 160 ? -7.021  -1.857  7.398   1.00 17.41 ? 140 ALA A CA  1 
ATOM   1018 C C   . ALA A 1 160 ? -8.027  -2.451  8.372   1.00 27.62 ? 140 ALA A C   1 
ATOM   1019 O O   . ALA A 1 160 ? -7.645  -3.104  9.356   1.00 26.00 ? 140 ALA A O   1 
ATOM   1020 C CB  . ALA A 1 160 ? -6.726  -0.399  7.751   1.00 24.03 ? 140 ALA A CB  1 
ATOM   1021 N N   . GLN A 1 161 ? -9.317  -2.202  8.126   1.00 21.35 ? 141 GLN A N   1 
ATOM   1022 C CA  . GLN A 1 161 ? -10.365 -2.777  8.961   1.00 25.49 ? 141 GLN A CA  1 
ATOM   1023 C C   . GLN A 1 161 ? -10.267 -4.291  8.962   1.00 23.35 ? 141 GLN A C   1 
ATOM   1024 O O   . GLN A 1 161 ? -10.300 -4.930  10.018  1.00 27.10 ? 141 GLN A O   1 
ATOM   1025 C CB  . GLN A 1 161 ? -11.736 -2.346  8.450   1.00 25.56 ? 141 GLN A CB  1 
ATOM   1026 C CG  . GLN A 1 161 ? -12.900 -2.907  9.272   1.00 40.76 ? 141 GLN A CG  1 
ATOM   1027 C CD  . GLN A 1 161 ? -12.850 -2.472  10.741  1.00 46.85 ? 141 GLN A CD  1 
ATOM   1028 O OE1 . GLN A 1 161 ? -12.542 -1.317  11.054  1.00 50.02 ? 141 GLN A OE1 1 
ATOM   1029 N NE2 . GLN A 1 161 ? -13.153 -3.400  11.643  1.00 44.66 ? 141 GLN A NE2 1 
ATOM   1030 N N   . ALA A 1 162 ? -10.118 -4.876  7.773   1.00 25.02 ? 142 ALA A N   1 
ATOM   1031 C CA  . ALA A 1 162 ? -9.883  -6.314  7.659   1.00 23.70 ? 142 ALA A CA  1 
ATOM   1032 C C   . ALA A 1 162 ? -8.652  -6.748  8.450   1.00 30.19 ? 142 ALA A C   1 
ATOM   1033 O O   . ALA A 1 162 ? -8.689  -7.743  9.187   1.00 29.04 ? 142 ALA A O   1 
ATOM   1034 C CB  . ALA A 1 162 ? -9.717  -6.692  6.185   1.00 24.12 ? 142 ALA A CB  1 
ATOM   1035 N N   . ALA A 1 163 ? -7.537  -6.030  8.289   1.00 22.90 ? 143 ALA A N   1 
ATOM   1036 C CA  . ALA A 1 163 ? -6.318  -6.426  8.988   1.00 26.59 ? 143 ALA A CA  1 
ATOM   1037 C C   . ALA A 1 163 ? -6.566  -6.456  10.493  1.00 26.12 ? 143 ALA A C   1 
ATOM   1038 O O   . ALA A 1 163 ? -6.217  -7.427  11.176  1.00 25.28 ? 143 ALA A O   1 
ATOM   1039 C CB  . ALA A 1 163 ? -5.170  -5.482  8.624   1.00 20.00 ? 143 ALA A CB  1 
ATOM   1040 N N   . ILE A 1 164 ? -7.240  -5.431  11.015  1.00 25.77 ? 144 ILE A N   1 
ATOM   1041 C CA  . ILE A 1 164 ? -7.457  -5.359  12.457  1.00 21.63 ? 144 ILE A CA  1 
ATOM   1042 C C   . ILE A 1 164 ? -8.338  -6.505  12.937  1.00 24.84 ? 144 ILE A C   1 
ATOM   1043 O O   . ILE A 1 164 ? -8.092  -7.090  14.003  1.00 27.88 ? 144 ILE A O   1 
ATOM   1044 C CB  . ILE A 1 164 ? -8.074  -4.005  12.847  1.00 27.13 ? 144 ILE A CB  1 
ATOM   1045 C CG1 . ILE A 1 164 ? -7.066  -2.872  12.656  1.00 31.63 ? 144 ILE A CG1 1 
ATOM   1046 C CG2 . ILE A 1 164 ? -8.570  -4.099  14.281  1.00 32.53 ? 144 ILE A CG2 1 
ATOM   1047 C CD1 . ILE A 1 164 ? -6.031  -2.808  13.725  1.00 27.42 ? 144 ILE A CD1 1 
ATOM   1048 N N   . GLU A 1 165 ? -9.390  -6.827  12.181  1.00 26.19 ? 145 GLU A N   1 
ATOM   1049 C CA  . GLU A 1 165 ? -10.268 -7.949  12.530  1.00 28.66 ? 145 GLU A CA  1 
ATOM   1050 C C   . GLU A 1 165 ? -9.513  -9.269  12.517  1.00 34.14 ? 145 GLU A C   1 
ATOM   1051 O O   . GLU A 1 165 ? -9.659  -10.094 13.425  1.00 33.10 ? 145 GLU A O   1 
ATOM   1052 C CB  . GLU A 1 165 ? -11.438 -8.040  11.554  1.00 30.87 ? 145 GLU A CB  1 
ATOM   1053 C CG  . GLU A 1 165 ? -12.490 -6.973  11.749  1.00 44.86 ? 145 GLU A CG  1 
ATOM   1054 C CD  . GLU A 1 165 ? -13.429 -6.875  10.569  1.00 47.96 ? 145 GLU A CD  1 
ATOM   1055 O OE1 . GLU A 1 165 ? -13.328 -7.724  9.643   1.00 54.97 ? 145 GLU A OE1 1 
ATOM   1056 O OE2 . GLU A 1 165 ? -14.246 -5.928  10.575  1.00 46.93 ? 145 GLU A OE2 1 
ATOM   1057 N N   . LYS A 1 166 ? -8.729  -9.499  11.467  1.00 28.90 ? 146 LYS A N   1 
ATOM   1058 C CA  . LYS A 1 166 ? -8.092  -10.798 11.307  1.00 26.23 ? 146 LYS A CA  1 
ATOM   1059 C C   . LYS A 1 166 ? -6.924  -10.977 12.262  1.00 25.99 ? 146 LYS A C   1 
ATOM   1060 O O   . LYS A 1 166 ? -6.691  -12.095 12.735  1.00 28.93 ? 146 LYS A O   1 
ATOM   1061 C CB  . LYS A 1 166 ? -7.634  -10.965 9.868   1.00 28.17 ? 146 LYS A CB  1 
ATOM   1062 C CG  . LYS A 1 166 ? -7.131  -12.368 9.525   1.00 31.09 ? 146 LYS A CG  1 
ATOM   1063 C CD  . LYS A 1 166 ? -8.266  -13.412 9.495   1.00 34.08 ? 146 LYS A CD  1 
ATOM   1064 C CE  . LYS A 1 166 ? -7.739  -14.761 8.946   1.00 38.35 ? 146 LYS A CE  1 
ATOM   1065 N NZ  . LYS A 1 166 ? -8.718  -15.851 9.142   1.00 52.35 ? 146 LYS A NZ  1 
ATOM   1066 N N   . ALA A 1 167 ? -6.174  -9.905  12.556  1.00 29.79 ? 147 ALA A N   1 
ATOM   1067 C CA  . ALA A 1 167 ? -4.982  -10.045 13.382  1.00 29.50 ? 147 ALA A CA  1 
ATOM   1068 C C   . ALA A 1 167 ? -5.322  -10.539 14.774  1.00 32.24 ? 147 ALA A C   1 
ATOM   1069 O O   . ALA A 1 167 ? -4.461  -11.115 15.433  1.00 32.35 ? 147 ALA A O   1 
ATOM   1070 C CB  . ALA A 1 167 ? -4.213  -8.724  13.504  1.00 27.20 ? 147 ALA A CB  1 
ATOM   1071 N N   . ASN A 1 168 ? -6.549  -10.303 15.239  1.00 26.57 ? 148 ASN A N   1 
ATOM   1072 C CA  . ASN A 1 168 ? -6.891  -10.663 16.603  1.00 30.14 ? 148 ASN A CA  1 
ATOM   1073 C C   . ASN A 1 168 ? -6.792  -12.159 16.854  1.00 31.88 ? 148 ASN A C   1 
ATOM   1074 O O   . ASN A 1 168 ? -6.568  -12.555 18.001  1.00 39.68 ? 148 ASN A O   1 
ATOM   1075 C CB  . ASN A 1 168 ? -8.289  -10.153 16.932  1.00 35.61 ? 148 ASN A CB  1 
ATOM   1076 C CG  . ASN A 1 168 ? -8.329  -8.640  17.007  1.00 28.26 ? 148 ASN A CG  1 
ATOM   1077 O OD1 . ASN A 1 168 ? -7.376  -8.020  17.488  1.00 30.47 ? 148 ASN A OD1 1 
ATOM   1078 N ND2 . ASN A 1 168 ? -9.414  -8.042  16.527  1.00 27.81 ? 148 ASN A ND2 1 
ATOM   1079 N N   . ASN A 1 169 ? -6.907  -13.003 15.831  1.00 31.05 ? 149 ASN A N   1 
ATOM   1080 C CA  . ASN A 1 169 ? -6.680  -14.427 16.100  1.00 37.72 ? 149 ASN A CA  1 
ATOM   1081 C C   . ASN A 1 169 ? -5.863  -15.110 14.998  1.00 36.47 ? 149 ASN A C   1 
ATOM   1082 O O   . ASN A 1 169 ? -6.025  -16.306 14.727  1.00 29.83 ? 149 ASN A O   1 
ATOM   1083 C CB  . ASN A 1 169 ? -7.997  -15.151 16.344  1.00 39.70 ? 149 ASN A CB  1 
ATOM   1084 C CG  . ASN A 1 169 ? -7.891  -16.141 17.502  1.00 38.84 ? 149 ASN A CG  1 
ATOM   1085 O OD1 . ASN A 1 169 ? -7.171  -15.884 18.467  1.00 43.12 ? 149 ASN A OD1 1 
ATOM   1086 N ND2 . ASN A 1 169 ? -8.571  -17.278 17.399  1.00 32.52 ? 149 ASN A ND2 1 
ATOM   1087 N N   . THR A 1 170 ? -4.910  -14.384 14.418  1.00 32.14 ? 150 THR A N   1 
ATOM   1088 C CA  . THR A 1 170 ? -3.969  -14.942 13.453  1.00 34.60 ? 150 THR A CA  1 
ATOM   1089 C C   . THR A 1 170 ? -2.579  -14.434 13.803  1.00 34.93 ? 150 THR A C   1 
ATOM   1090 O O   . THR A 1 170 ? -2.319  -13.233 13.692  1.00 35.28 ? 150 THR A O   1 
ATOM   1091 C CB  . THR A 1 170 ? -4.359  -14.526 12.032  1.00 40.34 ? 150 THR A CB  1 
ATOM   1092 O OG1 . THR A 1 170 ? -5.718  -14.930 11.764  1.00 46.54 ? 150 THR A OG1 1 
ATOM   1093 C CG2 . THR A 1 170 ? -3.440  -15.143 11.019  1.00 41.21 ? 150 THR A CG2 1 
ATOM   1094 N N   . GLU A 1 171 ? -1.685  -15.336 14.217  1.00 29.94 ? 151 GLU A N   1 
ATOM   1095 C CA  . GLU A 1 171 ? -0.292  -14.961 14.428  1.00 32.05 ? 151 GLU A CA  1 
ATOM   1096 C C   . GLU A 1 171 ? 0.480   -14.861 13.121  1.00 28.68 ? 151 GLU A C   1 
ATOM   1097 O O   . GLU A 1 171 ? 1.527   -14.202 13.084  1.00 38.18 ? 151 GLU A O   1 
ATOM   1098 C CB  . GLU A 1 171 ? 0.444   -15.970 15.333  1.00 27.99 ? 151 GLU A CB  1 
ATOM   1099 N N   . ASP A 1 172 ? 0.018   -15.541 12.084  1.00 31.74 ? 152 ASP A N   1 
ATOM   1100 C CA  . ASP A 1 172 ? 0.758   -15.691 10.841  1.00 27.94 ? 152 ASP A CA  1 
ATOM   1101 C C   . ASP A 1 172 ? 0.513   -14.497 9.925   1.00 25.83 ? 152 ASP A C   1 
ATOM   1102 O O   . ASP A 1 172 ? -0.621  -14.248 9.516   1.00 24.65 ? 152 ASP A O   1 
ATOM   1103 C CB  . ASP A 1 172 ? 0.346   -16.979 10.135  1.00 26.06 ? 152 ASP A CB  1 
ATOM   1104 C CG  . ASP A 1 172 ? 1.004   -17.125 8.757   1.00 27.01 ? 152 ASP A CG  1 
ATOM   1105 O OD1 . ASP A 1 172 ? 0.396   -17.783 7.890   1.00 28.85 ? 152 ASP A OD1 1 
ATOM   1106 O OD2 . ASP A 1 172 ? 2.120   -16.562 8.550   1.00 24.63 ? 152 ASP A OD2 1 
ATOM   1107 N N   . CYS A 1 173 ? 1.579   -13.793 9.564   1.00 31.14 ? 153 CYS A N   1 
ATOM   1108 C CA  . CYS A 1 173 ? 1.423   -12.616 8.727   1.00 22.99 ? 153 CYS A CA  1 
ATOM   1109 C C   . CYS A 1 173 ? 1.148   -12.962 7.272   1.00 31.03 ? 153 CYS A C   1 
ATOM   1110 O O   . CYS A 1 173 ? 0.664   -12.096 6.538   1.00 24.94 ? 153 CYS A O   1 
ATOM   1111 C CB  . CYS A 1 173 ? 2.667   -11.732 8.821   1.00 25.54 ? 153 CYS A CB  1 
ATOM   1112 S SG  . CYS A 1 173 ? 3.006   -11.071 10.489  1.00 30.46 ? 153 CYS A SG  1 
ATOM   1113 N N   . ILE A 1 174 ? 1.459   -14.189 6.828   1.00 20.27 ? 154 ILE A N   1 
ATOM   1114 C CA  . ILE A 1 174 ? 1.027   -14.618 5.500   1.00 29.78 ? 154 ILE A CA  1 
ATOM   1115 C C   . ILE A 1 174 ? -0.494  -14.734 5.447   1.00 27.25 ? 154 ILE A C   1 
ATOM   1116 O O   . ILE A 1 174 ? -1.158  -14.208 4.545   1.00 24.73 ? 154 ILE A O   1 
ATOM   1117 C CB  . ILE A 1 174 ? 1.693   -15.958 5.123   1.00 23.37 ? 154 ILE A CB  1 
ATOM   1118 C CG1 . ILE A 1 174 ? 3.223   -15.809 5.074   1.00 28.00 ? 154 ILE A CG1 1 
ATOM   1119 C CG2 . ILE A 1 174 ? 1.125   -16.451 3.821   1.00 23.59 ? 154 ILE A CG2 1 
ATOM   1120 C CD1 . ILE A 1 174 ? 3.941   -17.080 4.665   1.00 30.62 ? 154 ILE A CD1 1 
ATOM   1121 N N   . GLU A 1 175 ? -1.068  -15.486 6.373   1.00 27.51 ? 155 GLU A N   1 
ATOM   1122 C CA  . GLU A 1 175 ? -2.517  -15.636 6.368   1.00 23.37 ? 155 GLU A CA  1 
ATOM   1123 C C   . GLU A 1 175 ? -3.201  -14.279 6.535   1.00 25.77 ? 155 GLU A C   1 
ATOM   1124 O O   . GLU A 1 175 ? -4.192  -13.993 5.857   1.00 24.55 ? 155 GLU A O   1 
ATOM   1125 C CB  . GLU A 1 175 ? -2.925  -16.618 7.472   1.00 29.40 ? 155 GLU A CB  1 
ATOM   1126 C CG  . GLU A 1 175 ? -4.422  -16.950 7.561   1.00 36.51 ? 155 GLU A CG  1 
ATOM   1127 C CD  . GLU A 1 175 ? -4.793  -17.696 8.851   1.00 42.79 ? 155 GLU A CD  1 
ATOM   1128 O OE1 . GLU A 1 175 ? -3.872  -18.154 9.577   1.00 43.28 ? 155 GLU A OE1 1 
ATOM   1129 O OE2 . GLU A 1 175 ? -6.007  -17.803 9.145   1.00 45.49 ? 155 GLU A OE2 1 
ATOM   1130 N N   . LEU A 1 176 ? -2.676  -13.427 7.429   1.00 22.74 ? 156 LEU A N   1 
ATOM   1131 C CA  . LEU A 1 176 ? -3.208  -12.065 7.576   1.00 24.24 ? 156 LEU A CA  1 
ATOM   1132 C C   . LEU A 1 176 ? -3.174  -11.307 6.257   1.00 25.88 ? 156 LEU A C   1 
ATOM   1133 O O   . LEU A 1 176 ? -4.178  -10.732 5.835   1.00 20.47 ? 156 LEU A O   1 
ATOM   1134 C CB  . LEU A 1 176 ? -2.420  -11.293 8.619   1.00 25.02 ? 156 LEU A CB  1 
ATOM   1135 C CG  . LEU A 1 176 ? -2.841  -9.845  8.882   1.00 26.53 ? 156 LEU A CG  1 
ATOM   1136 C CD1 . LEU A 1 176 ? -4.261  -9.785  9.349   1.00 27.25 ? 156 LEU A CD1 1 
ATOM   1137 C CD2 . LEU A 1 176 ? -1.926  -9.222  9.929   1.00 26.58 ? 156 LEU A CD2 1 
ATOM   1138 N N   . MET A 1 177 ? -2.009  -11.260 5.607   1.00 21.63 ? 157 MET A N   1 
ATOM   1139 C CA  . MET A 1 177 ? -1.890  -10.474 4.386   1.00 23.84 ? 157 MET A CA  1 
ATOM   1140 C C   . MET A 1 177 ? -2.803  -11.012 3.289   1.00 26.92 ? 157 MET A C   1 
ATOM   1141 O O   . MET A 1 177 ? -3.357  -10.246 2.492   1.00 21.63 ? 157 MET A O   1 
ATOM   1142 C CB  . MET A 1 177 ? -0.449  -10.460 3.927   1.00 22.81 ? 157 MET A CB  1 
ATOM   1143 C CG  . MET A 1 177 ? -0.144  -9.380  2.944   1.00 27.73 ? 157 MET A CG  1 
ATOM   1144 S SD  . MET A 1 177 ? -0.183  -7.739  3.729   1.00 24.49 ? 157 MET A SD  1 
ATOM   1145 C CE  . MET A 1 177 ? -0.917  -6.819  2.391   1.00 23.73 ? 157 MET A CE  1 
ATOM   1146 N N   . GLU A 1 178 ? -2.962  -12.329 3.215   1.00 25.72 ? 158 GLU A N   1 
ATOM   1147 C CA  . GLU A 1 178 ? -3.901  -12.874 2.239   1.00 22.65 ? 158 GLU A CA  1 
ATOM   1148 C C   . GLU A 1 178 ? -5.304  -12.362 2.513   1.00 24.51 ? 158 GLU A C   1 
ATOM   1149 O O   . GLU A 1 178 ? -6.052  -12.026 1.585   1.00 24.59 ? 158 GLU A O   1 
ATOM   1150 C CB  . GLU A 1 178 ? -3.884  -14.409 2.264   1.00 31.22 ? 158 GLU A CB  1 
ATOM   1151 C CG  . GLU A 1 178 ? -2.790  -15.028 1.401   1.00 37.92 ? 158 GLU A CG  1 
ATOM   1152 C CD  . GLU A 1 178 ? -2.483  -16.465 1.796   1.00 48.64 ? 158 GLU A CD  1 
ATOM   1153 O OE1 . GLU A 1 178 ? -3.132  -16.963 2.748   1.00 48.77 ? 158 GLU A OE1 1 
ATOM   1154 O OE2 . GLU A 1 178 ? -1.582  -17.081 1.168   1.00 38.38 ? 158 GLU A OE2 1 
ATOM   1155 N N   . TYR A 1 179 ? -5.683  -12.299 3.784   1.00 23.10 ? 159 TYR A N   1 
ATOM   1156 C CA  . TYR A 1 179 ? -7.021  -11.830 4.108   1.00 22.54 ? 159 TYR A CA  1 
ATOM   1157 C C   . TYR A 1 179 ? -7.174  -10.360 3.738   1.00 25.96 ? 159 TYR A C   1 
ATOM   1158 O O   . TYR A 1 179 ? -8.191  -9.956  3.158   1.00 27.61 ? 159 TYR A O   1 
ATOM   1159 C CB  . TYR A 1 179 ? -7.292  -12.022 5.591   1.00 27.78 ? 159 TYR A CB  1 
ATOM   1160 C CG  . TYR A 1 179 ? -8.707  -11.690 6.011   1.00 30.43 ? 159 TYR A CG  1 
ATOM   1161 C CD1 . TYR A 1 179 ? -9.746  -12.550 5.734   1.00 28.49 ? 159 TYR A CD1 1 
ATOM   1162 C CD2 . TYR A 1 179 ? -8.998  -10.525 6.707   1.00 33.07 ? 159 TYR A CD2 1 
ATOM   1163 C CE1 . TYR A 1 179 ? -11.046 -12.267 6.134   1.00 31.24 ? 159 TYR A CE1 1 
ATOM   1164 C CE2 . TYR A 1 179 ? -10.292 -10.240 7.115   1.00 29.08 ? 159 TYR A CE2 1 
ATOM   1165 C CZ  . TYR A 1 179 ? -11.304 -11.112 6.828   1.00 31.37 ? 159 TYR A CZ  1 
ATOM   1166 O OH  . TYR A 1 179 ? -12.590 -10.829 7.207   1.00 33.33 ? 159 TYR A OH  1 
ATOM   1167 N N   . ILE A 1 180 ? -6.167  -9.555  4.068   1.00 26.15 ? 160 ILE A N   1 
ATOM   1168 C CA  . ILE A 1 180 ? -6.184  -8.142  3.712   1.00 19.46 ? 160 ILE A CA  1 
ATOM   1169 C C   . ILE A 1 180 ? -6.432  -7.993  2.219   1.00 22.64 ? 160 ILE A C   1 
ATOM   1170 O O   . ILE A 1 180 ? -7.254  -7.177  1.787   1.00 17.98 ? 160 ILE A O   1 
ATOM   1171 C CB  . ILE A 1 180 ? -4.871  -7.479  4.146   1.00 18.60 ? 160 ILE A CB  1 
ATOM   1172 C CG1 . ILE A 1 180 ? -4.809  -7.425  5.675   1.00 20.06 ? 160 ILE A CG1 1 
ATOM   1173 C CG2 . ILE A 1 180 ? -4.758  -6.084  3.531   1.00 21.59 ? 160 ILE A CG2 1 
ATOM   1174 C CD1 . ILE A 1 180 ? -3.491  -7.008  6.247   1.00 22.23 ? 160 ILE A CD1 1 
ATOM   1175 N N   . ILE A 1 181 ? -5.753  -8.807  1.407   1.00 20.38 ? 161 ILE A N   1 
ATOM   1176 C CA  . ILE A 1 181 ? -5.880  -8.666  -0.036  1.00 21.95 ? 161 ILE A CA  1 
ATOM   1177 C C   . ILE A 1 181 ? -7.274  -9.076  -0.497  1.00 26.46 ? 161 ILE A C   1 
ATOM   1178 O O   . ILE A 1 181 ? -7.840  -8.476  -1.423  1.00 23.68 ? 161 ILE A O   1 
ATOM   1179 C CB  . ILE A 1 181 ? -4.779  -9.469  -0.757  1.00 24.73 ? 161 ILE A CB  1 
ATOM   1180 C CG1 . ILE A 1 181 ? -3.421  -8.804  -0.575  1.00 24.10 ? 161 ILE A CG1 1 
ATOM   1181 C CG2 . ILE A 1 181 ? -5.128  -9.568  -2.226  1.00 24.51 ? 161 ILE A CG2 1 
ATOM   1182 C CD1 . ILE A 1 181 ? -2.205  -9.755  -0.735  1.00 26.12 ? 161 ILE A CD1 1 
ATOM   1183 N N   . VAL A 1 182 ? -7.843  -10.123 0.100   1.00 27.80 ? 162 VAL A N   1 
ATOM   1184 C CA  . VAL A 1 182 ? -9.175  -10.560 -0.328  1.00 25.98 ? 162 VAL A CA  1 
ATOM   1185 C C   . VAL A 1 182 ? -10.191 -9.446  -0.093  1.00 28.35 ? 162 VAL A C   1 
ATOM   1186 O O   . VAL A 1 182 ? -11.045 -9.157  -0.945  1.00 26.19 ? 162 VAL A O   1 
ATOM   1187 C CB  . VAL A 1 182 ? -9.584  -11.851 0.406   1.00 26.08 ? 162 VAL A CB  1 
ATOM   1188 C CG1 . VAL A 1 182 ? -11.041 -12.205 0.137   1.00 29.62 ? 162 VAL A CG1 1 
ATOM   1189 C CG2 . VAL A 1 182 ? -8.723  -12.996 -0.026  1.00 30.59 ? 162 VAL A CG2 1 
ATOM   1190 N N   . LYS A 1 183 ? -10.125 -8.823  1.079   1.00 25.33 ? 163 LYS A N   1 
ATOM   1191 C CA  . LYS A 1 183 ? -11.089 -7.790  1.445   1.00 24.95 ? 163 LYS A CA  1 
ATOM   1192 C C   . LYS A 1 183 ? -10.790 -6.457  0.768   1.00 27.34 ? 163 LYS A C   1 
ATOM   1193 O O   . LYS A 1 183 ? -11.704 -5.670  0.484   1.00 25.99 ? 163 LYS A O   1 
ATOM   1194 C CB  . LYS A 1 183 ? -11.081 -7.617  2.968   1.00 28.51 ? 163 LYS A CB  1 
ATOM   1195 C CG  . LYS A 1 183 ? -11.583 -8.848  3.745   1.00 29.19 ? 163 LYS A CG  1 
ATOM   1196 C CD  . LYS A 1 183 ? -13.106 -8.874  3.748   1.00 40.66 ? 163 LYS A CD  1 
ATOM   1197 C CE  . LYS A 1 183 ? -13.687 -10.287 3.934   1.00 48.87 ? 163 LYS A CE  1 
ATOM   1198 N NZ  . LYS A 1 183 ? -15.188 -10.296 3.711   1.00 50.29 ? 163 LYS A NZ  1 
ATOM   1199 N N   . ALA A 1 184 ? -9.514  -6.165  0.546   1.00 26.78 ? 164 ALA A N   1 
ATOM   1200 C CA  . ALA A 1 184 ? -9.158  -5.009  -0.263  1.00 22.23 ? 164 ALA A CA  1 
ATOM   1201 C C   . ALA A 1 184 ? -9.726  -5.146  -1.666  1.00 24.72 ? 164 ALA A C   1 
ATOM   1202 O O   . ALA A 1 184 ? -10.289 -4.188  -2.230  1.00 18.90 ? 164 ALA A O   1 
ATOM   1203 C CB  . ALA A 1 184 ? -7.634  -4.866  -0.277  1.00 26.11 ? 164 ALA A CB  1 
ATOM   1204 N N   . ASN A 1 185 ? -9.626  -6.345  -2.239  1.00 21.65 ? 165 ASN A N   1 
ATOM   1205 C CA  . ASN A 1 185 ? -10.165 -6.544  -3.577  1.00 27.26 ? 165 ASN A CA  1 
ATOM   1206 C C   . ASN A 1 185 ? -11.694 -6.410  -3.592  1.00 24.58 ? 165 ASN A C   1 
ATOM   1207 O O   . ASN A 1 185 ? -12.268 -5.878  -4.554  1.00 25.11 ? 165 ASN A O   1 
ATOM   1208 C CB  . ASN A 1 185 ? -9.721  -7.901  -4.103  1.00 27.79 ? 165 ASN A CB  1 
ATOM   1209 C CG  . ASN A 1 185 ? -9.978  -8.047  -5.571  1.00 43.15 ? 165 ASN A CG  1 
ATOM   1210 O OD1 . ASN A 1 185 ? -9.148  -7.644  -6.392  1.00 45.25 ? 165 ASN A OD1 1 
ATOM   1211 N ND2 . ASN A 1 185 ? -11.151 -8.591  -5.925  1.00 41.49 ? 165 ASN A ND2 1 
ATOM   1212 N N   . GLU A 1 186 ? -12.370 -6.860  -2.525  1.00 24.47 ? 166 GLU A N   1 
ATOM   1213 C CA  . GLU A 1 186 ? -13.827 -6.687  -2.431  1.00 19.75 ? 166 GLU A CA  1 
ATOM   1214 C C   . GLU A 1 186 ? -14.210 -5.208  -2.415  1.00 22.70 ? 166 GLU A C   1 
ATOM   1215 O O   . GLU A 1 186 ? -15.200 -4.798  -3.040  1.00 20.58 ? 166 GLU A O   1 
ATOM   1216 C CB  . GLU A 1 186 ? -14.365 -7.339  -1.156  1.00 26.60 ? 166 GLU A CB  1 
ATOM   1217 C CG  . GLU A 1 186 ? -14.275 -8.868  -1.082  1.00 29.19 ? 166 GLU A CG  1 
ATOM   1218 C CD  . GLU A 1 186 ? -15.115 -9.439  0.038   1.00 43.30 ? 166 GLU A CD  1 
ATOM   1219 O OE1 . GLU A 1 186 ? -15.861 -8.653  0.695   1.00 35.53 ? 166 GLU A OE1 1 
ATOM   1220 O OE2 . GLU A 1 186 ? -15.020 -10.677 0.250   1.00 48.42 ? 166 GLU A OE2 1 
ATOM   1221 N N   . SER A 1 187 ? -13.469 -4.412  -1.646  1.00 22.94 ? 167 SER A N   1 
ATOM   1222 C CA  . SER A 1 187 ? -13.693 -2.966  -1.583  1.00 19.81 ? 167 SER A CA  1 
ATOM   1223 C C   . SER A 1 187 ? -13.457 -2.305  -2.938  1.00 18.17 ? 167 SER A C   1 
ATOM   1224 O O   . SER A 1 187 ? -14.216 -1.415  -3.350  1.00 21.01 ? 167 SER A O   1 
ATOM   1225 C CB  . SER A 1 187 ? -12.752 -2.387  -0.515  1.00 17.56 ? 167 SER A CB  1 
ATOM   1226 O OG  . SER A 1 187 ? -12.841 -0.978  -0.367  1.00 23.02 ? 167 SER A OG  1 
ATOM   1227 N N   . LEU A 1 188 ? -12.371 -2.685  -3.612  1.00 16.93 ? 168 LEU A N   1 
ATOM   1228 C CA  . LEU A 1 188 ? -12.056 -2.163  -4.932  1.00 19.50 ? 168 LEU A CA  1 
ATOM   1229 C C   . LEU A 1 188 ? -13.171 -2.473  -5.917  1.00 21.00 ? 168 LEU A C   1 
ATOM   1230 O O   . LEU A 1 188 ? -13.611 -1.592  -6.663  1.00 21.40 ? 168 LEU A O   1 
ATOM   1231 C CB  . LEU A 1 188 ? -10.730 -2.759  -5.427  1.00 21.65 ? 168 LEU A CB  1 
ATOM   1232 C CG  . LEU A 1 188 ? -10.196 -2.291  -6.788  1.00 20.32 ? 168 LEU A CG  1 
ATOM   1233 C CD1 . LEU A 1 188 ? -10.070 -0.751  -6.884  1.00 22.09 ? 168 LEU A CD1 1 
ATOM   1234 C CD2 . LEU A 1 188 ? -8.849  -2.949  -7.125  1.00 21.40 ? 168 LEU A CD2 1 
ATOM   1235 N N   . GLU A 1 189 ? -13.618 -3.731  -5.960  1.00 19.30 ? 169 GLU A N   1 
ATOM   1236 C CA  . GLU A 1 189 ? -14.667 -4.117  -6.909  1.00 22.23 ? 169 GLU A CA  1 
ATOM   1237 C C   . GLU A 1 189 ? -16.008 -3.457  -6.603  1.00 25.13 ? 169 GLU A C   1 
ATOM   1238 O O   . GLU A 1 189 ? -16.874 -3.398  -7.490  1.00 23.72 ? 169 GLU A O   1 
ATOM   1239 C CB  . GLU A 1 189 ? -14.852 -5.634  -6.927  1.00 29.87 ? 169 GLU A CB  1 
ATOM   1240 C CG  . GLU A 1 189 ? -13.679 -6.448  -7.503  1.00 34.19 ? 169 GLU A CG  1 
ATOM   1241 C CD  . GLU A 1 189 ? -13.642 -6.565  -9.037  1.00 52.01 ? 169 GLU A CD  1 
ATOM   1242 O OE1 . GLU A 1 189 ? -14.345 -5.810  -9.760  1.00 49.82 ? 169 GLU A OE1 1 
ATOM   1243 O OE2 . GLU A 1 189 ? -12.889 -7.450  -9.518  1.00 57.96 ? 169 GLU A OE2 1 
ATOM   1244 N N   . ASN A 1 190 ? -16.200 -2.989  -5.372  1.00 19.33 ? 170 ASN A N   1 
ATOM   1245 C CA  . ASN A 1 190 ? -17.378 -2.247  -4.944  1.00 25.36 ? 170 ASN A CA  1 
ATOM   1246 C C   . ASN A 1 190 ? -17.284 -0.738  -5.191  1.00 22.51 ? 170 ASN A C   1 
ATOM   1247 O O   . ASN A 1 190 ? -18.286 -0.040  -5.019  1.00 21.36 ? 170 ASN A O   1 
ATOM   1248 C CB  . ASN A 1 190 ? -17.633 -2.482  -3.446  1.00 27.31 ? 170 ASN A CB  1 
ATOM   1249 C CG  . ASN A 1 190 ? -18.954 -1.878  -2.986  1.00 29.69 ? 170 ASN A CG  1 
ATOM   1250 O OD1 . ASN A 1 190 ? -20.034 -2.295  -3.429  1.00 28.95 ? 170 ASN A OD1 1 
ATOM   1251 N ND2 . ASN A 1 190 ? -18.875 -0.878  -2.136  1.00 27.83 ? 170 ASN A ND2 1 
ATOM   1252 N N   . THR A 1 191 ? -16.122 -0.200  -5.563  1.00 24.13 ? 171 THR A N   1 
ATOM   1253 C CA  . THR A 1 191 ? -16.045 1.241   -5.777  1.00 18.64 ? 171 THR A CA  1 
ATOM   1254 C C   . THR A 1 191 ? -16.971 1.732   -6.896  1.00 23.61 ? 171 THR A C   1 
ATOM   1255 O O   . THR A 1 191 ? -17.456 2.875   -6.797  1.00 23.69 ? 171 THR A O   1 
ATOM   1256 C CB  . THR A 1 191 ? -14.590 1.688   -6.037  1.00 23.04 ? 171 THR A CB  1 
ATOM   1257 O OG1 . THR A 1 191 ? -14.004 0.978   -7.138  1.00 22.62 ? 171 THR A OG1 1 
ATOM   1258 C CG2 . THR A 1 191 ? -13.689 1.510   -4.768  1.00 20.47 ? 171 THR A CG2 1 
ATOM   1259 N N   . PRO A 1 192 ? -17.253 0.975   -7.959  1.00 25.06 ? 172 PRO A N   1 
ATOM   1260 C CA  . PRO A 1 192 ? -18.242 1.459   -8.936  1.00 28.49 ? 172 PRO A CA  1 
ATOM   1261 C C   . PRO A 1 192 ? -19.639 1.612   -8.350  1.00 30.95 ? 172 PRO A C   1 
ATOM   1262 O O   . PRO A 1 192 ? -20.453 2.359   -8.913  1.00 27.24 ? 172 PRO A O   1 
ATOM   1263 C CB  . PRO A 1 192 ? -18.204 0.393   -10.040 1.00 32.03 ? 172 PRO A CB  1 
ATOM   1264 C CG  . PRO A 1 192 ? -16.867 -0.295  -9.856  1.00 27.10 ? 172 PRO A CG  1 
ATOM   1265 C CD  . PRO A 1 192 ? -16.589 -0.264  -8.413  1.00 27.28 ? 172 PRO A CD  1 
ATOM   1266 N N   . ASN A 1 193 ? -19.939 0.926   -7.249  1.00 25.18 ? 173 ASN A N   1 
ATOM   1267 C CA  . ASN A 1 193 ? -21.197 1.146   -6.540  1.00 29.44 ? 173 ASN A CA  1 
ATOM   1268 C C   . ASN A 1 193 ? -21.184 2.384   -5.666  1.00 25.67 ? 173 ASN A C   1 
ATOM   1269 O O   . ASN A 1 193 ? -22.236 2.751   -5.135  1.00 32.80 ? 173 ASN A O   1 
ATOM   1270 C CB  . ASN A 1 193 ? -21.532 -0.059  -5.663  1.00 28.67 ? 173 ASN A CB  1 
ATOM   1271 C CG  . ASN A 1 193 ? -21.780 -1.302  -6.485  1.00 35.07 ? 173 ASN A CG  1 
ATOM   1272 O OD1 . ASN A 1 193 ? -22.430 -1.240  -7.529  1.00 33.07 ? 173 ASN A OD1 1 
ATOM   1273 N ND2 . ASN A 1 193 ? -21.230 -2.425  -6.047  1.00 33.21 ? 173 ASN A ND2 1 
ATOM   1274 N N   . LEU A 1 194 ? -20.025 3.002   -5.445  1.00 24.74 ? 174 LEU A N   1 
ATOM   1275 C CA  . LEU A 1 194 ? -19.958 4.228   -4.664  1.00 25.75 ? 174 LEU A CA  1 
ATOM   1276 C C   . LEU A 1 194 ? -19.886 5.488   -5.527  1.00 27.32 ? 174 LEU A C   1 
ATOM   1277 O O   . LEU A 1 194 ? -20.098 6.584   -5.011  1.00 26.46 ? 174 LEU A O   1 
ATOM   1278 C CB  . LEU A 1 194 ? -18.731 4.203   -3.742  1.00 27.19 ? 174 LEU A CB  1 
ATOM   1279 C CG  . LEU A 1 194 ? -18.614 2.993   -2.807  1.00 30.70 ? 174 LEU A CG  1 
ATOM   1280 C CD1 . LEU A 1 194 ? -17.292 2.958   -2.084  1.00 27.66 ? 174 LEU A CD1 1 
ATOM   1281 C CD2 . LEU A 1 194 ? -19.769 2.962   -1.807  1.00 28.98 ? 174 LEU A CD2 1 
ATOM   1282 N N   . LEU A 1 195 ? -19.544 5.365   -6.804  1.00 25.07 ? 175 LEU A N   1 
ATOM   1283 C CA  . LEU A 1 195 ? -19.352 6.513   -7.691  1.00 29.17 ? 175 LEU A CA  1 
ATOM   1284 C C   . LEU A 1 195 ? -19.978 6.170   -9.031  1.00 28.70 ? 175 LEU A C   1 
ATOM   1285 O O   . LEU A 1 195 ? -19.565 5.198   -9.670  1.00 28.97 ? 175 LEU A O   1 
ATOM   1286 C CB  . LEU A 1 195 ? -17.863 6.831   -7.877  1.00 32.54 ? 175 LEU A CB  1 
ATOM   1287 C CG  . LEU A 1 195 ? -17.147 7.639   -6.796  1.00 28.67 ? 175 LEU A CG  1 
ATOM   1288 C CD1 . LEU A 1 195 ? -15.643 7.628   -7.102  1.00 29.96 ? 175 LEU A CD1 1 
ATOM   1289 C CD2 . LEU A 1 195 ? -17.710 9.080   -6.733  1.00 27.53 ? 175 LEU A CD2 1 
ATOM   1290 N N   . ALA A 1 196 ? -20.950 6.969   -9.462  1.00 26.63 ? 176 ALA A N   1 
ATOM   1291 C CA  . ALA A 1 196 ? -21.626 6.688   -10.728 1.00 29.74 ? 176 ALA A CA  1 
ATOM   1292 C C   . ALA A 1 196 ? -20.636 6.655   -11.883 1.00 25.30 ? 176 ALA A C   1 
ATOM   1293 O O   . ALA A 1 196 ? -20.752 5.818   -12.801 1.00 29.63 ? 176 ALA A O   1 
ATOM   1294 C CB  . ALA A 1 196 ? -22.704 7.747   -10.983 1.00 32.03 ? 176 ALA A CB  1 
ATOM   1295 N N   . VAL A 1 197 ? -19.656 7.564   -11.858 1.00 23.16 ? 177 VAL A N   1 
ATOM   1296 C CA  . VAL A 1 197 ? -18.752 7.700   -12.996 1.00 30.47 ? 177 VAL A CA  1 
ATOM   1297 C C   . VAL A 1 197 ? -17.981 6.406   -13.231 1.00 26.14 ? 177 VAL A C   1 
ATOM   1298 O O   . VAL A 1 197 ? -17.760 6.003   -14.379 1.00 29.10 ? 177 VAL A O   1 
ATOM   1299 C CB  . VAL A 1 197 ? -17.800 8.906   -12.831 1.00 27.93 ? 177 VAL A CB  1 
ATOM   1300 C CG1 . VAL A 1 197 ? -16.972 8.853   -11.545 1.00 26.27 ? 177 VAL A CG1 1 
ATOM   1301 C CG2 . VAL A 1 197 ? -16.848 8.958   -14.025 1.00 29.82 ? 177 VAL A CG2 1 
ATOM   1302 N N   . LEU A 1 198 ? -17.569 5.738   -12.160 1.00 27.74 ? 178 LEU A N   1 
ATOM   1303 C CA  . LEU A 1 198 ? -16.877 4.463   -12.320 1.00 30.69 ? 178 LEU A CA  1 
ATOM   1304 C C   . LEU A 1 198 ? -17.812 3.389   -12.869 1.00 30.55 ? 178 LEU A C   1 
ATOM   1305 O O   . LEU A 1 198 ? -17.396 2.560   -13.695 1.00 28.69 ? 178 LEU A O   1 
ATOM   1306 C CB  . LEU A 1 198 ? -16.278 4.010   -10.987 1.00 24.82 ? 178 LEU A CB  1 
ATOM   1307 C CG  . LEU A 1 198 ? -15.112 4.820   -10.383 1.00 23.73 ? 178 LEU A CG  1 
ATOM   1308 C CD1 . LEU A 1 198 ? -14.819 4.231   -9.000  1.00 24.64 ? 178 LEU A CD1 1 
ATOM   1309 C CD2 . LEU A 1 198 ? -13.832 4.832   -11.245 1.00 27.27 ? 178 LEU A CD2 1 
ATOM   1310 N N   . LYS A 1 199 ? -19.071 3.359   -12.414 1.00 26.47 ? 179 LYS A N   1 
ATOM   1311 C CA  . LYS A 1 199 ? -19.943 2.280   -12.895 1.00 38.97 ? 179 LYS A CA  1 
ATOM   1312 C C   . LYS A 1 199 ? -20.221 2.438   -14.381 1.00 33.38 ? 179 LYS A C   1 
ATOM   1313 O O   . LYS A 1 199 ? -20.255 1.447   -15.128 1.00 31.63 ? 179 LYS A O   1 
ATOM   1314 C CB  . LYS A 1 199 ? -21.271 2.221   -12.134 1.00 31.74 ? 179 LYS A CB  1 
ATOM   1315 C CG  . LYS A 1 199 ? -22.208 1.088   -12.636 1.00 28.04 ? 179 LYS A CG  1 
ATOM   1316 N N   . GLU A 1 200 ? -20.387 3.682   -14.823 1.00 31.24 ? 180 GLU A N   1 
ATOM   1317 C CA  . GLU A 1 200 ? -20.748 3.932   -16.208 1.00 34.02 ? 180 GLU A CA  1 
ATOM   1318 C C   . GLU A 1 200 ? -19.574 3.729   -17.149 1.00 35.70 ? 180 GLU A C   1 
ATOM   1319 O O   . GLU A 1 200 ? -19.746 3.169   -18.245 1.00 32.79 ? 180 GLU A O   1 
ATOM   1320 C CB  . GLU A 1 200 ? -21.286 5.343   -16.338 1.00 30.14 ? 180 GLU A CB  1 
ATOM   1321 C CG  . GLU A 1 200 ? -22.549 5.549   -15.597 1.00 38.04 ? 180 GLU A CG  1 
ATOM   1322 C CD  . GLU A 1 200 ? -23.241 6.820   -16.035 1.00 47.04 ? 180 GLU A CD  1 
ATOM   1323 O OE1 . GLU A 1 200 ? -23.025 7.202   -17.217 1.00 41.37 ? 180 GLU A OE1 1 
ATOM   1324 O OE2 . GLU A 1 200 ? -23.980 7.419   -15.200 1.00 40.27 ? 180 GLU A OE2 1 
ATOM   1325 N N   . VAL A 1 201 ? -18.386 4.211   -16.763 1.00 27.16 ? 181 VAL A N   1 
ATOM   1326 C CA  . VAL A 1 201 ? -17.185 3.909   -17.540 1.00 27.88 ? 181 VAL A CA  1 
ATOM   1327 C C   . VAL A 1 201 ? -16.891 2.411   -17.508 1.00 28.60 ? 181 VAL A C   1 
ATOM   1328 O O   . VAL A 1 201 ? -16.376 1.850   -18.483 1.00 34.83 ? 181 VAL A O   1 
ATOM   1329 C CB  . VAL A 1 201 ? -16.006 4.760   -17.019 1.00 32.78 ? 181 VAL A CB  1 
ATOM   1330 C CG1 . VAL A 1 201 ? -14.712 4.399   -17.710 1.00 33.18 ? 181 VAL A CG1 1 
ATOM   1331 C CG2 . VAL A 1 201 ? -16.293 6.246   -17.192 1.00 30.71 ? 181 VAL A CG2 1 
ATOM   1332 N N   . GLY A 1 202 ? -17.238 1.738   -16.410 1.00 32.11 ? 182 GLY A N   1 
ATOM   1333 C CA  . GLY A 1 202 ? -17.041 0.306   -16.287 1.00 32.81 ? 182 GLY A CA  1 
ATOM   1334 C C   . GLY A 1 202 ? -15.696 -0.111  -15.730 1.00 36.05 ? 182 GLY A C   1 
ATOM   1335 O O   . GLY A 1 202 ? -15.171 -1.160  -16.123 1.00 37.60 ? 182 GLY A O   1 
ATOM   1336 N N   . VAL A 1 203 ? -15.126 0.675   -14.814 1.00 29.87 ? 183 VAL A N   1 
ATOM   1337 C CA  . VAL A 1 203 ? -13.821 0.403   -14.230 1.00 31.94 ? 183 VAL A CA  1 
ATOM   1338 C C   . VAL A 1 203 ? -13.900 0.608   -12.726 1.00 29.91 ? 183 VAL A C   1 
ATOM   1339 O O   . VAL A 1 203 ? -14.719 1.382   -12.223 1.00 28.91 ? 183 VAL A O   1 
ATOM   1340 C CB  . VAL A 1 203 ? -12.723 1.323   -14.801 1.00 28.70 ? 183 VAL A CB  1 
ATOM   1341 C CG1 . VAL A 1 203 ? -12.573 1.118   -16.294 1.00 33.42 ? 183 VAL A CG1 1 
ATOM   1342 C CG2 . VAL A 1 203 ? -13.048 2.778   -14.472 1.00 32.34 ? 183 VAL A CG2 1 
ATOM   1343 N N   . VAL A 1 204 ? -12.998 -0.074  -12.010 1.00 26.57 ? 184 VAL A N   1 
ATOM   1344 C CA  . VAL A 1 204 ? -12.782 0.169   -10.582 1.00 24.56 ? 184 VAL A CA  1 
ATOM   1345 C C   . VAL A 1 204 ? -11.901 1.402   -10.407 1.00 20.58 ? 184 VAL A C   1 
ATOM   1346 O O   . VAL A 1 204 ? -11.294 1.893   -11.366 1.00 22.60 ? 184 VAL A O   1 
ATOM   1347 C CB  . VAL A 1 204 ? -12.134 -1.055  -9.906  1.00 23.64 ? 184 VAL A CB  1 
ATOM   1348 C CG1 . VAL A 1 204 ? -13.033 -2.263  -10.020 1.00 27.04 ? 184 VAL A CG1 1 
ATOM   1349 C CG2 . VAL A 1 204 ? -10.806 -1.322  -10.525 1.00 22.66 ? 184 VAL A CG2 1 
ATOM   1350 N N   . ASP A 1 205 ? -11.777 1.905   -9.185  1.00 22.08 ? 185 ASP A N   1 
ATOM   1351 C CA  . ASP A 1 205 ? -10.945 3.084   -9.000  1.00 21.14 ? 185 ASP A CA  1 
ATOM   1352 C C   . ASP A 1 205 ? -9.481  2.787   -9.294  1.00 25.50 ? 185 ASP A C   1 
ATOM   1353 O O   . ASP A 1 205 ? -8.924  1.804   -8.791  1.00 21.12 ? 185 ASP A O   1 
ATOM   1354 C CB  . ASP A 1 205 ? -11.020 3.613   -7.591  1.00 21.91 ? 185 ASP A CB  1 
ATOM   1355 C CG  . ASP A 1 205 ? -10.111 4.830   -7.401  1.00 29.71 ? 185 ASP A CG  1 
ATOM   1356 O OD1 . ASP A 1 205 ? -10.428 5.888   -7.992  1.00 31.61 ? 185 ASP A OD1 1 
ATOM   1357 O OD2 . ASP A 1 205 ? -9.068  4.719   -6.700  1.00 29.79 ? 185 ASP A OD2 1 
ATOM   1358 N N   . SER A 1 206 ? -8.830  3.675   -10.050 1.00 21.72 ? 186 SER A N   1 
ATOM   1359 C CA  . SER A 1 206 ? -7.481  3.360   -10.501 1.00 23.48 ? 186 SER A CA  1 
ATOM   1360 C C   . SER A 1 206 ? -6.500  3.414   -9.340  1.00 26.57 ? 186 SER A C   1 
ATOM   1361 O O   . SER A 1 206 ? -5.626  2.540   -9.212  1.00 22.47 ? 186 SER A O   1 
ATOM   1362 C CB  . SER A 1 206 ? -7.075  4.300   -11.647 1.00 26.56 ? 186 SER A CB  1 
ATOM   1363 O OG  . SER A 1 206 ? -6.916  5.635   -11.219 1.00 27.82 ? 186 SER A OG  1 
ATOM   1364 N N   . GLY A 1 207 ? -6.665  4.389   -8.440  1.00 20.49 ? 187 GLY A N   1 
ATOM   1365 C CA  . GLY A 1 207 ? -5.752  4.474   -7.304  1.00 22.88 ? 187 GLY A CA  1 
ATOM   1366 C C   . GLY A 1 207 ? -5.844  3.250   -6.404  1.00 19.62 ? 187 GLY A C   1 
ATOM   1367 O O   . GLY A 1 207 ? -4.819  2.707   -5.956  1.00 18.12 ? 187 GLY A O   1 
ATOM   1368 N N   . GLY A 1 208 ? -7.075  2.808   -6.122  1.00 20.16 ? 188 GLY A N   1 
ATOM   1369 C CA  . GLY A 1 208 ? -7.278  1.589   -5.356  1.00 21.67 ? 188 GLY A CA  1 
ATOM   1370 C C   . GLY A 1 208 ? -6.674  0.364   -6.017  1.00 20.42 ? 188 GLY A C   1 
ATOM   1371 O O   . GLY A 1 208 ? -6.185  -0.545  -5.333  1.00 20.67 ? 188 GLY A O   1 
ATOM   1372 N N   . LYS A 1 209 ? -6.718  0.308   -7.355  1.00 19.01 ? 189 LYS A N   1 
ATOM   1373 C CA  . LYS A 1 209 ? -6.042  -0.775  -8.068  1.00 26.11 ? 189 LYS A CA  1 
ATOM   1374 C C   . LYS A 1 209 ? -4.534  -0.735  -7.828  1.00 19.66 ? 189 LYS A C   1 
ATOM   1375 O O   . LYS A 1 209 ? -3.903  -1.765  -7.568  1.00 22.46 ? 189 LYS A O   1 
ATOM   1376 C CB  . LYS A 1 209 ? -6.325  -0.681  -9.567  1.00 22.06 ? 189 LYS A CB  1 
ATOM   1377 C CG  . LYS A 1 209 ? -5.634  -1.763  -10.403 1.00 26.21 ? 189 LYS A CG  1 
ATOM   1378 C CD  . LYS A 1 209 ? -6.160  -3.125  -10.084 1.00 21.77 ? 189 LYS A CD  1 
ATOM   1379 C CE  . LYS A 1 209 ? -5.531  -4.210  -10.973 1.00 29.44 ? 189 LYS A CE  1 
ATOM   1380 N NZ  . LYS A 1 209 ? -5.690  -5.550  -10.354 1.00 45.73 ? 189 LYS A NZ  1 
ATOM   1381 N N   . GLY A 1 210 ? -3.933  0.445   -7.978  1.00 16.79 ? 190 GLY A N   1 
ATOM   1382 C CA  . GLY A 1 210 ? -2.510  0.598   -7.650  1.00 22.52 ? 190 GLY A CA  1 
ATOM   1383 C C   . GLY A 1 210 ? -2.166  0.190   -6.220  1.00 25.18 ? 190 GLY A C   1 
ATOM   1384 O O   . GLY A 1 210 ? -1.135  -0.453  -5.959  1.00 20.21 ? 190 GLY A O   1 
ATOM   1385 N N   . LEU A 1 211 ? -3.013  0.553   -5.267  1.00 20.59 ? 191 LEU A N   1 
ATOM   1386 C CA  . LEU A 1 211 ? -2.737  0.128   -3.901  1.00 16.47 ? 191 LEU A CA  1 
ATOM   1387 C C   . LEU A 1 211 ? -2.735  -1.397  -3.791  1.00 21.71 ? 191 LEU A C   1 
ATOM   1388 O O   . LEU A 1 211 ? -1.866  -1.982  -3.132  1.00 19.86 ? 191 LEU A O   1 
ATOM   1389 C CB  . LEU A 1 211 ? -3.754  0.746   -2.946  1.00 21.50 ? 191 LEU A CB  1 
ATOM   1390 C CG  . LEU A 1 211 ? -3.538  0.509   -1.452  1.00 24.95 ? 191 LEU A CG  1 
ATOM   1391 C CD1 . LEU A 1 211 ? -2.210  1.082   -0.929  1.00 20.93 ? 191 LEU A CD1 1 
ATOM   1392 C CD2 . LEU A 1 211 ? -4.686  1.099   -0.685  1.00 23.34 ? 191 LEU A CD2 1 
ATOM   1393 N N   . LEU A 1 212 ? -3.705  -2.053  -4.423  1.00 19.19 ? 192 LEU A N   1 
ATOM   1394 C CA  . LEU A 1 212 ? -3.795  -3.508  -4.367  1.00 26.06 ? 192 LEU A CA  1 
ATOM   1395 C C   . LEU A 1 212 ? -2.555  -4.159  -4.961  1.00 22.16 ? 192 LEU A C   1 
ATOM   1396 O O   . LEU A 1 212 ? -2.113  -5.219  -4.500  1.00 23.35 ? 192 LEU A O   1 
ATOM   1397 C CB  . LEU A 1 212 ? -5.065  -3.964  -5.098  1.00 29.97 ? 192 LEU A CB  1 
ATOM   1398 C CG  . LEU A 1 212 ? -5.505  -5.418  -4.941  1.00 41.16 ? 192 LEU A CG  1 
ATOM   1399 C CD1 . LEU A 1 212 ? -5.712  -5.791  -3.485  1.00 29.11 ? 192 LEU A CD1 1 
ATOM   1400 C CD2 . LEU A 1 212 ? -6.780  -5.673  -5.735  1.00 50.07 ? 192 LEU A CD2 1 
ATOM   1401 N N   . CYS A 1 213 ? -1.960  -3.511  -5.950  1.00 22.45 ? 193 CYS A N   1 
ATOM   1402 C CA  . CYS A 1 213 ? -0.739  -4.025  -6.535  1.00 20.63 ? 193 CYS A CA  1 
ATOM   1403 C C   . CYS A 1 213 ? 0.380   -4.044  -5.509  1.00 18.64 ? 193 CYS A C   1 
ATOM   1404 O O   . CYS A 1 213 ? 1.150   -5.002  -5.438  1.00 22.46 ? 193 CYS A O   1 
ATOM   1405 C CB  . CYS A 1 213 ? -0.358  -3.171  -7.743  1.00 20.50 ? 193 CYS A CB  1 
ATOM   1406 S SG  . CYS A 1 213 ? -1.465  -3.399  -9.192  1.00 27.15 ? 193 CYS A SG  1 
ATOM   1407 N N   . VAL A 1 214 ? 0.465   -3.002  -4.686  1.00 19.32 ? 194 VAL A N   1 
ATOM   1408 C CA  . VAL A 1 214 ? 1.478   -2.976  -3.629  1.00 20.21 ? 194 VAL A CA  1 
ATOM   1409 C C   . VAL A 1 214 ? 1.237   -4.101  -2.640  1.00 20.06 ? 194 VAL A C   1 
ATOM   1410 O O   . VAL A 1 214 ? 2.144   -4.872  -2.319  1.00 19.98 ? 194 VAL A O   1 
ATOM   1411 C CB  . VAL A 1 214 ? 1.489   -1.605  -2.939  1.00 15.16 ? 194 VAL A CB  1 
ATOM   1412 C CG1 . VAL A 1 214 ? 2.451   -1.591  -1.780  1.00 21.70 ? 194 VAL A CG1 1 
ATOM   1413 C CG2 . VAL A 1 214 ? 1.893   -0.556  -3.923  1.00 18.75 ? 194 VAL A CG2 1 
ATOM   1414 N N   . TYR A 1 215 ? 0.004   -4.208  -2.141  1.00 20.94 ? 195 TYR A N   1 
ATOM   1415 C CA  . TYR A 1 215 ? -0.334  -5.280  -1.214  1.00 18.84 ? 195 TYR A CA  1 
ATOM   1416 C C   . TYR A 1 215 ? -0.003  -6.668  -1.781  1.00 22.28 ? 195 TYR A C   1 
ATOM   1417 O O   . TYR A 1 215 ? 0.533   -7.527  -1.076  1.00 23.90 ? 195 TYR A O   1 
ATOM   1418 C CB  . TYR A 1 215 ? -1.814  -5.191  -0.874  1.00 21.96 ? 195 TYR A CB  1 
ATOM   1419 C CG  . TYR A 1 215 ? -2.208  -3.993  -0.042  1.00 21.72 ? 195 TYR A CG  1 
ATOM   1420 C CD1 . TYR A 1 215 ? -1.254  -3.163  0.542   1.00 20.79 ? 195 TYR A CD1 1 
ATOM   1421 C CD2 . TYR A 1 215 ? -3.555  -3.706  0.175   1.00 26.97 ? 195 TYR A CD2 1 
ATOM   1422 C CE1 . TYR A 1 215 ? -1.639  -2.073  1.296   1.00 22.13 ? 195 TYR A CE1 1 
ATOM   1423 C CE2 . TYR A 1 215 ? -3.942  -2.630  0.933   1.00 26.05 ? 195 TYR A CE2 1 
ATOM   1424 C CZ  . TYR A 1 215 ? -2.995  -1.823  1.488   1.00 19.22 ? 195 TYR A CZ  1 
ATOM   1425 O OH  . TYR A 1 215 ? -3.390  -0.741  2.244   1.00 25.75 ? 195 TYR A OH  1 
ATOM   1426 N N   . GLU A 1 216 ? -0.368  -6.925  -3.034  1.00 22.32 ? 196 GLU A N   1 
ATOM   1427 C CA  . GLU A 1 216 ? -0.059  -8.229  -3.625  1.00 23.32 ? 196 GLU A CA  1 
ATOM   1428 C C   . GLU A 1 216 ? 1.449   -8.504  -3.592  1.00 26.42 ? 196 GLU A C   1 
ATOM   1429 O O   . GLU A 1 216 ? 1.883   -9.625  -3.295  1.00 24.42 ? 196 GLU A O   1 
ATOM   1430 C CB  . GLU A 1 216 ? -0.622  -8.288  -5.047  1.00 26.76 ? 196 GLU A CB  1 
ATOM   1431 C CG  . GLU A 1 216 ? -2.152  -8.455  -5.080  1.00 30.43 ? 196 GLU A CG  1 
ATOM   1432 C CD  . GLU A 1 216 ? -2.774  -8.199  -6.462  1.00 44.74 ? 196 GLU A CD  1 
ATOM   1433 O OE1 . GLU A 1 216 ? -2.026  -7.879  -7.422  1.00 46.54 ? 196 GLU A OE1 1 
ATOM   1434 O OE2 . GLU A 1 216 ? -4.018  -8.319  -6.584  1.00 51.46 ? 196 GLU A OE2 1 
ATOM   1435 N N   . GLY A 1 217 ? 2.268   -7.496  -3.888  1.00 22.80 ? 197 GLY A N   1 
ATOM   1436 C CA  . GLY A 1 217 ? 3.712   -7.676  -3.782  1.00 20.49 ? 197 GLY A CA  1 
ATOM   1437 C C   . GLY A 1 217 ? 4.170   -7.949  -2.357  1.00 22.48 ? 197 GLY A C   1 
ATOM   1438 O O   . GLY A 1 217 ? 5.077   -8.753  -2.130  1.00 19.91 ? 197 GLY A O   1 
ATOM   1439 N N   . PHE A 1 218 ? 3.528   -7.314  -1.379  1.00 20.36 ? 198 PHE A N   1 
ATOM   1440 C CA  . PHE A 1 218 ? 3.849   -7.598  0.019   1.00 24.04 ? 198 PHE A CA  1 
ATOM   1441 C C   . PHE A 1 218 ? 3.663   -9.079  0.319   1.00 21.16 ? 198 PHE A C   1 
ATOM   1442 O O   . PHE A 1 218 ? 4.492   -9.714  0.978   1.00 19.57 ? 198 PHE A O   1 
ATOM   1443 C CB  . PHE A 1 218 ? 2.947   -6.796  0.952   1.00 21.05 ? 198 PHE A CB  1 
ATOM   1444 C CG  . PHE A 1 218 ? 3.327   -5.345  1.131   1.00 16.59 ? 198 PHE A CG  1 
ATOM   1445 C CD1 . PHE A 1 218 ? 4.275   -4.698  0.346   1.00 18.61 ? 198 PHE A CD1 1 
ATOM   1446 C CD2 . PHE A 1 218 ? 2.713   -4.631  2.145   1.00 22.02 ? 198 PHE A CD2 1 
ATOM   1447 C CE1 . PHE A 1 218 ? 4.594   -3.361  0.588   1.00 18.87 ? 198 PHE A CE1 1 
ATOM   1448 C CE2 . PHE A 1 218 ? 3.021   -3.321  2.380   1.00 22.21 ? 198 PHE A CE2 1 
ATOM   1449 C CZ  . PHE A 1 218 ? 3.958   -2.681  1.608   1.00 24.95 ? 198 PHE A CZ  1 
ATOM   1450 N N   . LEU A 1 219 ? 2.557   -9.644  -0.142  1.00 22.09 ? 199 LEU A N   1 
ATOM   1451 C CA  . LEU A 1 219 ? 2.321   -11.066 0.109   1.00 24.66 ? 199 LEU A CA  1 
ATOM   1452 C C   . LEU A 1 219 ? 3.406   -11.916 -0.544  1.00 23.78 ? 199 LEU A C   1 
ATOM   1453 O O   . LEU A 1 219 ? 3.957   -12.834 0.095   1.00 30.07 ? 199 LEU A O   1 
ATOM   1454 C CB  . LEU A 1 219 ? 0.935   -11.460 -0.387  1.00 20.92 ? 199 LEU A CB  1 
ATOM   1455 C CG  . LEU A 1 219 ? 0.564   -12.943 -0.410  1.00 28.49 ? 199 LEU A CG  1 
ATOM   1456 C CD1 . LEU A 1 219 ? 0.596   -13.532 0.999   1.00 26.34 ? 199 LEU A CD1 1 
ATOM   1457 C CD2 . LEU A 1 219 ? -0.796  -13.116 -1.044  1.00 24.69 ? 199 LEU A CD2 1 
ATOM   1458 N N   . LYS A 1 220 ? 3.759   -11.591 -1.797  1.00 22.76 ? 200 LYS A N   1 
ATOM   1459 C CA  . LYS A 1 220 ? 4.825   -12.316 -2.499  1.00 21.03 ? 200 LYS A CA  1 
ATOM   1460 C C   . LYS A 1 220 ? 6.097   -12.353 -1.671  1.00 27.15 ? 200 LYS A C   1 
ATOM   1461 O O   . LYS A 1 220 ? 6.703   -13.415 -1.473  1.00 23.90 ? 200 LYS A O   1 
ATOM   1462 C CB  . LYS A 1 220 ? 5.108   -11.668 -3.853  1.00 25.23 ? 200 LYS A CB  1 
ATOM   1463 C CG  . LYS A 1 220 ? 3.989   -11.852 -4.901  1.00 31.63 ? 200 LYS A CG  1 
ATOM   1464 C CD  . LYS A 1 220 ? 3.966   -13.248 -5.466  1.00 34.41 ? 200 LYS A CD  1 
ATOM   1465 C CE  . LYS A 1 220 ? 4.999   -13.434 -6.580  1.00 39.76 ? 200 LYS A CE  1 
ATOM   1466 N NZ  . LYS A 1 220 ? 4.815   -14.773 -7.237  1.00 39.43 ? 200 LYS A NZ  1 
ATOM   1467 N N   . ALA A 1 221 ? 6.511   -11.189 -1.170  1.00 22.35 ? 201 ALA A N   1 
ATOM   1468 C CA  . ALA A 1 221 ? 7.673   -11.123 -0.300  1.00 24.57 ? 201 ALA A CA  1 
ATOM   1469 C C   . ALA A 1 221 ? 7.503   -12.034 0.908   1.00 28.96 ? 201 ALA A C   1 
ATOM   1470 O O   . ALA A 1 221 ? 8.432   -12.762 1.284   1.00 30.89 ? 201 ALA A O   1 
ATOM   1471 C CB  . ALA A 1 221 ? 7.906   -9.680  0.135   1.00 21.62 ? 201 ALA A CB  1 
ATOM   1472 N N   . LEU A 1 222 ? 6.328   -11.986 1.548   1.00 23.93 ? 202 LEU A N   1 
ATOM   1473 C CA  . LEU A 1 222 ? 6.093   -12.813 2.732   1.00 22.88 ? 202 LEU A CA  1 
ATOM   1474 C C   . LEU A 1 222 ? 6.168   -14.299 2.406   1.00 29.59 ? 202 LEU A C   1 
ATOM   1475 O O   . LEU A 1 222 ? 6.517   -15.108 3.277   1.00 29.90 ? 202 LEU A O   1 
ATOM   1476 C CB  . LEU A 1 222 ? 4.718   -12.505 3.354   1.00 28.18 ? 202 LEU A CB  1 
ATOM   1477 C CG  . LEU A 1 222 ? 4.544   -11.165 4.048   1.00 25.92 ? 202 LEU A CG  1 
ATOM   1478 C CD1 . LEU A 1 222 ? 3.084   -10.946 4.384   1.00 24.13 ? 202 LEU A CD1 1 
ATOM   1479 C CD2 . LEU A 1 222 ? 5.423   -11.050 5.306   1.00 24.93 ? 202 LEU A CD2 1 
ATOM   1480 N N   . LYS A 1 223 ? 5.806   -14.679 1.183   1.00 25.60 ? 203 LYS A N   1 
ATOM   1481 C CA  . LYS A 1 223 ? 5.891   -16.074 0.761   1.00 30.47 ? 203 LYS A CA  1 
ATOM   1482 C C   . LYS A 1 223 ? 7.303   -16.478 0.301   1.00 32.04 ? 203 LYS A C   1 
ATOM   1483 O O   . LYS A 1 223 ? 7.535   -17.657 0.006   1.00 34.06 ? 203 LYS A O   1 
ATOM   1484 C CB  . LYS A 1 223 ? 4.855   -16.343 -0.346  1.00 28.50 ? 203 LYS A CB  1 
ATOM   1485 C CG  . LYS A 1 223 ? 3.386   -16.394 0.161   1.00 32.03 ? 203 LYS A CG  1 
ATOM   1486 C CD  . LYS A 1 223 ? 2.345   -16.533 -0.976  1.00 29.55 ? 203 LYS A CD  1 
ATOM   1487 N N   . GLY A 1 224 ? 8.255   -15.551 0.248   1.00 25.46 ? 204 GLY A N   1 
ATOM   1488 C CA  . GLY A 1 224 ? 9.588   -15.847 -0.263  1.00 29.41 ? 204 GLY A CA  1 
ATOM   1489 C C   . GLY A 1 224 ? 9.749   -15.705 -1.758  1.00 34.95 ? 204 GLY A C   1 
ATOM   1490 O O   . GLY A 1 224 ? 10.801  -16.094 -2.296  1.00 31.47 ? 204 GLY A O   1 
ATOM   1491 N N   . GLU A 1 225 ? 8.753   -15.145 -2.446  1.00 32.04 ? 205 GLU A N   1 
ATOM   1492 C CA  . GLU A 1 225 ? 8.664   -15.142 -3.897  1.00 31.48 ? 205 GLU A CA  1 
ATOM   1493 C C   . GLU A 1 225 ? 9.069   -13.790 -4.462  1.00 34.08 ? 205 GLU A C   1 
ATOM   1494 O O   . GLU A 1 225 ? 9.017   -12.762 -3.781  1.00 36.12 ? 205 GLU A O   1 
ATOM   1495 C CB  . GLU A 1 225 ? 7.251   -15.504 -4.352  1.00 36.01 ? 205 GLU A CB  1 
ATOM   1496 C CG  . GLU A 1 225 ? 6.771   -16.847 -3.818  1.00 42.69 ? 205 GLU A CG  1 
ATOM   1497 C CD  . GLU A 1 225 ? 5.351   -17.204 -4.251  1.00 46.58 ? 205 GLU A CD  1 
ATOM   1498 O OE1 . GLU A 1 225 ? 4.743   -16.409 -4.996  1.00 48.14 ? 205 GLU A OE1 1 
ATOM   1499 O OE2 . GLU A 1 225 ? 4.846   -18.276 -3.832  1.00 46.94 ? 205 GLU A OE2 1 
ATOM   1500 N N   . LYS A 1 226 ? 9.495   -13.811 -5.722  1.00 25.63 ? 206 LYS A N   1 
ATOM   1501 C CA  . LYS A 1 226 ? 10.039  -12.646 -6.390  1.00 27.24 ? 206 LYS A CA  1 
ATOM   1502 C C   . LYS A 1 226 ? 9.064   -12.243 -7.484  1.00 36.09 ? 206 LYS A C   1 
ATOM   1503 O O   . LYS A 1 226 ? 8.588   -13.093 -8.246  1.00 35.02 ? 206 LYS A O   1 
ATOM   1504 C CB  . LYS A 1 226 ? 11.430  -12.933 -6.966  1.00 28.71 ? 206 LYS A CB  1 
ATOM   1505 N N   . VAL A 1 227 ? 8.742   -10.958 -7.535  1.00 28.36 ? 207 VAL A N   1 
ATOM   1506 C CA  . VAL A 1 227 ? 8.044   -10.392 -8.683  1.00 33.25 ? 207 VAL A CA  1 
ATOM   1507 C C   . VAL A 1 227 ? 9.068   -10.140 -9.783  1.00 29.36 ? 207 VAL A C   1 
ATOM   1508 O O   . VAL A 1 227 ? 10.089  -9.480  -9.559  1.00 32.12 ? 207 VAL A O   1 
ATOM   1509 C CB  . VAL A 1 227 ? 7.313   -9.090  -8.291  1.00 30.47 ? 207 VAL A CB  1 
ATOM   1510 C CG1 . VAL A 1 227 ? 6.722   -8.433  -9.512  1.00 31.23 ? 207 VAL A CG1 1 
ATOM   1511 C CG2 . VAL A 1 227 ? 6.222   -9.369  -7.244  1.00 25.64 ? 207 VAL A CG2 1 
ATOM   1512 N N   . GLU A 1 228 ? 8.811   -10.661 -10.976 1.00 33.47 ? 208 GLU A N   1 
ATOM   1513 C CA  . GLU A 1 228 ? 9.758   -10.476 -12.064 1.00 39.77 ? 208 GLU A CA  1 
ATOM   1514 C C   . GLU A 1 228 ? 9.412   -9.193  -12.806 1.00 40.13 ? 208 GLU A C   1 
ATOM   1515 O O   . GLU A 1 228 ? 8.254   -8.773  -12.842 1.00 39.45 ? 208 GLU A O   1 
ATOM   1516 C CB  . GLU A 1 228 ? 9.748   -11.680 -13.014 1.00 37.22 ? 208 GLU A CB  1 
ATOM   1517 N N   . ALA A 1 229 ? 10.427  -8.569  -13.393 1.00 41.08 ? 209 ALA A N   1 
ATOM   1518 C CA  . ALA A 1 229 ? 10.211  -7.311  -14.103 1.00 49.95 ? 209 ALA A CA  1 
ATOM   1519 C C   . ALA A 1 229 ? 9.496   -7.548  -15.435 1.00 48.43 ? 209 ALA A C   1 
ATOM   1520 O O   . ALA A 1 229 ? 9.943   -8.354  -16.253 1.00 48.40 ? 209 ALA A O   1 
ATOM   1521 C CB  . ALA A 1 229 ? 11.547  -6.602  -14.330 1.00 48.65 ? 209 ALA A CB  1 
ATOM   1522 N N   . LYS A 1 230 ? 8.381   -6.840  -15.653 1.00 37.69 ? 210 LYS A N   1 
ATOM   1523 C CA  . LYS A 1 230 ? 7.631   -6.953  -16.910 1.00 37.67 ? 210 LYS A CA  1 
ATOM   1524 C C   . LYS A 1 230 ? 8.536   -6.596  -18.074 1.00 41.68 ? 210 LYS A C   1 
ATOM   1525 O O   . LYS A 1 230 ? 9.398   -5.731  -17.931 1.00 45.33 ? 210 LYS A O   1 
ATOM   1526 C CB  . LYS A 1 230 ? 6.396   -6.041  -16.915 1.00 41.71 ? 210 LYS A CB  1 
HETATM 1527 O O   . HOH B 2 .   ? -16.273 -4.677  -10.296 1.00 38.48 ? 301 HOH A O   1 
HETATM 1528 O O   . HOH B 2 .   ? -11.628 13.362  7.178   1.00 39.64 ? 302 HOH A O   1 
HETATM 1529 O O   . HOH B 2 .   ? 2.563   -12.512 14.503  1.00 29.98 ? 303 HOH A O   1 
HETATM 1530 O O   . HOH B 2 .   ? 7.318   8.158   8.587   1.00 30.39 ? 304 HOH A O   1 
HETATM 1531 O O   . HOH B 2 .   ? 4.057   -8.161  -11.798 1.00 32.99 ? 305 HOH A O   1 
HETATM 1532 O O   . HOH B 2 .   ? -2.358  10.742  -9.067  1.00 17.46 ? 306 HOH A O   1 
HETATM 1533 O O   . HOH B 2 .   ? -8.476  10.415  -4.052  1.00 37.56 ? 307 HOH A O   1 
HETATM 1534 O O   . HOH B 2 .   ? -24.459 0.222   -8.024  1.00 38.96 ? 308 HOH A O   1 
HETATM 1535 O O   . HOH B 2 .   ? -8.059  -16.708 6.824   1.00 45.68 ? 309 HOH A O   1 
HETATM 1536 O O   . HOH B 2 .   ? 11.372  -8.098  -7.807  1.00 32.13 ? 310 HOH A O   1 
HETATM 1537 O O   . HOH B 2 .   ? -12.546 7.350   -8.076  1.00 33.67 ? 311 HOH A O   1 
HETATM 1538 O O   . HOH B 2 .   ? -4.040  -5.874  -8.402  1.00 38.12 ? 312 HOH A O   1 
HETATM 1539 O O   . HOH B 2 .   ? 0.865   -19.602 6.095   1.00 39.00 ? 313 HOH A O   1 
HETATM 1540 O O   . HOH B 2 .   ? 9.372   15.920  -4.533  1.00 32.17 ? 314 HOH A O   1 
HETATM 1541 O O   . HOH B 2 .   ? 8.062   11.947  -8.180  1.00 38.18 ? 315 HOH A O   1 
HETATM 1542 O O   . HOH B 2 .   ? -17.187 -6.252  -3.909  1.00 31.63 ? 316 HOH A O   1 
HETATM 1543 O O   . HOH B 2 .   ? 13.808  2.013   15.563  1.00 36.45 ? 317 HOH A O   1 
HETATM 1544 O O   . HOH B 2 .   ? -8.820  7.242   -10.405 1.00 32.00 ? 318 HOH A O   1 
HETATM 1545 O O   . HOH B 2 .   ? -13.037 6.965   1.384   1.00 40.96 ? 319 HOH A O   1 
HETATM 1546 O O   . HOH B 2 .   ? 0.309   16.100  -9.984  1.00 31.25 ? 320 HOH A O   1 
HETATM 1547 O O   . HOH B 2 .   ? -18.875 8.457   -3.277  1.00 28.09 ? 321 HOH A O   1 
HETATM 1548 O O   . HOH B 2 .   ? 10.659  7.932   -8.193  1.00 32.52 ? 322 HOH A O   1 
HETATM 1549 O O   . HOH B 2 .   ? 9.329   -17.712 8.423   1.00 32.17 ? 323 HOH A O   1 
HETATM 1550 O O   . HOH B 2 .   ? 15.668  4.223   14.054  1.00 34.71 ? 324 HOH A O   1 
HETATM 1551 O O   . HOH B 2 .   ? -10.759 4.347   -12.301 1.00 24.47 ? 325 HOH A O   1 
HETATM 1552 O O   . HOH B 2 .   ? -6.004  -8.774  19.675  1.00 34.82 ? 326 HOH A O   1 
HETATM 1553 O O   . HOH B 2 .   ? -11.931 -10.538 -3.085  1.00 34.26 ? 327 HOH A O   1 
HETATM 1554 O O   . HOH B 2 .   ? -13.025 -4.587  5.275   1.00 29.69 ? 328 HOH A O   1 
HETATM 1555 O O   . HOH B 2 .   ? 2.727   4.250   -16.481 1.00 35.63 ? 329 HOH A O   1 
HETATM 1556 O O   . HOH B 2 .   ? -1.581  -19.473 8.952   1.00 37.05 ? 330 HOH A O   1 
HETATM 1557 O O   . HOH B 2 .   ? 17.495  2.136   6.755   1.00 24.59 ? 331 HOH A O   1 
HETATM 1558 O O   . HOH B 2 .   ? -8.130  7.182   -5.992  1.00 29.98 ? 332 HOH A O   1 
HETATM 1559 O O   . HOH B 2 .   ? -4.149  8.174   -16.012 1.00 24.98 ? 333 HOH A O   1 
HETATM 1560 O O   . HOH B 2 .   ? 14.909  8.243   -4.010  1.00 37.96 ? 334 HOH A O   1 
HETATM 1561 O O   . HOH B 2 .   ? 0.613   4.886   -19.113 1.00 35.29 ? 335 HOH A O   1 
HETATM 1562 O O   . HOH B 2 .   ? 20.230  -3.415  -1.630  1.00 31.43 ? 336 HOH A O   1 
HETATM 1563 O O   . HOH B 2 .   ? 9.748   4.008   10.584  1.00 27.54 ? 337 HOH A O   1 
HETATM 1564 O O   . HOH B 2 .   ? 9.752   -0.250  -8.535  1.00 31.56 ? 338 HOH A O   1 
HETATM 1565 O O   . HOH B 2 .   ? 0.299   -11.721 -4.194  1.00 32.19 ? 339 HOH A O   1 
HETATM 1566 O O   . HOH B 2 .   ? 6.530   1.243   -7.756  1.00 24.50 ? 340 HOH A O   1 
HETATM 1567 O O   . HOH B 2 .   ? -1.437  1.030   3.155   1.00 24.09 ? 341 HOH A O   1 
HETATM 1568 O O   . HOH B 2 .   ? -10.032 1.620   8.635   1.00 24.73 ? 342 HOH A O   1 
HETATM 1569 O O   . HOH B 2 .   ? 6.996   15.173  -3.140  1.00 29.60 ? 343 HOH A O   1 
HETATM 1570 O O   . HOH B 2 .   ? -2.863  1.808   5.277   1.00 23.90 ? 344 HOH A O   1 
HETATM 1571 O O   . HOH B 2 .   ? -4.714  -0.058  4.641   1.00 21.72 ? 345 HOH A O   1 
HETATM 1572 O O   . HOH B 2 .   ? 10.464  -4.276  18.705  1.00 37.67 ? 346 HOH A O   1 
HETATM 1573 O O   . HOH B 2 .   ? -19.418 -1.220  -14.661 1.00 42.91 ? 347 HOH A O   1 
HETATM 1574 O O   . HOH B 2 .   ? -13.781 -4.946  2.286   1.00 29.97 ? 348 HOH A O   1 
HETATM 1575 O O   . HOH B 2 .   ? -18.290 10.453  -0.471  1.00 36.98 ? 349 HOH A O   1 
HETATM 1576 O O   . HOH B 2 .   ? 6.623   12.999  13.463  1.00 36.65 ? 350 HOH A O   1 
HETATM 1577 O O   . HOH B 2 .   ? 0.632   -2.280  -16.858 1.00 25.99 ? 351 HOH A O   1 
HETATM 1578 O O   . HOH B 2 .   ? -22.708 -1.769  -2.555  1.00 35.94 ? 352 HOH A O   1 
HETATM 1579 O O   . HOH B 2 .   ? -5.845  12.269  2.308   1.00 33.33 ? 353 HOH A O   1 
HETATM 1580 O O   . HOH B 2 .   ? -24.396 2.521   -7.029  1.00 34.35 ? 354 HOH A O   1 
HETATM 1581 O O   . HOH B 2 .   ? -3.549  15.759  -18.947 1.00 37.80 ? 355 HOH A O   1 
HETATM 1582 O O   . HOH B 2 .   ? 11.378  -11.252 9.726   1.00 30.85 ? 356 HOH A O   1 
HETATM 1583 O O   . HOH B 2 .   ? 6.541   15.839  6.170   1.00 31.29 ? 357 HOH A O   1 
HETATM 1584 O O   . HOH B 2 .   ? -22.127 6.830   -19.986 1.00 39.60 ? 358 HOH A O   1 
HETATM 1585 O O   . HOH B 2 .   ? -22.781 4.104   -8.523  1.00 36.77 ? 359 HOH A O   1 
HETATM 1586 O O   . HOH B 2 .   ? 8.892   -14.715 11.521  1.00 25.25 ? 360 HOH A O   1 
HETATM 1587 O O   . HOH B 2 .   ? 3.472   -0.803  -16.423 1.00 34.58 ? 361 HOH A O   1 
HETATM 1588 O O   . HOH B 2 .   ? 22.925  -0.673  -0.275  1.00 34.02 ? 362 HOH A O   1 
HETATM 1589 O O   . HOH B 2 .   ? -10.921 7.125   -12.074 1.00 22.15 ? 363 HOH A O   1 
HETATM 1590 O O   . HOH B 2 .   ? -3.505  2.115   14.942  1.00 31.41 ? 364 HOH A O   1 
HETATM 1591 O O   . HOH B 2 .   ? 13.204  7.499   -7.347  1.00 35.44 ? 365 HOH A O   1 
HETATM 1592 O O   . HOH B 2 .   ? -8.491  9.576   -10.448 1.00 31.12 ? 366 HOH A O   1 
HETATM 1593 O O   . HOH B 2 .   ? 16.821  5.631   8.818   1.00 39.91 ? 367 HOH A O   1 
HETATM 1594 O O   . HOH B 2 .   ? -11.286 13.041  -1.390  1.00 38.37 ? 368 HOH A O   1 
HETATM 1595 O O   . HOH B 2 .   ? -16.004 -0.270  -0.563  1.00 42.97 ? 369 HOH A O   1 
HETATM 1596 O O   . HOH B 2 .   ? 4.953   4.345   -14.665 1.00 30.04 ? 370 HOH A O   1 
HETATM 1597 O O   . HOH B 2 .   ? -4.676  12.184  -10.309 1.00 42.05 ? 371 HOH A O   1 
HETATM 1598 O O   . HOH B 2 .   ? -17.244 2.580   2.309   1.00 40.80 ? 372 HOH A O   1 
HETATM 1599 O O   . HOH B 2 .   ? -14.748 -2.526  6.158   1.00 40.84 ? 373 HOH A O   1 
HETATM 1600 O O   . HOH B 2 .   ? 8.641   14.393  8.958   1.00 36.94 ? 374 HOH A O   1 
HETATM 1601 O O   . HOH B 2 .   ? -0.274  -0.109  16.960  1.00 38.24 ? 375 HOH A O   1 
HETATM 1602 O O   . HOH B 2 .   ? -3.020  -17.963 15.383  1.00 39.93 ? 376 HOH A O   1 
HETATM 1603 O O   . HOH B 2 .   ? -11.664 -2.376  -13.812 1.00 29.78 ? 377 HOH A O   1 
HETATM 1604 O O   . HOH B 2 .   ? -12.972 -12.894 9.643   1.00 46.60 ? 378 HOH A O   1 
HETATM 1605 O O   . HOH B 2 .   ? -22.095 -5.488  -6.642  1.00 48.11 ? 379 HOH A O   1 
HETATM 1606 O O   . HOH B 2 .   ? -12.100 1.741   9.897   1.00 39.20 ? 380 HOH A O   1 
HETATM 1607 O O   . HOH B 2 .   ? 8.963   6.694   10.473  1.00 30.39 ? 381 HOH A O   1 
HETATM 1608 O O   . HOH B 2 .   ? -3.462  16.418  -3.957  1.00 34.94 ? 382 HOH A O   1 
HETATM 1609 O O   . HOH B 2 .   ? 10.978  -16.746 15.460  1.00 35.03 ? 383 HOH A O   1 
HETATM 1610 O O   . HOH B 2 .   ? -12.481 8.563   -10.234 1.00 27.58 ? 384 HOH A O   1 
HETATM 1611 O O   . HOH B 2 .   ? -1.244  -2.073  17.702  1.00 34.25 ? 385 HOH A O   1 
# 
